data_1ZWT
#
_entry.id   1ZWT
#
_entity_poly.entity_id   1
_entity_poly.type   'polypeptide(L)'
_entity_poly.pdbx_seq_one_letter_code
;MEQSASDSNKSQNAISEVMSATSAINGLYIGQTSYSGLDSTILLNTSAIPDNYKDTTNKKITNPFGGELNVGPANNNTAF
GYYLTLTRLDKAACVSLATLNLGTSAKGYGVNISGENNITSFGNSADQAAKSTAITPAEAATACKNTDSTNKVTYFMK
;
_entity_poly.pdbx_strand_id   A
#
# COMPACT_ATOMS: atom_id res chain seq x y z
N MET A 1 -22.76 -7.05 -2.61
CA MET A 1 -23.40 -8.33 -2.96
C MET A 1 -22.98 -8.78 -4.35
N GLU A 2 -22.94 -10.09 -4.55
CA GLU A 2 -22.57 -10.70 -5.83
C GLU A 2 -21.18 -10.28 -6.30
N GLN A 3 -20.19 -11.08 -5.89
CA GLN A 3 -18.81 -10.93 -6.35
C GLN A 3 -18.19 -9.63 -5.83
N SER A 4 -17.00 -9.32 -6.32
CA SER A 4 -16.29 -8.11 -5.91
C SER A 4 -16.86 -6.88 -6.64
N ALA A 5 -17.18 -7.06 -7.92
CA ALA A 5 -17.81 -6.02 -8.75
C ALA A 5 -16.86 -4.86 -9.07
N SER A 6 -16.29 -4.27 -8.03
CA SER A 6 -15.39 -3.14 -8.17
C SER A 6 -14.07 -3.58 -8.81
N ASP A 7 -13.89 -4.88 -8.87
CA ASP A 7 -12.65 -5.49 -9.33
C ASP A 7 -12.50 -5.34 -10.84
N SER A 8 -13.60 -5.03 -11.49
CA SER A 8 -13.60 -4.85 -12.93
C SER A 8 -13.90 -3.39 -13.29
N ASN A 9 -14.78 -2.77 -12.53
CA ASN A 9 -15.22 -1.40 -12.83
C ASN A 9 -14.30 -0.36 -12.21
N LYS A 10 -14.18 -0.39 -10.89
CA LYS A 10 -13.43 0.63 -10.15
C LYS A 10 -11.93 0.51 -10.43
N SER A 11 -11.48 -0.72 -10.65
CA SER A 11 -10.07 -0.99 -10.89
C SER A 11 -9.52 -0.18 -12.06
N GLN A 12 -10.26 -0.16 -13.16
CA GLN A 12 -9.84 0.52 -14.37
C GLN A 12 -9.57 2.00 -14.13
N ASN A 13 -10.26 2.58 -13.17
CA ASN A 13 -10.10 4.00 -12.85
C ASN A 13 -8.94 4.20 -11.88
N ALA A 14 -8.81 3.28 -10.93
CA ALA A 14 -7.76 3.35 -9.92
C ALA A 14 -6.39 3.23 -10.55
N ILE A 15 -6.27 2.34 -11.55
CA ILE A 15 -5.02 2.15 -12.29
C ILE A 15 -4.45 3.48 -12.78
N SER A 16 -5.30 4.29 -13.40
CA SER A 16 -4.89 5.56 -13.96
C SER A 16 -4.25 6.47 -12.89
N GLU A 17 -4.83 6.50 -11.70
CA GLU A 17 -4.33 7.37 -10.64
C GLU A 17 -2.94 6.96 -10.18
N VAL A 18 -2.76 5.69 -9.88
CA VAL A 18 -1.52 5.20 -9.30
C VAL A 18 -0.39 5.18 -10.34
N MET A 19 -0.71 4.71 -11.55
CA MET A 19 0.27 4.70 -12.64
C MET A 19 0.75 6.12 -12.96
N SER A 20 -0.08 7.11 -12.66
CA SER A 20 0.32 8.50 -12.83
C SER A 20 1.19 8.96 -11.67
N ALA A 21 0.92 8.41 -10.48
CA ALA A 21 1.67 8.74 -9.29
C ALA A 21 3.11 8.26 -9.41
N THR A 22 3.29 7.00 -9.77
CA THR A 22 4.62 6.44 -9.92
C THR A 22 5.38 7.11 -11.06
N SER A 23 4.64 7.61 -12.06
CA SER A 23 5.25 8.30 -13.17
C SER A 23 5.72 9.69 -12.74
N ALA A 24 4.87 10.39 -12.00
CA ALA A 24 5.17 11.74 -11.54
C ALA A 24 6.37 11.76 -10.59
N ILE A 25 6.35 10.90 -9.59
CA ILE A 25 7.42 10.86 -8.59
C ILE A 25 8.74 10.44 -9.24
N ASN A 26 8.65 9.56 -10.25
CA ASN A 26 9.84 9.12 -10.96
C ASN A 26 10.43 10.26 -11.78
N GLY A 27 9.55 11.02 -12.43
CA GLY A 27 10.00 12.10 -13.31
C GLY A 27 10.71 13.21 -12.56
N LEU A 28 10.49 13.29 -11.26
CA LEU A 28 11.12 14.31 -10.43
C LEU A 28 12.47 13.83 -9.89
N TYR A 29 12.63 12.52 -9.80
CA TYR A 29 13.85 11.94 -9.23
C TYR A 29 14.78 11.41 -10.30
N ILE A 30 14.18 10.84 -11.35
CA ILE A 30 14.92 10.16 -12.42
C ILE A 30 15.56 8.89 -11.90
N GLY A 31 14.72 7.96 -11.47
CA GLY A 31 15.17 6.65 -11.03
C GLY A 31 15.82 6.67 -9.67
N GLN A 32 17.02 7.23 -9.62
CA GLN A 32 17.86 7.21 -8.41
C GLN A 32 18.05 5.78 -7.93
N THR A 33 18.17 4.86 -8.87
CA THR A 33 18.19 3.43 -8.60
C THR A 33 16.80 2.96 -8.14
N SER A 34 16.32 3.58 -7.07
CA SER A 34 14.99 3.33 -6.57
C SER A 34 14.67 4.36 -5.49
N TYR A 35 14.90 5.64 -5.81
CA TYR A 35 14.68 6.74 -4.85
C TYR A 35 15.62 6.59 -3.66
N SER A 36 16.74 5.93 -3.90
CA SER A 36 17.75 5.71 -2.88
C SER A 36 18.26 7.05 -2.36
N GLY A 37 18.60 7.08 -1.08
CA GLY A 37 18.96 8.31 -0.44
C GLY A 37 17.90 8.74 0.55
N LEU A 38 16.64 8.63 0.14
CA LEU A 38 15.52 8.96 1.03
C LEU A 38 15.50 8.01 2.22
N ASP A 39 15.87 6.76 1.98
CA ASP A 39 15.84 5.71 2.99
C ASP A 39 16.58 6.10 4.25
N SER A 40 17.87 6.39 4.10
CA SER A 40 18.73 6.72 5.22
C SER A 40 18.21 7.95 5.98
N THR A 41 17.62 8.89 5.27
CA THR A 41 17.12 10.11 5.88
C THR A 41 15.81 9.86 6.64
N ILE A 42 14.86 9.22 5.97
CA ILE A 42 13.52 9.03 6.52
C ILE A 42 13.49 7.99 7.63
N LEU A 43 14.32 6.95 7.49
CA LEU A 43 14.36 5.88 8.47
C LEU A 43 14.62 6.42 9.87
N LEU A 44 15.70 7.17 10.02
CA LEU A 44 16.06 7.73 11.33
C LEU A 44 15.26 9.01 11.62
N ASN A 45 14.57 9.52 10.61
CA ASN A 45 13.76 10.74 10.76
C ASN A 45 12.67 10.53 11.80
N THR A 46 12.07 9.37 11.78
CA THR A 46 10.98 9.08 12.70
C THR A 46 11.38 8.01 13.70
N SER A 47 11.83 8.45 14.87
CA SER A 47 12.10 7.57 16.00
C SER A 47 13.16 6.51 15.68
N ALA A 48 13.87 6.69 14.56
CA ALA A 48 14.83 5.71 14.03
C ALA A 48 14.12 4.45 13.53
N ILE A 49 13.04 4.09 14.22
CA ILE A 49 12.16 3.02 13.78
C ILE A 49 10.81 3.62 13.41
N PRO A 50 10.55 3.78 12.12
CA PRO A 50 9.35 4.46 11.63
C PRO A 50 8.05 3.77 12.05
N ASP A 51 7.43 4.32 13.09
CA ASP A 51 6.13 3.82 13.57
C ASP A 51 5.02 4.17 12.59
N ASN A 52 5.34 5.02 11.63
CA ASN A 52 4.35 5.50 10.65
C ASN A 52 3.91 4.37 9.72
N TYR A 53 4.69 3.30 9.69
CA TYR A 53 4.38 2.11 8.90
C TYR A 53 3.05 1.50 9.33
N LYS A 54 2.50 2.02 10.42
CA LYS A 54 1.22 1.58 10.93
C LYS A 54 0.49 2.74 11.63
N ASP A 55 -0.82 2.78 11.52
CA ASP A 55 -1.62 3.73 12.27
C ASP A 55 -2.23 3.03 13.48
N THR A 56 -2.41 3.77 14.56
CA THR A 56 -2.88 3.17 15.80
C THR A 56 -4.38 3.41 16.00
N THR A 57 -4.96 4.24 15.14
CA THR A 57 -6.37 4.57 15.28
C THR A 57 -7.23 3.72 14.36
N ASN A 58 -6.90 3.76 13.05
CA ASN A 58 -7.61 2.98 12.01
C ASN A 58 -7.39 3.57 10.62
N LYS A 59 -6.41 4.46 10.46
CA LYS A 59 -6.26 5.16 9.18
C LYS A 59 -4.80 5.38 8.77
N LYS A 60 -4.22 4.40 8.09
CA LYS A 60 -2.95 4.61 7.39
C LYS A 60 -2.80 3.62 6.24
N ILE A 61 -2.59 4.15 5.05
CA ILE A 61 -2.26 3.34 3.89
C ILE A 61 -0.98 3.86 3.25
N THR A 62 0.02 3.00 3.11
CA THR A 62 1.24 3.41 2.46
C THR A 62 1.12 3.23 0.96
N ASN A 63 1.02 4.35 0.25
CA ASN A 63 0.78 4.36 -1.19
C ASN A 63 0.50 5.79 -1.70
N PRO A 64 -0.51 6.50 -1.12
CA PRO A 64 -0.98 7.76 -1.65
C PRO A 64 -0.27 8.97 -1.05
N PHE A 65 -0.67 10.16 -1.48
CA PHE A 65 -0.04 11.40 -1.03
C PHE A 65 -1.06 12.53 -0.92
N GLY A 66 -2.32 12.15 -0.66
CA GLY A 66 -3.39 13.12 -0.69
C GLY A 66 -3.60 13.81 0.65
N GLY A 67 -2.91 13.33 1.66
CA GLY A 67 -3.09 13.85 3.00
C GLY A 67 -1.78 13.98 3.73
N GLU A 68 -1.63 13.23 4.81
CA GLU A 68 -0.38 13.22 5.54
C GLU A 68 0.53 12.16 4.95
N LEU A 69 1.47 12.60 4.13
CA LEU A 69 2.38 11.70 3.43
C LEU A 69 3.78 11.69 4.03
N ASN A 70 4.38 10.52 4.05
CA ASN A 70 5.80 10.37 4.37
C ASN A 70 6.47 9.62 3.22
N VAL A 71 7.50 10.22 2.64
CA VAL A 71 8.14 9.64 1.45
C VAL A 71 9.22 8.64 1.83
N GLY A 72 9.29 7.55 1.08
CA GLY A 72 10.32 6.55 1.30
C GLY A 72 10.55 5.68 0.09
N PRO A 73 11.79 5.22 -0.12
CA PRO A 73 12.14 4.31 -1.21
C PRO A 73 12.11 2.85 -0.79
N ALA A 74 11.97 1.96 -1.77
CA ALA A 74 11.97 0.53 -1.49
C ALA A 74 13.31 -0.09 -1.86
N ASN A 75 13.40 -1.41 -1.72
CA ASN A 75 14.61 -2.17 -1.99
C ASN A 75 15.11 -1.97 -3.43
N ASN A 76 14.36 -2.47 -4.40
CA ASN A 76 14.78 -2.38 -5.79
C ASN A 76 13.61 -2.03 -6.68
N ASN A 77 13.79 -1.00 -7.52
CA ASN A 77 12.72 -0.41 -8.34
C ASN A 77 11.85 -1.45 -9.03
N THR A 78 12.47 -2.43 -9.68
CA THR A 78 11.73 -3.44 -10.43
C THR A 78 10.77 -4.22 -9.55
N ALA A 79 11.25 -4.61 -8.37
CA ALA A 79 10.43 -5.35 -7.43
C ALA A 79 9.43 -4.42 -6.74
N PHE A 80 9.95 -3.34 -6.19
CA PHE A 80 9.14 -2.33 -5.52
C PHE A 80 9.80 -0.97 -5.67
N GLY A 81 9.05 0.05 -6.06
CA GLY A 81 9.65 1.32 -6.38
C GLY A 81 9.72 2.25 -5.19
N TYR A 82 8.57 2.80 -4.81
CA TYR A 82 8.52 3.80 -3.76
C TYR A 82 7.33 3.52 -2.85
N TYR A 83 7.36 4.11 -1.67
CA TYR A 83 6.22 4.04 -0.78
C TYR A 83 6.02 5.38 -0.10
N LEU A 84 4.78 5.83 -0.05
CA LEU A 84 4.43 7.04 0.68
C LEU A 84 3.44 6.70 1.78
N THR A 85 3.82 6.94 3.02
CA THR A 85 3.01 6.57 4.14
C THR A 85 1.98 7.65 4.40
N LEU A 86 0.77 7.40 3.93
CA LEU A 86 -0.33 8.34 4.08
C LEU A 86 -1.24 7.87 5.18
N THR A 87 -1.47 8.69 6.19
CA THR A 87 -2.47 8.35 7.16
C THR A 87 -3.84 8.73 6.61
N ARG A 88 -4.72 7.75 6.51
CA ARG A 88 -6.03 7.90 5.88
C ARG A 88 -6.61 6.51 5.60
N LEU A 89 -7.84 6.28 6.06
CA LEU A 89 -8.52 5.02 5.81
C LEU A 89 -9.98 5.10 6.26
N ASP A 90 -10.70 4.03 5.98
CA ASP A 90 -12.09 3.88 6.38
C ASP A 90 -12.48 2.42 6.19
N LYS A 91 -13.49 1.96 6.92
CA LYS A 91 -13.92 0.57 6.82
C LYS A 91 -14.36 0.25 5.39
N ALA A 92 -14.91 1.24 4.70
CA ALA A 92 -15.34 1.04 3.31
C ALA A 92 -14.13 0.85 2.39
N ALA A 93 -13.04 1.55 2.70
CA ALA A 93 -11.83 1.47 1.89
C ALA A 93 -11.18 0.10 2.03
N CYS A 94 -11.32 -0.47 3.23
CA CYS A 94 -10.86 -1.82 3.50
C CYS A 94 -11.47 -2.82 2.51
N VAL A 95 -12.80 -2.74 2.35
CA VAL A 95 -13.50 -3.62 1.43
C VAL A 95 -13.26 -3.21 -0.01
N SER A 96 -13.11 -1.92 -0.24
CA SER A 96 -12.94 -1.38 -1.58
C SER A 96 -11.72 -1.97 -2.27
N LEU A 97 -10.60 -2.02 -1.56
CA LEU A 97 -9.36 -2.52 -2.11
C LEU A 97 -9.40 -4.04 -2.25
N ALA A 98 -10.14 -4.68 -1.37
CA ALA A 98 -10.29 -6.13 -1.41
C ALA A 98 -11.28 -6.55 -2.49
N THR A 99 -12.13 -5.61 -2.89
CA THR A 99 -13.05 -5.85 -3.99
C THR A 99 -12.50 -5.24 -5.26
N LEU A 100 -11.28 -4.74 -5.19
CA LEU A 100 -10.55 -4.26 -6.36
C LEU A 100 -9.70 -5.41 -6.87
N ASN A 101 -8.80 -5.15 -7.80
CA ASN A 101 -7.81 -6.14 -8.17
C ASN A 101 -6.42 -5.59 -7.95
N LEU A 102 -5.88 -5.86 -6.78
CA LEU A 102 -4.54 -5.43 -6.45
C LEU A 102 -3.57 -6.57 -6.72
N GLY A 103 -3.33 -6.81 -8.00
CA GLY A 103 -2.38 -7.81 -8.41
C GLY A 103 -1.82 -7.49 -9.78
N THR A 104 -2.71 -7.34 -10.75
CA THR A 104 -2.31 -6.92 -12.08
C THR A 104 -1.83 -5.47 -12.07
N SER A 105 -2.50 -4.65 -11.26
CA SER A 105 -2.14 -3.24 -11.14
C SER A 105 -1.73 -2.91 -9.71
N ALA A 106 -0.90 -3.77 -9.13
CA ALA A 106 -0.31 -3.53 -7.81
C ALA A 106 1.02 -4.26 -7.71
N LYS A 107 1.86 -3.87 -6.77
CA LYS A 107 3.12 -4.56 -6.57
C LYS A 107 2.97 -5.56 -5.43
N GLY A 108 1.98 -5.30 -4.57
CA GLY A 108 1.72 -6.17 -3.43
C GLY A 108 0.85 -5.48 -2.41
N TYR A 109 0.07 -6.25 -1.68
CA TYR A 109 -0.86 -5.68 -0.71
C TYR A 109 -0.72 -6.38 0.65
N GLY A 110 -0.43 -5.61 1.70
CA GLY A 110 -0.16 -6.22 3.00
C GLY A 110 -0.83 -5.49 4.15
N VAL A 111 -1.78 -6.16 4.80
CA VAL A 111 -2.52 -5.58 5.89
C VAL A 111 -1.88 -5.92 7.24
N ASN A 112 -1.72 -4.91 8.09
CA ASN A 112 -1.05 -5.08 9.40
C ASN A 112 0.42 -5.40 9.24
N ILE A 113 0.99 -4.97 8.13
CA ILE A 113 2.42 -5.14 7.90
C ILE A 113 3.14 -3.83 8.16
N SER A 114 4.35 -3.91 8.69
CA SER A 114 5.16 -2.74 8.95
C SER A 114 6.58 -2.97 8.45
N GLY A 115 7.04 -2.13 7.54
CA GLY A 115 8.36 -2.32 6.96
C GLY A 115 8.31 -2.28 5.45
N GLU A 116 7.76 -1.19 4.91
CA GLU A 116 7.60 -1.00 3.49
C GLU A 116 8.90 -1.16 2.71
N ASN A 117 10.02 -0.85 3.35
CA ASN A 117 11.34 -0.98 2.72
C ASN A 117 11.55 -2.39 2.19
N ASN A 118 11.05 -3.37 2.93
CA ASN A 118 11.14 -4.77 2.53
C ASN A 118 9.92 -5.52 3.01
N ILE A 119 8.85 -5.39 2.24
CA ILE A 119 7.56 -6.02 2.54
C ILE A 119 7.68 -7.55 2.67
N THR A 120 6.81 -8.13 3.50
CA THR A 120 6.80 -9.57 3.75
C THR A 120 6.31 -10.35 2.52
N SER A 121 6.46 -11.68 2.56
CA SER A 121 6.06 -12.53 1.45
C SER A 121 4.56 -12.44 1.17
N PHE A 122 4.18 -12.56 -0.10
CA PHE A 122 2.80 -12.37 -0.51
C PHE A 122 2.08 -13.70 -0.74
N GLY A 123 0.93 -13.85 -0.08
CA GLY A 123 0.06 -14.98 -0.34
C GLY A 123 -1.20 -14.55 -1.06
N ASN A 124 -2.36 -14.89 -0.50
CA ASN A 124 -3.64 -14.45 -1.07
C ASN A 124 -4.66 -14.13 0.01
N SER A 125 -4.17 -13.89 1.23
CA SER A 125 -5.04 -13.51 2.34
C SER A 125 -4.47 -12.27 3.04
N ALA A 126 -5.19 -11.76 4.02
CA ALA A 126 -4.80 -10.52 4.69
C ALA A 126 -4.69 -10.69 6.20
N ASP A 127 -4.40 -9.57 6.88
CA ASP A 127 -4.30 -9.50 8.34
C ASP A 127 -3.07 -10.23 8.85
N GLN A 128 -2.05 -9.46 9.21
CA GLN A 128 -0.77 -10.00 9.68
C GLN A 128 -0.13 -10.85 8.59
N ALA A 129 -0.48 -10.52 7.35
CA ALA A 129 0.02 -11.20 6.19
C ALA A 129 -0.19 -10.35 4.95
N ALA A 130 0.68 -10.52 3.97
CA ALA A 130 0.56 -9.81 2.71
C ALA A 130 0.13 -10.79 1.62
N LYS A 131 -0.47 -10.27 0.56
CA LYS A 131 -0.91 -11.10 -0.54
C LYS A 131 -0.50 -10.50 -1.87
N SER A 132 -0.39 -11.34 -2.88
CA SER A 132 0.04 -10.91 -4.20
C SER A 132 -1.12 -10.28 -4.95
N THR A 133 -2.28 -10.93 -4.90
CA THR A 133 -3.45 -10.41 -5.57
C THR A 133 -4.60 -10.24 -4.60
N ALA A 134 -5.27 -9.12 -4.72
CA ALA A 134 -6.45 -8.84 -3.91
C ALA A 134 -7.66 -8.80 -4.80
N ILE A 135 -8.68 -9.56 -4.44
CA ILE A 135 -9.89 -9.68 -5.25
C ILE A 135 -10.87 -10.63 -4.56
N THR A 136 -12.14 -10.59 -4.99
CA THR A 136 -13.22 -11.46 -4.49
C THR A 136 -13.58 -11.17 -3.03
N PRO A 137 -14.83 -11.46 -2.65
CA PRO A 137 -15.31 -11.30 -1.27
C PRO A 137 -14.45 -12.03 -0.25
N ALA A 138 -13.78 -13.09 -0.69
CA ALA A 138 -12.88 -13.86 0.17
C ALA A 138 -11.80 -12.97 0.78
N GLU A 139 -11.14 -12.19 -0.07
CA GLU A 139 -10.16 -11.22 0.39
C GLU A 139 -10.82 -10.22 1.32
N ALA A 140 -11.95 -9.66 0.89
CA ALA A 140 -12.68 -8.67 1.67
C ALA A 140 -12.97 -9.16 3.08
N ALA A 141 -13.32 -10.44 3.18
CA ALA A 141 -13.62 -11.05 4.47
C ALA A 141 -12.37 -11.19 5.32
N THR A 142 -11.23 -11.36 4.67
CA THR A 142 -9.98 -11.58 5.37
C THR A 142 -9.29 -10.25 5.72
N ALA A 143 -9.42 -9.28 4.82
CA ALA A 143 -8.85 -7.95 5.03
C ALA A 143 -9.55 -7.24 6.17
N CYS A 144 -10.87 -7.15 6.09
CA CYS A 144 -11.65 -6.54 7.15
C CYS A 144 -11.99 -7.61 8.19
N LYS A 145 -11.01 -7.97 9.00
CA LYS A 145 -11.17 -9.03 9.98
C LYS A 145 -10.39 -8.68 11.24
N ASN A 146 -11.11 -8.23 12.26
CA ASN A 146 -10.53 -7.81 13.54
C ASN A 146 -9.72 -6.51 13.36
N THR A 147 -9.75 -5.96 12.16
CA THR A 147 -9.00 -4.76 11.85
C THR A 147 -9.79 -3.50 12.23
N ASP A 148 -9.58 -3.04 13.45
CA ASP A 148 -10.19 -1.79 13.91
C ASP A 148 -9.11 -0.86 14.43
N SER A 149 -8.53 -1.20 15.58
CA SER A 149 -7.40 -0.45 16.11
C SER A 149 -6.14 -0.81 15.34
N THR A 150 -6.17 -1.97 14.69
CA THR A 150 -5.06 -2.47 13.92
C THR A 150 -5.30 -2.26 12.43
N ASN A 151 -6.21 -1.37 12.09
CA ASN A 151 -6.56 -1.14 10.69
C ASN A 151 -5.55 -0.22 10.02
N LYS A 152 -4.52 -0.83 9.43
CA LYS A 152 -3.55 -0.10 8.63
C LYS A 152 -2.92 -1.03 7.63
N VAL A 153 -2.67 -0.52 6.44
CA VAL A 153 -2.13 -1.33 5.37
C VAL A 153 -1.10 -0.57 4.53
N THR A 154 0.14 -1.05 4.56
CA THR A 154 1.12 -0.64 3.57
C THR A 154 0.89 -1.44 2.28
N TYR A 155 0.79 -0.77 1.12
CA TYR A 155 0.67 -1.53 -0.12
C TYR A 155 1.29 -0.81 -1.31
N PHE A 156 2.17 -1.54 -2.00
CA PHE A 156 2.75 -1.04 -3.23
C PHE A 156 1.80 -1.32 -4.38
N MET A 157 1.59 -0.33 -5.23
CA MET A 157 0.62 -0.46 -6.29
C MET A 157 1.17 0.10 -7.60
N LYS A 158 0.96 -0.65 -8.67
CA LYS A 158 1.37 -0.19 -10.00
C LYS A 158 0.15 0.36 -10.75
N MET A 1 -13.79 -15.18 -9.39
CA MET A 1 -15.24 -15.41 -9.60
C MET A 1 -15.91 -14.14 -10.12
N GLU A 2 -15.23 -13.01 -9.95
CA GLU A 2 -15.66 -11.72 -10.47
C GLU A 2 -17.00 -11.32 -9.86
N GLN A 3 -16.95 -10.83 -8.63
CA GLN A 3 -18.15 -10.54 -7.86
C GLN A 3 -17.87 -9.44 -6.83
N SER A 4 -16.82 -8.67 -7.07
CA SER A 4 -16.38 -7.68 -6.09
C SER A 4 -16.97 -6.29 -6.39
N ALA A 5 -17.62 -6.17 -7.55
CA ALA A 5 -18.35 -4.96 -7.97
C ALA A 5 -17.42 -3.81 -8.34
N SER A 6 -16.52 -3.44 -7.43
CA SER A 6 -15.57 -2.38 -7.70
C SER A 6 -14.32 -2.96 -8.35
N ASP A 7 -14.40 -4.25 -8.63
CA ASP A 7 -13.26 -5.02 -9.13
C ASP A 7 -12.90 -4.62 -10.55
N SER A 8 -13.74 -3.80 -11.14
CA SER A 8 -13.53 -3.34 -12.49
C SER A 8 -13.53 -1.81 -12.55
N ASN A 9 -14.62 -1.19 -12.06
CA ASN A 9 -14.80 0.26 -12.20
C ASN A 9 -13.76 1.03 -11.41
N LYS A 10 -13.73 0.84 -10.09
CA LYS A 10 -12.82 1.57 -9.24
C LYS A 10 -11.38 1.10 -9.47
N SER A 11 -11.25 -0.16 -9.88
CA SER A 11 -9.95 -0.73 -10.16
C SER A 11 -9.26 0.02 -11.30
N GLN A 12 -9.97 0.21 -12.42
CA GLN A 12 -9.40 0.90 -13.57
C GLN A 12 -9.11 2.36 -13.23
N ASN A 13 -9.92 2.95 -12.36
CA ASN A 13 -9.68 4.31 -11.89
C ASN A 13 -8.36 4.39 -11.14
N ALA A 14 -8.14 3.41 -10.27
CA ALA A 14 -6.90 3.33 -9.51
C ALA A 14 -5.71 3.12 -10.44
N ILE A 15 -5.89 2.24 -11.42
CA ILE A 15 -4.87 1.97 -12.43
C ILE A 15 -4.42 3.27 -13.11
N SER A 16 -5.41 4.06 -13.52
CA SER A 16 -5.16 5.31 -14.21
C SER A 16 -4.31 6.26 -13.37
N GLU A 17 -4.61 6.33 -12.07
CA GLU A 17 -3.91 7.24 -11.17
C GLU A 17 -2.47 6.79 -10.94
N VAL A 18 -2.29 5.55 -10.49
CA VAL A 18 -0.95 5.08 -10.12
C VAL A 18 -0.04 4.97 -11.32
N MET A 19 -0.58 4.61 -12.48
CA MET A 19 0.21 4.50 -13.70
C MET A 19 0.87 5.83 -14.04
N SER A 20 0.15 6.92 -13.78
CA SER A 20 0.68 8.25 -13.98
C SER A 20 1.70 8.59 -12.89
N ALA A 21 1.46 8.08 -11.70
CA ALA A 21 2.34 8.35 -10.56
C ALA A 21 3.70 7.69 -10.76
N THR A 22 3.72 6.40 -11.07
CA THR A 22 4.95 5.66 -11.27
C THR A 22 5.82 6.29 -12.36
N SER A 23 5.17 6.83 -13.38
CA SER A 23 5.90 7.42 -14.49
C SER A 23 6.32 8.86 -14.19
N ALA A 24 5.52 9.56 -13.38
CA ALA A 24 5.81 10.94 -13.05
C ALA A 24 6.95 11.06 -12.04
N ILE A 25 6.94 10.18 -11.04
CA ILE A 25 7.92 10.26 -9.95
C ILE A 25 9.35 10.04 -10.48
N ASN A 26 9.47 9.22 -11.53
CA ASN A 26 10.77 9.02 -12.18
C ASN A 26 11.34 10.34 -12.66
N GLY A 27 10.47 11.17 -13.24
CA GLY A 27 10.91 12.45 -13.77
C GLY A 27 11.10 13.49 -12.71
N LEU A 28 10.57 13.23 -11.52
CA LEU A 28 10.73 14.14 -10.40
C LEU A 28 12.12 14.01 -9.79
N TYR A 29 12.65 12.80 -9.85
CA TYR A 29 13.95 12.51 -9.27
C TYR A 29 15.03 12.41 -10.35
N ILE A 30 14.83 11.47 -11.28
CA ILE A 30 15.76 11.24 -12.39
C ILE A 30 17.09 10.66 -11.93
N GLY A 31 17.30 9.38 -12.25
CA GLY A 31 18.57 8.74 -11.98
C GLY A 31 18.82 8.50 -10.51
N GLN A 32 17.91 7.81 -9.85
CA GLN A 32 18.05 7.49 -8.44
C GLN A 32 18.19 5.99 -8.23
N THR A 33 17.99 5.24 -9.30
CA THR A 33 18.04 3.78 -9.26
C THR A 33 16.83 3.21 -8.52
N SER A 34 16.69 3.60 -7.26
CA SER A 34 15.57 3.14 -6.44
C SER A 34 15.25 4.18 -5.37
N TYR A 35 15.56 5.46 -5.66
CA TYR A 35 15.33 6.55 -4.71
C TYR A 35 16.20 6.33 -3.48
N SER A 36 17.32 5.65 -3.70
CA SER A 36 18.27 5.35 -2.65
C SER A 36 18.74 6.62 -1.96
N GLY A 37 18.73 6.60 -0.64
CA GLY A 37 19.06 7.78 0.13
C GLY A 37 17.90 8.15 1.03
N LEU A 38 16.70 8.10 0.48
CA LEU A 38 15.50 8.38 1.26
C LEU A 38 15.26 7.26 2.26
N ASP A 39 15.61 6.04 1.84
CA ASP A 39 15.33 4.83 2.61
C ASP A 39 16.05 4.86 3.95
N SER A 40 17.36 5.10 3.92
CA SER A 40 18.15 5.17 5.13
C SER A 40 17.75 6.37 5.98
N THR A 41 17.47 7.49 5.31
CA THR A 41 17.09 8.71 6.00
C THR A 41 15.80 8.53 6.79
N ILE A 42 14.73 8.07 6.12
CA ILE A 42 13.43 7.93 6.77
C ILE A 42 13.50 6.97 7.97
N LEU A 43 14.28 5.90 7.83
CA LEU A 43 14.43 4.90 8.87
C LEU A 43 14.95 5.52 10.17
N LEU A 44 16.13 6.12 10.12
CA LEU A 44 16.75 6.70 11.31
C LEU A 44 16.08 8.01 11.69
N ASN A 45 15.35 8.61 10.76
CA ASN A 45 14.63 9.84 11.01
C ASN A 45 13.49 9.63 11.99
N THR A 46 12.77 8.53 11.80
CA THR A 46 11.58 8.29 12.59
C THR A 46 11.86 7.28 13.69
N SER A 47 12.17 7.79 14.88
CA SER A 47 12.33 7.01 16.11
C SER A 47 13.15 5.72 15.93
N ALA A 48 14.04 5.70 14.92
CA ALA A 48 14.83 4.53 14.56
C ALA A 48 13.95 3.42 13.97
N ILE A 49 12.77 3.26 14.54
CA ILE A 49 11.76 2.36 14.02
C ILE A 49 10.52 3.17 13.66
N PRO A 50 10.33 3.46 12.37
CA PRO A 50 9.23 4.32 11.91
C PRO A 50 7.85 3.75 12.21
N ASP A 51 7.25 4.23 13.29
CA ASP A 51 5.90 3.83 13.68
C ASP A 51 4.88 4.37 12.68
N ASN A 52 5.34 5.26 11.81
CA ASN A 52 4.46 5.92 10.86
C ASN A 52 3.91 4.92 9.84
N TYR A 53 4.55 3.74 9.76
CA TYR A 53 4.11 2.62 8.91
C TYR A 53 2.85 1.98 9.44
N LYS A 54 2.22 2.63 10.41
CA LYS A 54 0.97 2.17 10.97
C LYS A 54 0.27 3.32 11.68
N ASP A 55 -1.05 3.28 11.75
CA ASP A 55 -1.81 4.25 12.49
C ASP A 55 -2.36 3.57 13.74
N THR A 56 -2.87 4.36 14.68
CA THR A 56 -3.35 3.81 15.94
C THR A 56 -4.85 4.04 16.13
N THR A 57 -5.48 4.69 15.17
CA THR A 57 -6.90 5.01 15.29
C THR A 57 -7.75 3.99 14.53
N ASN A 58 -7.44 3.84 13.23
CA ASN A 58 -8.15 2.91 12.33
C ASN A 58 -7.95 3.33 10.86
N LYS A 59 -6.97 4.21 10.60
CA LYS A 59 -6.83 4.77 9.27
C LYS A 59 -5.38 5.11 8.88
N LYS A 60 -4.66 4.12 8.36
CA LYS A 60 -3.39 4.34 7.66
C LYS A 60 -3.29 3.44 6.45
N ILE A 61 -3.04 4.02 5.28
CA ILE A 61 -2.78 3.26 4.07
C ILE A 61 -1.57 3.81 3.34
N THR A 62 -0.68 2.93 2.93
CA THR A 62 0.51 3.35 2.19
C THR A 62 0.30 3.20 0.69
N ASN A 63 0.31 4.34 0.00
CA ASN A 63 0.13 4.42 -1.46
C ASN A 63 -0.28 5.83 -1.90
N PRO A 64 -1.31 6.44 -1.28
CA PRO A 64 -1.95 7.64 -1.82
C PRO A 64 -1.25 8.93 -1.42
N PHE A 65 -1.69 10.04 -2.02
CA PHE A 65 -1.12 11.35 -1.74
C PHE A 65 -2.21 12.40 -1.56
N GLY A 66 -3.36 11.97 -1.07
CA GLY A 66 -4.49 12.88 -0.93
C GLY A 66 -4.65 13.40 0.49
N GLY A 67 -3.86 12.87 1.39
CA GLY A 67 -3.91 13.28 2.77
C GLY A 67 -2.52 13.46 3.31
N GLU A 68 -2.28 13.01 4.53
CA GLU A 68 -0.94 13.11 5.11
C GLU A 68 -0.12 11.88 4.71
N LEU A 69 0.70 12.07 3.69
CA LEU A 69 1.52 10.99 3.15
C LEU A 69 2.96 11.05 3.68
N ASN A 70 3.56 9.88 3.87
CA ASN A 70 4.98 9.76 4.20
C ASN A 70 5.74 9.27 2.98
N VAL A 71 6.76 10.01 2.58
CA VAL A 71 7.50 9.68 1.36
C VAL A 71 8.67 8.75 1.64
N GLY A 72 8.87 7.77 0.76
CA GLY A 72 10.00 6.88 0.90
C GLY A 72 10.08 5.87 -0.24
N PRO A 73 11.28 5.28 -0.45
CA PRO A 73 11.50 4.25 -1.45
C PRO A 73 11.53 2.84 -0.86
N ALA A 74 11.25 1.84 -1.67
CA ALA A 74 11.28 0.46 -1.19
C ALA A 74 12.34 -0.40 -1.87
N ASN A 75 13.53 -0.42 -1.26
CA ASN A 75 14.64 -1.30 -1.64
C ASN A 75 15.14 -1.05 -3.07
N ASN A 76 14.40 -1.56 -4.05
CA ASN A 76 14.83 -1.51 -5.44
C ASN A 76 13.61 -1.32 -6.35
N ASN A 77 13.74 -0.40 -7.30
CA ASN A 77 12.62 0.05 -8.13
C ASN A 77 12.06 -1.09 -8.99
N THR A 78 12.88 -2.09 -9.28
CA THR A 78 12.46 -3.22 -10.09
C THR A 78 11.63 -4.21 -9.29
N ALA A 79 11.50 -3.97 -8.00
CA ALA A 79 10.66 -4.79 -7.14
C ALA A 79 9.51 -3.94 -6.61
N PHE A 80 9.87 -2.88 -5.90
CA PHE A 80 8.91 -1.90 -5.44
C PHE A 80 9.40 -0.53 -5.88
N GLY A 81 8.60 0.50 -5.73
CA GLY A 81 9.04 1.78 -6.21
C GLY A 81 9.09 2.80 -5.11
N TYR A 82 7.92 3.17 -4.64
CA TYR A 82 7.78 4.18 -3.63
C TYR A 82 6.68 3.79 -2.68
N TYR A 83 6.78 4.21 -1.45
CA TYR A 83 5.72 3.98 -0.49
C TYR A 83 5.32 5.30 0.15
N LEU A 84 4.03 5.53 0.23
CA LEU A 84 3.51 6.75 0.83
C LEU A 84 2.57 6.39 1.96
N THR A 85 3.07 6.42 3.19
CA THR A 85 2.28 6.00 4.33
C THR A 85 1.39 7.13 4.77
N LEU A 86 0.14 7.05 4.36
CA LEU A 86 -0.80 8.13 4.50
C LEU A 86 -1.94 7.76 5.42
N THR A 87 -2.22 8.60 6.40
CA THR A 87 -3.34 8.34 7.28
C THR A 87 -4.64 8.64 6.56
N ARG A 88 -5.51 7.64 6.49
CA ARG A 88 -6.80 7.73 5.81
C ARG A 88 -7.29 6.32 5.49
N LEU A 89 -8.48 5.97 5.98
CA LEU A 89 -9.03 4.65 5.74
C LEU A 89 -10.43 4.55 6.34
N ASP A 90 -11.22 3.64 5.81
CA ASP A 90 -12.59 3.44 6.24
C ASP A 90 -12.88 1.95 6.27
N LYS A 91 -13.89 1.53 7.02
CA LYS A 91 -14.26 0.13 7.10
C LYS A 91 -14.62 -0.41 5.71
N ALA A 92 -15.34 0.40 4.94
CA ALA A 92 -15.74 0.00 3.60
C ALA A 92 -14.57 0.13 2.63
N ALA A 93 -13.58 0.93 3.01
CA ALA A 93 -12.39 1.09 2.19
C ALA A 93 -11.57 -0.19 2.22
N CYS A 94 -11.50 -0.84 3.38
CA CYS A 94 -10.88 -2.14 3.49
C CYS A 94 -11.51 -3.11 2.51
N VAL A 95 -12.84 -3.10 2.48
CA VAL A 95 -13.59 -3.96 1.59
C VAL A 95 -13.38 -3.55 0.13
N SER A 96 -13.34 -2.25 -0.09
CA SER A 96 -13.15 -1.70 -1.43
C SER A 96 -11.79 -2.08 -2.02
N LEU A 97 -10.76 -2.08 -1.18
CA LEU A 97 -9.42 -2.38 -1.65
C LEU A 97 -9.25 -3.86 -1.96
N ALA A 98 -10.04 -4.70 -1.30
CA ALA A 98 -9.99 -6.13 -1.58
C ALA A 98 -10.95 -6.49 -2.70
N THR A 99 -11.84 -5.56 -3.01
CA THR A 99 -12.72 -5.69 -4.16
C THR A 99 -12.17 -4.85 -5.30
N LEU A 100 -10.93 -4.40 -5.12
CA LEU A 100 -10.18 -3.73 -6.16
C LEU A 100 -9.13 -4.71 -6.66
N ASN A 101 -8.91 -4.77 -7.96
CA ASN A 101 -7.96 -5.74 -8.48
C ASN A 101 -6.54 -5.24 -8.31
N LEU A 102 -5.93 -5.63 -7.19
CA LEU A 102 -4.54 -5.33 -6.91
C LEU A 102 -3.63 -6.34 -7.62
N GLY A 103 -4.00 -6.72 -8.84
CA GLY A 103 -3.21 -7.68 -9.60
C GLY A 103 -2.93 -7.20 -10.99
N THR A 104 -3.20 -5.94 -11.25
CA THR A 104 -2.96 -5.35 -12.57
C THR A 104 -2.02 -4.15 -12.48
N SER A 105 -2.37 -3.18 -11.63
CA SER A 105 -1.56 -1.98 -11.47
C SER A 105 -0.92 -1.93 -10.11
N ALA A 106 -0.81 -3.07 -9.46
CA ALA A 106 -0.24 -3.12 -8.12
C ALA A 106 1.13 -3.76 -8.13
N LYS A 107 1.83 -3.64 -7.01
CA LYS A 107 3.10 -4.32 -6.86
C LYS A 107 3.12 -5.16 -5.58
N GLY A 108 2.25 -4.79 -4.64
CA GLY A 108 2.12 -5.54 -3.41
C GLY A 108 1.02 -4.98 -2.53
N TYR A 109 0.45 -5.81 -1.67
CA TYR A 109 -0.60 -5.36 -0.77
C TYR A 109 -0.49 -6.12 0.55
N GLY A 110 -0.37 -5.40 1.66
CA GLY A 110 -0.12 -6.06 2.94
C GLY A 110 -0.83 -5.38 4.11
N VAL A 111 -1.74 -6.10 4.74
CA VAL A 111 -2.52 -5.55 5.83
C VAL A 111 -1.81 -5.79 7.16
N ASN A 112 -1.61 -4.70 7.93
CA ASN A 112 -0.90 -4.74 9.21
C ASN A 112 0.60 -4.94 9.01
N ILE A 113 1.08 -4.66 7.81
CA ILE A 113 2.50 -4.66 7.55
C ILE A 113 3.09 -3.29 7.88
N SER A 114 4.15 -3.28 8.66
CA SER A 114 4.85 -2.05 8.96
C SER A 114 6.33 -2.22 8.63
N GLY A 115 6.78 -1.55 7.59
CA GLY A 115 8.12 -1.74 7.09
C GLY A 115 8.13 -1.82 5.58
N GLU A 116 7.47 -0.85 4.96
CA GLU A 116 7.31 -0.79 3.52
C GLU A 116 8.63 -0.89 2.77
N ASN A 117 9.71 -0.45 3.41
CA ASN A 117 11.04 -0.51 2.80
C ASN A 117 11.37 -1.93 2.33
N ASN A 118 10.84 -2.92 3.03
CA ASN A 118 11.02 -4.32 2.66
C ASN A 118 9.84 -5.15 3.16
N ILE A 119 8.70 -5.00 2.49
CA ILE A 119 7.47 -5.69 2.85
C ILE A 119 7.62 -7.21 2.69
N THR A 120 6.90 -7.95 3.53
CA THR A 120 6.98 -9.41 3.57
C THR A 120 6.46 -10.04 2.27
N SER A 121 6.61 -11.37 2.17
CA SER A 121 6.19 -12.11 0.99
C SER A 121 4.67 -12.05 0.80
N PHE A 122 4.24 -12.20 -0.44
CA PHE A 122 2.83 -12.02 -0.79
C PHE A 122 2.15 -13.37 -1.05
N GLY A 123 0.86 -13.44 -0.73
CA GLY A 123 0.07 -14.60 -1.02
C GLY A 123 -1.35 -14.25 -1.41
N ASN A 124 -2.33 -14.78 -0.70
CA ASN A 124 -3.74 -14.50 -0.98
C ASN A 124 -4.56 -14.46 0.31
N SER A 125 -3.94 -13.92 1.34
CA SER A 125 -4.61 -13.72 2.62
C SER A 125 -4.04 -12.46 3.27
N ALA A 126 -4.64 -12.04 4.37
CA ALA A 126 -4.29 -10.75 4.98
C ALA A 126 -4.02 -10.89 6.48
N ASP A 127 -3.79 -9.74 7.12
CA ASP A 127 -3.59 -9.65 8.57
C ASP A 127 -2.20 -10.16 8.97
N GLN A 128 -1.25 -9.22 9.04
CA GLN A 128 0.15 -9.53 9.34
C GLN A 128 0.78 -10.32 8.21
N ALA A 129 0.04 -10.45 7.12
CA ALA A 129 0.49 -11.14 5.95
C ALA A 129 0.16 -10.33 4.71
N ALA A 130 1.00 -10.43 3.70
CA ALA A 130 0.78 -9.71 2.47
C ALA A 130 0.22 -10.64 1.41
N LYS A 131 -0.49 -10.09 0.44
CA LYS A 131 -1.03 -10.86 -0.66
C LYS A 131 -0.61 -10.24 -1.98
N SER A 132 -0.52 -11.04 -3.01
CA SER A 132 -0.04 -10.57 -4.29
C SER A 132 -1.18 -10.03 -5.16
N THR A 133 -2.40 -10.46 -4.87
CA THR A 133 -3.56 -10.00 -5.63
C THR A 133 -4.77 -9.79 -4.73
N ALA A 134 -5.59 -8.81 -5.09
CA ALA A 134 -6.88 -8.63 -4.44
C ALA A 134 -7.97 -8.65 -5.49
N ILE A 135 -9.03 -9.40 -5.22
CA ILE A 135 -10.12 -9.58 -6.19
C ILE A 135 -11.14 -10.57 -5.63
N THR A 136 -11.10 -10.77 -4.33
CA THR A 136 -11.84 -11.85 -3.71
C THR A 136 -12.62 -11.36 -2.49
N PRO A 137 -13.92 -11.67 -2.42
CA PRO A 137 -14.76 -11.34 -1.26
C PRO A 137 -14.20 -11.92 0.04
N ALA A 138 -13.60 -13.10 -0.05
CA ALA A 138 -12.93 -13.72 1.10
C ALA A 138 -11.80 -12.83 1.61
N GLU A 139 -10.98 -12.36 0.68
CA GLU A 139 -9.89 -11.43 0.99
C GLU A 139 -10.43 -10.18 1.71
N ALA A 140 -11.57 -9.69 1.24
CA ALA A 140 -12.18 -8.49 1.84
C ALA A 140 -12.53 -8.71 3.31
N ALA A 141 -12.87 -9.95 3.65
CA ALA A 141 -13.22 -10.28 5.02
C ALA A 141 -11.98 -10.59 5.86
N THR A 142 -10.90 -10.97 5.19
CA THR A 142 -9.67 -11.34 5.88
C THR A 142 -8.79 -10.11 6.13
N ALA A 143 -8.93 -9.10 5.28
CA ALA A 143 -8.15 -7.88 5.39
C ALA A 143 -8.40 -7.17 6.72
N CYS A 144 -9.57 -6.60 6.88
CA CYS A 144 -9.92 -5.88 8.10
C CYS A 144 -11.05 -6.60 8.82
N LYS A 145 -10.70 -7.65 9.54
CA LYS A 145 -11.67 -8.42 10.31
C LYS A 145 -11.73 -7.88 11.73
N ASN A 146 -10.80 -8.32 12.57
CA ASN A 146 -10.65 -7.75 13.90
C ASN A 146 -9.61 -6.66 13.84
N THR A 147 -10.07 -5.43 13.68
CA THR A 147 -9.17 -4.34 13.34
C THR A 147 -9.57 -3.02 14.00
N ASP A 148 -8.81 -2.62 15.01
CA ASP A 148 -8.95 -1.30 15.62
C ASP A 148 -7.73 -0.44 15.28
N SER A 149 -6.67 -0.56 16.06
CA SER A 149 -5.38 0.01 15.72
C SER A 149 -4.69 -0.90 14.71
N THR A 150 -5.31 -2.04 14.49
CA THR A 150 -4.85 -2.99 13.51
C THR A 150 -5.48 -2.71 12.15
N ASN A 151 -6.33 -1.69 12.10
CA ASN A 151 -7.00 -1.33 10.85
C ASN A 151 -6.13 -0.39 10.04
N LYS A 152 -4.93 -0.86 9.72
CA LYS A 152 -3.98 -0.09 8.92
C LYS A 152 -3.29 -1.02 7.92
N VAL A 153 -3.15 -0.55 6.69
CA VAL A 153 -2.61 -1.38 5.63
C VAL A 153 -1.68 -0.60 4.70
N THR A 154 -0.38 -0.81 4.87
CA THR A 154 0.60 -0.28 3.94
C THR A 154 0.70 -1.16 2.69
N TYR A 155 0.71 -0.58 1.48
CA TYR A 155 0.86 -1.40 0.30
C TYR A 155 1.57 -0.70 -0.85
N PHE A 156 1.81 -1.45 -1.91
CA PHE A 156 2.49 -0.95 -3.10
C PHE A 156 1.62 -1.13 -4.32
N MET A 157 1.28 -0.04 -4.97
CA MET A 157 0.49 -0.13 -6.17
C MET A 157 1.29 0.43 -7.33
N LYS A 158 2.20 -0.41 -7.83
CA LYS A 158 3.14 -0.07 -8.87
C LYS A 158 3.89 1.23 -8.56
N MET A 1 -23.33 -9.16 -0.88
CA MET A 1 -22.15 -10.05 -0.92
C MET A 1 -21.91 -10.54 -2.35
N GLU A 2 -21.17 -11.64 -2.47
CA GLU A 2 -20.85 -12.25 -3.76
C GLU A 2 -19.88 -11.40 -4.57
N GLN A 3 -18.62 -11.82 -4.56
CA GLN A 3 -17.56 -11.15 -5.28
C GLN A 3 -17.35 -9.71 -4.82
N SER A 4 -16.47 -9.01 -5.50
CA SER A 4 -16.15 -7.64 -5.15
C SER A 4 -16.95 -6.66 -6.00
N ALA A 5 -17.50 -5.64 -5.35
CA ALA A 5 -18.26 -4.61 -6.03
C ALA A 5 -17.32 -3.52 -6.53
N SER A 6 -17.72 -2.83 -7.59
CA SER A 6 -16.94 -1.75 -8.22
C SER A 6 -15.55 -2.23 -8.64
N ASP A 7 -15.43 -3.54 -8.81
CA ASP A 7 -14.16 -4.18 -9.17
C ASP A 7 -13.75 -3.83 -10.59
N SER A 8 -14.72 -3.42 -11.38
CA SER A 8 -14.48 -3.12 -12.77
C SER A 8 -14.44 -1.60 -13.02
N ASN A 9 -15.17 -0.85 -12.19
CA ASN A 9 -15.24 0.59 -12.37
C ASN A 9 -14.13 1.33 -11.64
N LYS A 10 -14.06 1.19 -10.33
CA LYS A 10 -13.10 1.95 -9.54
C LYS A 10 -11.68 1.44 -9.75
N SER A 11 -11.54 0.12 -9.80
CA SER A 11 -10.23 -0.49 -9.97
C SER A 11 -9.48 0.10 -11.17
N GLN A 12 -10.16 0.21 -12.30
CA GLN A 12 -9.53 0.61 -13.53
C GLN A 12 -9.12 2.09 -13.52
N ASN A 13 -9.90 2.94 -12.85
CA ASN A 13 -9.57 4.36 -12.83
C ASN A 13 -8.53 4.66 -11.75
N ALA A 14 -8.50 3.83 -10.72
CA ALA A 14 -7.47 3.95 -9.69
C ALA A 14 -6.11 3.53 -10.25
N ILE A 15 -6.11 2.41 -10.96
CA ILE A 15 -4.89 1.89 -11.60
C ILE A 15 -4.24 2.97 -12.47
N SER A 16 -5.06 3.66 -13.26
CA SER A 16 -4.57 4.67 -14.18
C SER A 16 -3.75 5.73 -13.45
N GLU A 17 -4.33 6.30 -12.39
CA GLU A 17 -3.70 7.42 -11.70
C GLU A 17 -2.43 6.99 -10.97
N VAL A 18 -2.52 5.92 -10.20
CA VAL A 18 -1.39 5.47 -9.39
C VAL A 18 -0.21 5.06 -10.27
N MET A 19 -0.50 4.32 -11.35
CA MET A 19 0.54 3.83 -12.25
C MET A 19 1.21 5.01 -12.97
N SER A 20 0.43 6.05 -13.22
CA SER A 20 0.96 7.26 -13.85
C SER A 20 1.90 7.98 -12.90
N ALA A 21 1.62 7.89 -11.60
CA ALA A 21 2.46 8.50 -10.58
C ALA A 21 3.73 7.68 -10.39
N THR A 22 3.60 6.35 -10.44
CA THR A 22 4.73 5.46 -10.40
C THR A 22 5.67 5.71 -11.58
N SER A 23 5.08 6.01 -12.73
CA SER A 23 5.84 6.38 -13.91
C SER A 23 6.45 7.77 -13.72
N ALA A 24 5.70 8.66 -13.09
CA ALA A 24 6.13 10.03 -12.87
C ALA A 24 7.37 10.11 -11.98
N ILE A 25 7.34 9.36 -10.88
CA ILE A 25 8.47 9.37 -9.95
C ILE A 25 9.71 8.76 -10.58
N ASN A 26 9.51 7.83 -11.50
CA ASN A 26 10.63 7.29 -12.27
C ASN A 26 11.28 8.39 -13.09
N GLY A 27 10.43 9.24 -13.67
CA GLY A 27 10.90 10.36 -14.44
C GLY A 27 11.56 11.42 -13.56
N LEU A 28 11.21 11.44 -12.29
CA LEU A 28 11.83 12.35 -11.34
C LEU A 28 13.18 11.79 -10.90
N TYR A 29 13.26 10.47 -10.82
CA TYR A 29 14.44 9.79 -10.34
C TYR A 29 15.22 9.14 -11.48
N ILE A 30 15.18 9.77 -12.65
CA ILE A 30 15.90 9.29 -13.83
C ILE A 30 17.40 9.20 -13.57
N GLY A 31 17.93 10.21 -12.87
CA GLY A 31 19.35 10.22 -12.56
C GLY A 31 19.68 9.42 -11.31
N GLN A 32 18.69 8.68 -10.83
CA GLN A 32 18.86 7.85 -9.64
C GLN A 32 18.71 6.38 -9.98
N THR A 33 17.47 5.98 -10.27
CA THR A 33 17.14 4.57 -10.55
C THR A 33 17.26 3.71 -9.28
N SER A 34 18.27 4.02 -8.48
CA SER A 34 18.48 3.35 -7.22
C SER A 34 17.43 3.82 -6.22
N TYR A 35 17.24 5.15 -6.17
CA TYR A 35 16.29 5.79 -5.24
C TYR A 35 16.88 5.86 -3.84
N SER A 36 17.90 5.03 -3.59
CA SER A 36 18.44 4.78 -2.24
C SER A 36 17.34 4.40 -1.24
N GLY A 37 16.13 4.17 -1.77
CA GLY A 37 14.96 3.99 -0.94
C GLY A 37 14.65 5.21 -0.08
N LEU A 38 15.55 6.21 -0.14
CA LEU A 38 15.57 7.30 0.83
C LEU A 38 15.47 6.75 2.25
N ASP A 39 15.89 5.49 2.38
CA ASP A 39 15.85 4.77 3.65
C ASP A 39 16.57 5.56 4.71
N SER A 40 17.69 6.16 4.33
CA SER A 40 18.47 6.99 5.23
C SER A 40 17.63 8.12 5.81
N THR A 41 16.94 8.86 4.95
CA THR A 41 16.16 10.02 5.36
C THR A 41 14.86 9.63 6.08
N ILE A 42 14.36 8.44 5.79
CA ILE A 42 13.11 7.99 6.41
C ILE A 42 13.41 7.30 7.75
N LEU A 43 14.57 6.66 7.82
CA LEU A 43 15.01 6.00 9.03
C LEU A 43 15.15 6.98 10.18
N LEU A 44 15.83 8.10 9.90
CA LEU A 44 16.05 9.13 10.91
C LEU A 44 14.77 9.89 11.24
N ASN A 45 13.75 9.70 10.39
CA ASN A 45 12.47 10.37 10.58
C ASN A 45 11.73 9.81 11.78
N THR A 46 11.39 8.54 11.72
CA THR A 46 10.82 7.85 12.85
C THR A 46 11.92 7.04 13.50
N SER A 47 12.48 7.59 14.57
CA SER A 47 13.74 7.15 15.19
C SER A 47 14.09 5.67 14.96
N ALA A 48 14.72 5.41 13.80
CA ALA A 48 15.30 4.11 13.47
C ALA A 48 14.25 3.05 13.09
N ILE A 49 13.04 3.19 13.62
CA ILE A 49 11.94 2.33 13.25
C ILE A 49 10.75 3.15 12.79
N PRO A 50 10.39 3.08 11.49
CA PRO A 50 9.26 3.83 10.95
C PRO A 50 7.92 3.29 11.45
N ASP A 51 7.59 3.69 12.66
CA ASP A 51 6.37 3.27 13.36
C ASP A 51 5.12 3.83 12.67
N ASN A 52 5.34 4.76 11.76
CA ASN A 52 4.26 5.51 11.13
C ASN A 52 3.39 4.65 10.19
N TYR A 53 3.87 3.47 9.78
CA TYR A 53 3.12 2.62 8.86
C TYR A 53 1.75 2.26 9.41
N LYS A 54 1.65 2.16 10.72
CA LYS A 54 0.38 1.87 11.36
C LYS A 54 -0.21 3.14 11.97
N ASP A 55 -1.51 3.13 12.22
CA ASP A 55 -2.17 4.26 12.86
C ASP A 55 -2.73 3.83 14.21
N THR A 56 -2.63 4.70 15.21
CA THR A 56 -3.04 4.33 16.56
C THR A 56 -4.51 4.65 16.77
N THR A 57 -5.05 5.55 15.97
CA THR A 57 -6.48 5.82 15.98
C THR A 57 -7.14 4.90 14.97
N ASN A 58 -6.28 4.21 14.23
CA ASN A 58 -6.66 3.12 13.34
C ASN A 58 -7.20 3.60 12.00
N LYS A 59 -6.49 4.53 11.38
CA LYS A 59 -6.75 4.89 10.00
C LYS A 59 -5.42 5.23 9.30
N LYS A 60 -4.77 4.22 8.76
CA LYS A 60 -3.51 4.43 8.04
C LYS A 60 -3.40 3.49 6.85
N ILE A 61 -3.20 4.06 5.68
CA ILE A 61 -2.93 3.27 4.48
C ILE A 61 -1.73 3.86 3.77
N THR A 62 -0.75 3.03 3.52
CA THR A 62 0.43 3.47 2.82
C THR A 62 0.27 3.21 1.33
N ASN A 63 0.10 4.31 0.59
CA ASN A 63 -0.16 4.27 -0.84
C ASN A 63 -0.58 5.66 -1.35
N PRO A 64 -1.59 6.31 -0.70
CA PRO A 64 -2.19 7.54 -1.21
C PRO A 64 -1.49 8.79 -0.71
N PHE A 65 -1.85 9.93 -1.29
CA PHE A 65 -1.27 11.20 -0.91
C PHE A 65 -2.36 12.26 -0.80
N GLY A 66 -3.53 11.83 -0.32
CA GLY A 66 -4.69 12.68 -0.36
C GLY A 66 -4.88 13.48 0.92
N GLY A 67 -3.96 13.30 1.86
CA GLY A 67 -4.06 13.97 3.13
C GLY A 67 -2.71 14.09 3.79
N GLU A 68 -2.59 13.56 5.00
CA GLU A 68 -1.30 13.52 5.67
C GLU A 68 -0.53 12.29 5.22
N LEU A 69 0.38 12.49 4.30
CA LEU A 69 1.16 11.39 3.73
C LEU A 69 2.61 11.46 4.20
N ASN A 70 3.21 10.29 4.41
CA ASN A 70 4.63 10.20 4.68
C ASN A 70 5.32 9.68 3.42
N VAL A 71 6.29 10.44 2.93
CA VAL A 71 6.97 10.09 1.70
C VAL A 71 8.07 9.07 1.96
N GLY A 72 8.21 8.11 1.05
CA GLY A 72 9.29 7.13 1.16
C GLY A 72 9.30 6.15 0.01
N PRO A 73 10.35 6.17 -0.81
CA PRO A 73 10.52 5.19 -1.88
C PRO A 73 10.97 3.83 -1.35
N ALA A 74 11.04 2.84 -2.22
CA ALA A 74 11.49 1.52 -1.84
C ALA A 74 12.96 1.35 -2.21
N ASN A 75 13.55 0.23 -1.79
CA ASN A 75 14.97 -0.07 -2.03
C ASN A 75 15.43 0.34 -3.43
N ASN A 76 14.85 -0.30 -4.44
CA ASN A 76 15.19 0.00 -5.83
C ASN A 76 13.93 0.01 -6.68
N ASN A 77 13.96 0.75 -7.78
CA ASN A 77 12.84 0.78 -8.72
C ASN A 77 12.73 -0.56 -9.44
N THR A 78 13.83 -1.31 -9.44
CA THR A 78 13.88 -2.64 -10.01
C THR A 78 12.93 -3.58 -9.26
N ALA A 79 12.79 -3.34 -7.95
CA ALA A 79 11.95 -4.18 -7.10
C ALA A 79 10.59 -3.55 -6.89
N PHE A 80 10.57 -2.30 -6.43
CA PHE A 80 9.34 -1.59 -6.17
C PHE A 80 9.45 -0.15 -6.68
N GLY A 81 8.77 0.77 -6.03
CA GLY A 81 8.85 2.16 -6.44
C GLY A 81 8.80 3.10 -5.25
N TYR A 82 7.59 3.44 -4.82
CA TYR A 82 7.41 4.37 -3.72
C TYR A 82 6.26 3.94 -2.85
N TYR A 83 6.28 4.39 -1.60
CA TYR A 83 5.17 4.20 -0.70
C TYR A 83 4.87 5.52 0.00
N LEU A 84 3.61 5.77 0.28
CA LEU A 84 3.21 7.00 0.95
C LEU A 84 2.29 6.68 2.11
N THR A 85 2.80 6.81 3.33
CA THR A 85 2.03 6.42 4.49
C THR A 85 1.07 7.55 4.86
N LEU A 86 -0.16 7.38 4.43
CA LEU A 86 -1.18 8.39 4.58
C LEU A 86 -2.18 7.95 5.63
N THR A 87 -2.37 8.76 6.65
CA THR A 87 -3.40 8.46 7.62
C THR A 87 -4.74 8.93 7.08
N ARG A 88 -5.66 7.98 6.98
CA ARG A 88 -7.00 8.22 6.48
C ARG A 88 -7.59 6.91 5.96
N LEU A 89 -8.14 6.12 6.84
CA LEU A 89 -8.79 4.88 6.43
C LEU A 89 -10.19 4.81 7.02
N ASP A 90 -11.06 4.10 6.32
CA ASP A 90 -12.43 3.94 6.72
C ASP A 90 -12.83 2.48 6.50
N LYS A 91 -13.78 1.99 7.30
CA LYS A 91 -14.17 0.59 7.24
C LYS A 91 -14.80 0.24 5.89
N ALA A 92 -15.55 1.18 5.32
CA ALA A 92 -16.16 0.98 4.02
C ALA A 92 -15.11 1.15 2.92
N ALA A 93 -14.09 1.96 3.21
CA ALA A 93 -12.99 2.17 2.27
C ALA A 93 -12.09 0.93 2.24
N CYS A 94 -12.00 0.24 3.37
CA CYS A 94 -11.28 -1.02 3.46
C CYS A 94 -11.83 -2.02 2.45
N VAL A 95 -13.16 -2.14 2.40
CA VAL A 95 -13.80 -3.03 1.46
C VAL A 95 -13.51 -2.60 0.03
N SER A 96 -13.53 -1.28 -0.19
CA SER A 96 -13.29 -0.72 -1.50
C SER A 96 -11.88 -1.05 -2.01
N LEU A 97 -10.92 -1.10 -1.10
CA LEU A 97 -9.54 -1.40 -1.46
C LEU A 97 -9.37 -2.89 -1.72
N ALA A 98 -10.24 -3.69 -1.12
CA ALA A 98 -10.22 -5.13 -1.34
C ALA A 98 -10.94 -5.47 -2.64
N THR A 99 -11.86 -4.59 -3.04
CA THR A 99 -12.59 -4.76 -4.28
C THR A 99 -11.81 -4.14 -5.44
N LEU A 100 -10.73 -3.45 -5.10
CA LEU A 100 -9.91 -2.77 -6.09
C LEU A 100 -8.92 -3.77 -6.67
N ASN A 101 -9.04 -4.03 -7.96
CA ASN A 101 -8.16 -4.99 -8.61
C ASN A 101 -6.78 -4.42 -8.82
N LEU A 102 -5.91 -4.70 -7.87
CA LEU A 102 -4.53 -4.31 -7.96
C LEU A 102 -3.66 -5.56 -7.88
N GLY A 103 -3.41 -6.13 -9.04
CA GLY A 103 -2.52 -7.26 -9.15
C GLY A 103 -1.40 -6.98 -10.13
N THR A 104 -1.75 -6.97 -11.41
CA THR A 104 -0.83 -6.55 -12.45
C THR A 104 -0.40 -5.10 -12.21
N SER A 105 -1.31 -4.34 -11.61
CA SER A 105 -1.10 -2.94 -11.32
C SER A 105 -0.56 -2.74 -9.91
N ALA A 106 -0.13 -3.82 -9.28
CA ALA A 106 0.39 -3.74 -7.93
C ALA A 106 1.72 -4.43 -7.80
N LYS A 107 2.45 -4.08 -6.74
CA LYS A 107 3.64 -4.80 -6.40
C LYS A 107 3.26 -5.88 -5.40
N GLY A 108 2.40 -5.50 -4.46
CA GLY A 108 1.87 -6.42 -3.49
C GLY A 108 1.07 -5.71 -2.44
N TYR A 109 -0.01 -6.32 -2.04
CA TYR A 109 -0.91 -5.70 -1.08
C TYR A 109 -0.71 -6.33 0.30
N GLY A 110 -0.39 -5.52 1.29
CA GLY A 110 -0.17 -6.03 2.62
C GLY A 110 -1.18 -5.51 3.60
N VAL A 111 -1.33 -6.17 4.73
CA VAL A 111 -2.24 -5.72 5.78
C VAL A 111 -1.61 -5.94 7.14
N ASN A 112 -1.61 -4.91 7.98
CA ASN A 112 -1.06 -5.01 9.34
C ASN A 112 0.43 -5.31 9.33
N ILE A 113 1.10 -4.89 8.28
CA ILE A 113 2.52 -5.11 8.14
C ILE A 113 3.30 -3.88 8.58
N SER A 114 4.04 -4.02 9.67
CA SER A 114 4.88 -2.94 10.15
C SER A 114 6.28 -3.07 9.57
N GLY A 115 6.45 -2.52 8.37
CA GLY A 115 7.73 -2.60 7.69
C GLY A 115 7.56 -2.49 6.19
N GLU A 116 6.81 -1.48 5.76
CA GLU A 116 6.52 -1.26 4.34
C GLU A 116 7.80 -1.18 3.52
N ASN A 117 8.82 -0.53 4.09
CA ASN A 117 10.12 -0.35 3.43
C ASN A 117 10.66 -1.68 2.92
N ASN A 118 10.31 -2.77 3.60
CA ASN A 118 10.72 -4.10 3.19
C ASN A 118 9.55 -5.07 3.38
N ILE A 119 8.52 -4.90 2.57
CA ILE A 119 7.33 -5.73 2.63
C ILE A 119 7.66 -7.21 2.40
N THR A 120 6.86 -8.10 3.00
CA THR A 120 7.10 -9.52 2.95
C THR A 120 6.53 -10.16 1.67
N SER A 121 6.79 -11.46 1.51
CA SER A 121 6.33 -12.21 0.34
C SER A 121 4.81 -12.15 0.17
N PHE A 122 4.35 -12.46 -1.03
CA PHE A 122 2.96 -12.25 -1.40
C PHE A 122 2.24 -13.58 -1.66
N GLY A 123 0.98 -13.64 -1.26
CA GLY A 123 0.16 -14.83 -1.49
C GLY A 123 -1.25 -14.45 -1.90
N ASN A 124 -2.24 -14.96 -1.18
CA ASN A 124 -3.64 -14.59 -1.45
C ASN A 124 -4.39 -14.31 -0.16
N SER A 125 -3.65 -14.23 0.95
CA SER A 125 -4.25 -13.95 2.24
C SER A 125 -3.80 -12.58 2.74
N ALA A 126 -4.49 -12.06 3.73
CA ALA A 126 -4.19 -10.74 4.28
C ALA A 126 -3.90 -10.82 5.76
N ASP A 127 -3.67 -9.65 6.38
CA ASP A 127 -3.44 -9.54 7.82
C ASP A 127 -2.18 -10.27 8.25
N GLN A 128 -1.14 -9.49 8.56
CA GLN A 128 0.15 -9.99 9.02
C GLN A 128 0.89 -10.69 7.88
N ALA A 129 0.34 -10.54 6.69
CA ALA A 129 0.92 -11.09 5.48
C ALA A 129 0.48 -10.26 4.29
N ALA A 130 1.13 -10.48 3.15
CA ALA A 130 0.80 -9.75 1.94
C ALA A 130 0.32 -10.70 0.85
N LYS A 131 -0.42 -10.18 -0.12
CA LYS A 131 -0.88 -11.00 -1.22
C LYS A 131 -0.56 -10.33 -2.54
N SER A 132 -0.62 -11.11 -3.61
CA SER A 132 -0.18 -10.65 -4.92
C SER A 132 -1.26 -9.84 -5.64
N THR A 133 -2.52 -10.11 -5.35
CA THR A 133 -3.63 -9.44 -6.02
C THR A 133 -4.76 -9.10 -5.07
N ALA A 134 -5.42 -7.98 -5.31
CA ALA A 134 -6.63 -7.62 -4.61
C ALA A 134 -7.77 -7.61 -5.61
N ILE A 135 -8.88 -8.24 -5.26
CA ILE A 135 -10.02 -8.38 -6.17
C ILE A 135 -10.99 -9.43 -5.65
N THR A 136 -10.56 -10.15 -4.66
CA THR A 136 -11.32 -11.28 -4.16
C THR A 136 -12.02 -10.93 -2.84
N PRO A 137 -13.26 -11.39 -2.69
CA PRO A 137 -13.97 -11.33 -1.41
C PRO A 137 -13.12 -11.89 -0.27
N ALA A 138 -12.31 -12.90 -0.58
CA ALA A 138 -11.39 -13.48 0.38
C ALA A 138 -10.46 -12.41 0.98
N GLU A 139 -9.94 -11.54 0.11
CA GLU A 139 -9.14 -10.40 0.54
C GLU A 139 -9.93 -9.54 1.52
N ALA A 140 -11.14 -9.16 1.12
CA ALA A 140 -12.00 -8.31 1.95
C ALA A 140 -12.29 -8.94 3.30
N ALA A 141 -12.50 -10.26 3.30
CA ALA A 141 -12.86 -10.97 4.51
C ALA A 141 -11.65 -11.14 5.43
N THR A 142 -10.46 -11.22 4.87
CA THR A 142 -9.26 -11.43 5.67
C THR A 142 -8.68 -10.11 6.17
N ALA A 143 -8.80 -9.07 5.37
CA ALA A 143 -8.27 -7.75 5.75
C ALA A 143 -8.99 -7.20 6.98
N CYS A 144 -10.24 -6.80 6.82
CA CYS A 144 -11.01 -6.23 7.91
C CYS A 144 -11.96 -7.25 8.53
N LYS A 145 -11.38 -8.24 9.19
CA LYS A 145 -12.16 -9.28 9.85
C LYS A 145 -12.32 -8.98 11.34
N ASN A 146 -11.20 -8.84 12.04
CA ASN A 146 -11.21 -8.66 13.48
C ASN A 146 -10.23 -7.57 13.89
N THR A 147 -9.91 -6.69 12.96
CA THR A 147 -8.95 -5.63 13.21
C THR A 147 -9.65 -4.38 13.73
N ASP A 148 -9.45 -4.10 15.01
CA ASP A 148 -10.01 -2.89 15.63
C ASP A 148 -8.88 -1.96 16.02
N SER A 149 -8.12 -2.37 17.03
CA SER A 149 -7.05 -1.56 17.58
C SER A 149 -5.76 -1.78 16.79
N THR A 150 -5.89 -2.43 15.64
CA THR A 150 -4.76 -2.71 14.77
C THR A 150 -5.06 -2.28 13.35
N ASN A 151 -6.08 -1.44 13.18
CA ASN A 151 -6.66 -1.18 11.86
C ASN A 151 -5.76 -0.29 11.00
N LYS A 152 -4.94 -0.92 10.16
CA LYS A 152 -4.04 -0.21 9.25
C LYS A 152 -3.52 -1.12 8.15
N VAL A 153 -3.40 -0.59 6.95
CA VAL A 153 -2.99 -1.38 5.81
C VAL A 153 -2.04 -0.62 4.88
N THR A 154 -0.76 -0.90 5.00
CA THR A 154 0.23 -0.46 4.02
C THR A 154 0.22 -1.39 2.79
N TYR A 155 0.20 -0.83 1.58
CA TYR A 155 0.25 -1.68 0.38
C TYR A 155 0.96 -1.02 -0.81
N PHE A 156 1.82 -1.80 -1.47
CA PHE A 156 2.54 -1.33 -2.65
C PHE A 156 1.79 -1.66 -3.93
N MET A 157 1.83 -0.75 -4.90
CA MET A 157 1.26 -1.01 -6.20
C MET A 157 2.03 -0.24 -7.27
N LYS A 158 2.05 -0.78 -8.48
CA LYS A 158 2.80 -0.18 -9.59
C LYS A 158 1.87 0.63 -10.48
N MET A 1 -16.18 -9.00 4.70
CA MET A 1 -17.54 -9.61 4.71
C MET A 1 -18.30 -9.19 3.45
N GLU A 2 -17.57 -8.75 2.44
CA GLU A 2 -18.15 -8.16 1.25
C GLU A 2 -17.78 -8.98 0.02
N GLN A 3 -17.91 -8.36 -1.14
CA GLN A 3 -17.58 -9.01 -2.40
C GLN A 3 -16.92 -7.99 -3.33
N SER A 4 -16.42 -8.46 -4.46
CA SER A 4 -15.80 -7.56 -5.43
C SER A 4 -16.86 -6.87 -6.28
N ALA A 5 -17.38 -5.77 -5.76
CA ALA A 5 -18.43 -5.03 -6.43
C ALA A 5 -17.84 -3.98 -7.37
N SER A 6 -16.82 -3.28 -6.89
CA SER A 6 -16.19 -2.22 -7.67
C SER A 6 -14.90 -2.72 -8.33
N ASP A 7 -14.82 -4.04 -8.49
CA ASP A 7 -13.61 -4.71 -8.99
C ASP A 7 -13.15 -4.15 -10.33
N SER A 8 -14.11 -3.80 -11.17
CA SER A 8 -13.78 -3.30 -12.49
C SER A 8 -13.71 -1.77 -12.48
N ASN A 9 -14.66 -1.14 -11.79
CA ASN A 9 -14.81 0.31 -11.83
C ASN A 9 -13.65 1.02 -11.12
N LYS A 10 -13.47 0.73 -9.84
CA LYS A 10 -12.54 1.50 -9.02
C LYS A 10 -11.10 1.11 -9.34
N SER A 11 -10.90 -0.13 -9.77
CA SER A 11 -9.58 -0.62 -10.11
C SER A 11 -8.97 0.21 -11.25
N GLN A 12 -9.72 0.38 -12.33
CA GLN A 12 -9.24 1.10 -13.51
C GLN A 12 -8.82 2.52 -13.15
N ASN A 13 -9.68 3.19 -12.39
CA ASN A 13 -9.45 4.58 -12.02
C ASN A 13 -8.15 4.74 -11.25
N ALA A 14 -7.99 3.95 -10.19
CA ALA A 14 -6.82 4.05 -9.33
C ALA A 14 -5.54 3.69 -10.09
N ILE A 15 -5.60 2.64 -10.89
CA ILE A 15 -4.45 2.19 -11.66
C ILE A 15 -4.07 3.23 -12.71
N SER A 16 -5.09 3.84 -13.31
CA SER A 16 -4.87 4.90 -14.29
C SER A 16 -4.08 6.05 -13.65
N GLU A 17 -4.44 6.39 -12.42
CA GLU A 17 -3.78 7.47 -11.70
C GLU A 17 -2.35 7.08 -11.31
N VAL A 18 -2.20 5.89 -10.72
CA VAL A 18 -0.91 5.45 -10.21
C VAL A 18 0.10 5.25 -11.35
N MET A 19 -0.40 4.86 -12.52
CA MET A 19 0.46 4.69 -13.70
C MET A 19 1.16 6.00 -14.03
N SER A 20 0.43 7.09 -13.91
CA SER A 20 0.98 8.41 -14.13
C SER A 20 1.87 8.82 -12.95
N ALA A 21 1.53 8.31 -11.77
CA ALA A 21 2.27 8.65 -10.56
C ALA A 21 3.68 8.08 -10.59
N THR A 22 3.81 6.77 -10.83
CA THR A 22 5.12 6.12 -10.83
C THR A 22 6.04 6.71 -11.89
N SER A 23 5.47 7.05 -13.05
CA SER A 23 6.26 7.62 -14.13
C SER A 23 6.65 9.07 -13.80
N ALA A 24 5.73 9.79 -13.15
CA ALA A 24 5.99 11.17 -12.77
C ALA A 24 7.08 11.24 -11.71
N ILE A 25 6.97 10.42 -10.68
CA ILE A 25 7.93 10.45 -9.58
C ILE A 25 9.30 9.92 -10.01
N ASN A 26 9.31 8.94 -10.91
CA ASN A 26 10.58 8.41 -11.41
C ASN A 26 11.27 9.47 -12.25
N GLY A 27 10.46 10.29 -12.92
CA GLY A 27 10.98 11.41 -13.68
C GLY A 27 11.57 12.48 -12.77
N LEU A 28 11.11 12.51 -11.53
CA LEU A 28 11.60 13.46 -10.56
C LEU A 28 12.92 12.97 -9.95
N TYR A 29 13.15 11.66 -10.04
CA TYR A 29 14.34 11.05 -9.47
C TYR A 29 15.11 10.28 -10.52
N ILE A 30 15.15 10.81 -11.74
CA ILE A 30 15.88 10.17 -12.82
C ILE A 30 17.37 10.11 -12.51
N GLY A 31 17.86 8.91 -12.31
CA GLY A 31 19.25 8.72 -11.96
C GLY A 31 19.39 8.02 -10.63
N GLN A 32 18.28 7.90 -9.91
CA GLN A 32 18.28 7.23 -8.62
C GLN A 32 17.87 5.77 -8.78
N THR A 33 17.05 5.52 -9.80
CA THR A 33 16.52 4.18 -10.07
C THR A 33 15.43 3.78 -9.06
N SER A 34 15.76 3.87 -7.78
CA SER A 34 14.83 3.46 -6.75
C SER A 34 14.50 4.60 -5.78
N TYR A 35 14.63 5.85 -6.26
CA TYR A 35 14.31 7.03 -5.44
C TYR A 35 15.22 7.07 -4.22
N SER A 36 16.37 6.43 -4.36
CA SER A 36 17.38 6.43 -3.33
C SER A 36 17.73 7.86 -2.95
N GLY A 37 17.98 8.07 -1.68
CA GLY A 37 18.07 9.42 -1.16
C GLY A 37 16.99 9.66 -0.15
N LEU A 38 15.78 9.20 -0.48
CA LEU A 38 14.69 9.22 0.48
C LEU A 38 14.81 8.04 1.43
N ASP A 39 15.28 6.92 0.88
CA ASP A 39 15.36 5.64 1.58
C ASP A 39 15.91 5.77 3.00
N SER A 40 17.21 6.00 3.09
CA SER A 40 17.88 6.03 4.36
C SER A 40 17.41 7.21 5.20
N THR A 41 17.13 8.33 4.54
CA THR A 41 16.75 9.56 5.22
C THR A 41 15.46 9.37 6.02
N ILE A 42 14.42 8.81 5.38
CA ILE A 42 13.14 8.63 6.03
C ILE A 42 13.21 7.53 7.08
N LEU A 43 14.04 6.52 6.81
CA LEU A 43 14.22 5.41 7.74
C LEU A 43 14.84 5.89 9.05
N LEU A 44 16.02 6.50 8.96
CA LEU A 44 16.73 6.94 10.16
C LEU A 44 16.08 8.17 10.79
N ASN A 45 15.13 8.77 10.07
CA ASN A 45 14.44 9.96 10.52
C ASN A 45 13.70 9.71 11.83
N THR A 46 12.96 8.62 11.86
CA THR A 46 12.09 8.34 12.99
C THR A 46 12.52 7.08 13.75
N SER A 47 13.27 7.29 14.82
CA SER A 47 13.62 6.21 15.74
C SER A 47 14.40 5.09 15.05
N ALA A 48 15.02 5.41 13.90
CA ALA A 48 15.74 4.43 13.06
C ALA A 48 14.77 3.45 12.39
N ILE A 49 13.72 3.08 13.11
CA ILE A 49 12.65 2.27 12.55
C ILE A 49 11.36 3.08 12.60
N PRO A 50 10.95 3.63 11.46
CA PRO A 50 9.74 4.46 11.35
C PRO A 50 8.49 3.77 11.88
N ASP A 51 7.94 4.29 12.97
CA ASP A 51 6.75 3.72 13.60
C ASP A 51 5.50 4.10 12.81
N ASN A 52 5.66 5.03 11.87
CA ASN A 52 4.55 5.51 11.05
C ASN A 52 4.03 4.40 10.15
N TYR A 53 4.82 3.34 10.00
CA TYR A 53 4.47 2.17 9.21
C TYR A 53 3.17 1.54 9.70
N LYS A 54 2.73 1.94 10.87
CA LYS A 54 1.48 1.46 11.43
C LYS A 54 0.78 2.57 12.19
N ASP A 55 -0.54 2.56 12.16
CA ASP A 55 -1.33 3.48 12.95
C ASP A 55 -2.03 2.69 14.07
N THR A 56 -2.62 3.40 15.03
CA THR A 56 -3.37 2.76 16.10
C THR A 56 -4.75 3.37 16.24
N THR A 57 -5.12 4.18 15.27
CA THR A 57 -6.41 4.85 15.27
C THR A 57 -7.44 3.97 14.58
N ASN A 58 -7.06 3.48 13.38
CA ASN A 58 -7.86 2.62 12.50
C ASN A 58 -7.59 2.96 11.05
N LYS A 59 -6.60 3.82 10.80
CA LYS A 59 -6.44 4.40 9.48
C LYS A 59 -5.00 4.80 9.13
N LYS A 60 -4.21 3.85 8.63
CA LYS A 60 -3.00 4.16 7.90
C LYS A 60 -2.79 3.14 6.79
N ILE A 61 -2.70 3.63 5.56
CA ILE A 61 -2.42 2.76 4.42
C ILE A 61 -1.27 3.33 3.60
N THR A 62 -0.48 2.46 3.00
CA THR A 62 0.63 2.89 2.19
C THR A 62 0.26 2.90 0.70
N ASN A 63 0.72 3.94 0.00
CA ASN A 63 0.40 4.17 -1.42
C ASN A 63 -1.07 4.56 -1.65
N PRO A 64 -1.66 5.44 -0.81
CA PRO A 64 -3.01 5.94 -1.03
C PRO A 64 -3.04 7.12 -2.00
N PHE A 65 -4.14 7.87 -1.97
CA PHE A 65 -4.38 8.90 -2.98
C PHE A 65 -3.77 10.25 -2.63
N GLY A 66 -3.95 10.76 -1.41
CA GLY A 66 -3.48 12.11 -1.14
C GLY A 66 -4.13 12.75 0.06
N GLY A 67 -3.53 12.55 1.21
CA GLY A 67 -3.91 13.25 2.41
C GLY A 67 -2.70 13.57 3.25
N GLU A 68 -2.67 13.03 4.46
CA GLU A 68 -1.51 13.16 5.30
C GLU A 68 -0.55 12.02 4.98
N LEU A 69 0.46 12.31 4.17
CA LEU A 69 1.33 11.27 3.64
C LEU A 69 2.81 11.52 3.90
N ASN A 70 3.52 10.44 4.16
CA ASN A 70 4.97 10.45 4.27
C ASN A 70 5.57 9.80 3.03
N VAL A 71 6.52 10.46 2.40
CA VAL A 71 7.12 9.97 1.17
C VAL A 71 8.32 9.07 1.44
N GLY A 72 8.40 7.96 0.73
CA GLY A 72 9.52 7.05 0.88
C GLY A 72 9.64 6.10 -0.30
N PRO A 73 10.85 5.61 -0.58
CA PRO A 73 11.08 4.64 -1.65
C PRO A 73 11.36 3.24 -1.11
N ALA A 74 11.66 2.33 -2.01
CA ALA A 74 12.14 1.00 -1.64
C ALA A 74 13.63 0.89 -1.91
N ASN A 75 14.21 -0.25 -1.54
CA ASN A 75 15.65 -0.47 -1.76
C ASN A 75 16.00 -0.43 -3.25
N ASN A 76 15.19 -1.08 -4.07
CA ASN A 76 15.38 -1.02 -5.51
C ASN A 76 14.05 -1.24 -6.21
N ASN A 77 13.87 -0.55 -7.35
CA ASN A 77 12.59 -0.52 -8.07
C ASN A 77 12.14 -1.91 -8.51
N THR A 78 13.09 -2.79 -8.80
CA THR A 78 12.79 -4.14 -9.27
C THR A 78 11.96 -4.91 -8.24
N ALA A 79 12.26 -4.67 -6.97
CA ALA A 79 11.49 -5.28 -5.90
C ALA A 79 10.23 -4.45 -5.64
N PHE A 80 10.44 -3.19 -5.26
CA PHE A 80 9.34 -2.27 -5.00
C PHE A 80 9.75 -0.88 -5.45
N GLY A 81 8.77 -0.03 -5.69
CA GLY A 81 9.09 1.29 -6.23
C GLY A 81 9.11 2.34 -5.15
N TYR A 82 7.94 2.86 -4.84
CA TYR A 82 7.81 3.93 -3.86
C TYR A 82 6.64 3.64 -2.94
N TYR A 83 6.71 4.14 -1.72
CA TYR A 83 5.64 3.95 -0.78
C TYR A 83 5.26 5.28 -0.15
N LEU A 84 4.03 5.36 0.32
CA LEU A 84 3.53 6.58 0.97
C LEU A 84 2.78 6.22 2.24
N THR A 85 3.31 6.63 3.37
CA THR A 85 2.67 6.38 4.64
C THR A 85 1.63 7.46 4.88
N LEU A 86 0.40 7.15 4.58
CA LEU A 86 -0.67 8.13 4.65
C LEU A 86 -1.75 7.65 5.60
N THR A 87 -2.05 8.46 6.60
CA THR A 87 -3.09 8.12 7.52
C THR A 87 -4.44 8.54 6.97
N ARG A 88 -5.32 7.56 6.84
CA ARG A 88 -6.70 7.76 6.37
C ARG A 88 -7.26 6.41 5.93
N LEU A 89 -8.45 6.08 6.40
CA LEU A 89 -9.10 4.84 6.00
C LEU A 89 -10.58 4.88 6.32
N ASP A 90 -11.31 4.02 5.65
CA ASP A 90 -12.73 3.86 5.86
C ASP A 90 -13.08 2.39 5.81
N LYS A 91 -14.15 1.99 6.49
CA LYS A 91 -14.62 0.63 6.42
C LYS A 91 -15.07 0.33 4.99
N ALA A 92 -15.64 1.34 4.34
CA ALA A 92 -16.01 1.23 2.93
C ALA A 92 -14.77 1.20 2.05
N ALA A 93 -13.70 1.86 2.50
CA ALA A 93 -12.45 1.89 1.76
C ALA A 93 -11.80 0.52 1.80
N CYS A 94 -12.03 -0.20 2.90
CA CYS A 94 -11.58 -1.58 3.03
C CYS A 94 -12.15 -2.42 1.88
N VAL A 95 -13.44 -2.24 1.62
CA VAL A 95 -14.11 -2.94 0.53
C VAL A 95 -13.57 -2.48 -0.81
N SER A 96 -13.32 -1.18 -0.90
CA SER A 96 -12.79 -0.59 -2.12
C SER A 96 -11.41 -1.16 -2.46
N LEU A 97 -10.57 -1.32 -1.43
CA LEU A 97 -9.25 -1.90 -1.62
C LEU A 97 -9.35 -3.36 -2.03
N ALA A 98 -10.37 -4.03 -1.51
CA ALA A 98 -10.64 -5.42 -1.84
C ALA A 98 -11.26 -5.54 -3.23
N THR A 99 -11.52 -4.40 -3.87
CA THR A 99 -12.02 -4.40 -5.23
C THR A 99 -11.05 -3.66 -6.16
N LEU A 100 -9.91 -3.27 -5.60
CA LEU A 100 -8.91 -2.56 -6.37
C LEU A 100 -7.87 -3.56 -6.86
N ASN A 101 -8.09 -4.13 -8.04
CA ASN A 101 -7.22 -5.18 -8.54
C ASN A 101 -5.79 -4.70 -8.70
N LEU A 102 -4.94 -5.15 -7.80
CA LEU A 102 -3.53 -4.79 -7.80
C LEU A 102 -2.72 -5.74 -8.68
N GLY A 103 -3.42 -6.55 -9.46
CA GLY A 103 -2.75 -7.44 -10.38
C GLY A 103 -2.46 -6.77 -11.70
N THR A 104 -2.92 -5.53 -11.83
CA THR A 104 -2.73 -4.76 -13.06
C THR A 104 -1.41 -4.00 -13.01
N SER A 105 -1.30 -3.03 -12.10
CA SER A 105 -0.08 -2.26 -11.94
C SER A 105 0.13 -1.94 -10.46
N ALA A 106 0.51 -2.96 -9.71
CA ALA A 106 0.86 -2.78 -8.32
C ALA A 106 1.98 -3.73 -7.93
N LYS A 107 2.51 -3.57 -6.73
CA LYS A 107 3.59 -4.41 -6.27
C LYS A 107 3.08 -5.48 -5.30
N GLY A 108 2.23 -5.07 -4.36
CA GLY A 108 1.70 -5.99 -3.38
C GLY A 108 0.88 -5.29 -2.32
N TYR A 109 0.28 -6.06 -1.44
CA TYR A 109 -0.61 -5.51 -0.42
C TYR A 109 -0.44 -6.28 0.90
N GLY A 110 -0.11 -5.59 1.99
CA GLY A 110 0.17 -6.28 3.24
C GLY A 110 -0.55 -5.69 4.43
N VAL A 111 -1.47 -6.46 5.00
CA VAL A 111 -2.28 -5.98 6.10
C VAL A 111 -1.59 -6.23 7.44
N ASN A 112 -1.50 -5.17 8.25
CA ASN A 112 -0.89 -5.22 9.58
C ASN A 112 0.63 -5.14 9.54
N ILE A 113 1.21 -5.32 8.37
CA ILE A 113 2.65 -5.24 8.21
C ILE A 113 3.16 -3.85 8.61
N SER A 114 4.16 -3.82 9.49
CA SER A 114 4.82 -2.59 9.82
C SER A 114 6.28 -2.70 9.38
N GLY A 115 6.65 -1.90 8.40
CA GLY A 115 7.96 -2.02 7.79
C GLY A 115 7.88 -1.80 6.30
N GLU A 116 7.45 -0.60 5.92
CA GLU A 116 7.19 -0.28 4.52
C GLU A 116 8.48 -0.28 3.69
N ASN A 117 9.62 -0.04 4.34
CA ASN A 117 10.90 -0.04 3.63
C ASN A 117 11.27 -1.45 3.19
N ASN A 118 10.60 -2.44 3.77
CA ASN A 118 10.79 -3.84 3.40
C ASN A 118 9.58 -4.65 3.87
N ILE A 119 8.52 -4.59 3.07
CA ILE A 119 7.28 -5.27 3.40
C ILE A 119 7.45 -6.79 3.33
N THR A 120 6.68 -7.50 4.15
CA THR A 120 6.77 -8.95 4.24
C THR A 120 6.26 -9.63 2.95
N SER A 121 6.69 -10.88 2.73
CA SER A 121 6.25 -11.67 1.60
C SER A 121 4.73 -11.82 1.54
N PHE A 122 4.21 -12.14 0.36
CA PHE A 122 2.78 -12.06 0.11
C PHE A 122 2.16 -13.42 -0.19
N GLY A 123 0.85 -13.47 -0.14
CA GLY A 123 0.10 -14.66 -0.48
C GLY A 123 -1.17 -14.31 -1.22
N ASN A 124 -2.32 -14.72 -0.68
CA ASN A 124 -3.61 -14.36 -1.29
C ASN A 124 -4.66 -14.08 -0.23
N SER A 125 -4.25 -14.03 1.02
CA SER A 125 -5.17 -13.83 2.12
C SER A 125 -4.72 -12.63 2.96
N ALA A 126 -5.57 -12.20 3.88
CA ALA A 126 -5.23 -11.10 4.75
C ALA A 126 -5.71 -11.35 6.16
N ASP A 127 -4.77 -11.69 7.02
CA ASP A 127 -5.05 -11.87 8.44
C ASP A 127 -3.75 -11.66 9.19
N GLN A 128 -3.45 -10.38 9.44
CA GLN A 128 -2.15 -9.97 9.96
C GLN A 128 -1.04 -10.45 9.03
N ALA A 129 -1.35 -10.50 7.74
CA ALA A 129 -0.45 -11.05 6.73
C ALA A 129 -0.60 -10.30 5.41
N ALA A 130 0.30 -10.58 4.48
CA ALA A 130 0.32 -9.89 3.20
C ALA A 130 -0.17 -10.81 2.07
N LYS A 131 -0.64 -10.21 0.99
CA LYS A 131 -1.11 -10.94 -0.18
C LYS A 131 -0.72 -10.20 -1.45
N SER A 132 -0.82 -10.87 -2.59
CA SER A 132 -0.45 -10.25 -3.86
C SER A 132 -1.69 -9.89 -4.67
N THR A 133 -2.85 -10.06 -4.08
CA THR A 133 -4.11 -9.74 -4.76
C THR A 133 -4.87 -8.63 -4.03
N ALA A 134 -5.86 -8.08 -4.70
CA ALA A 134 -6.83 -7.20 -4.09
C ALA A 134 -8.07 -7.17 -4.97
N ILE A 135 -8.96 -8.12 -4.74
CA ILE A 135 -10.12 -8.30 -5.62
C ILE A 135 -11.00 -9.46 -5.14
N THR A 136 -10.42 -10.27 -4.30
CA THR A 136 -11.08 -11.44 -3.77
C THR A 136 -12.17 -11.06 -2.77
N PRO A 137 -13.41 -11.57 -2.95
CA PRO A 137 -14.50 -11.34 -2.00
C PRO A 137 -14.14 -11.82 -0.59
N ALA A 138 -13.66 -13.06 -0.49
CA ALA A 138 -13.25 -13.62 0.80
C ALA A 138 -12.06 -12.87 1.39
N GLU A 139 -11.34 -12.16 0.53
CA GLU A 139 -10.19 -11.37 0.94
C GLU A 139 -10.63 -10.28 1.91
N ALA A 140 -11.72 -9.59 1.54
CA ALA A 140 -12.31 -8.56 2.39
C ALA A 140 -12.91 -9.16 3.65
N ALA A 141 -13.26 -10.44 3.57
CA ALA A 141 -13.82 -11.15 4.70
C ALA A 141 -12.76 -11.39 5.77
N THR A 142 -11.56 -11.77 5.34
CA THR A 142 -10.49 -12.06 6.28
C THR A 142 -9.80 -10.76 6.72
N ALA A 143 -9.63 -9.82 5.79
CA ALA A 143 -8.91 -8.57 6.05
C ALA A 143 -9.58 -7.77 7.16
N CYS A 144 -10.78 -7.25 6.89
CA CYS A 144 -11.51 -6.49 7.87
C CYS A 144 -12.41 -7.42 8.68
N LYS A 145 -11.77 -8.22 9.51
CA LYS A 145 -12.47 -9.16 10.37
C LYS A 145 -12.48 -8.63 11.80
N ASN A 146 -11.33 -8.71 12.45
CA ASN A 146 -11.17 -8.25 13.82
C ASN A 146 -9.99 -7.29 13.90
N THR A 147 -9.72 -6.65 12.77
CA THR A 147 -8.58 -5.75 12.62
C THR A 147 -8.50 -4.73 13.76
N ASP A 148 -9.65 -4.13 14.09
CA ASP A 148 -9.76 -3.24 15.25
C ASP A 148 -8.70 -2.12 15.20
N SER A 149 -8.01 -1.88 16.31
CA SER A 149 -7.02 -0.82 16.39
C SER A 149 -5.86 -1.07 15.43
N THR A 150 -5.58 -2.34 15.18
CA THR A 150 -4.53 -2.71 14.25
C THR A 150 -5.03 -2.68 12.80
N ASN A 151 -5.88 -1.70 12.50
CA ASN A 151 -6.47 -1.55 11.18
C ASN A 151 -5.53 -0.78 10.25
N LYS A 152 -4.25 -1.15 10.29
CA LYS A 152 -3.24 -0.50 9.47
C LYS A 152 -2.69 -1.46 8.43
N VAL A 153 -2.63 -1.00 7.19
CA VAL A 153 -2.16 -1.83 6.10
C VAL A 153 -1.27 -1.03 5.13
N THR A 154 0.02 -1.33 5.14
CA THR A 154 0.92 -0.82 4.13
C THR A 154 0.77 -1.63 2.84
N TYR A 155 0.68 -0.97 1.69
CA TYR A 155 0.73 -1.71 0.44
C TYR A 155 1.52 -0.97 -0.62
N PHE A 156 1.94 -1.69 -1.64
CA PHE A 156 2.74 -1.12 -2.70
C PHE A 156 2.05 -1.28 -4.05
N MET A 157 2.07 -0.22 -4.82
CA MET A 157 1.48 -0.25 -6.14
C MET A 157 2.33 0.58 -7.10
N LYS A 158 2.62 0.00 -8.25
CA LYS A 158 3.50 0.63 -9.21
C LYS A 158 2.75 1.68 -10.02
N MET A 1 -21.67 -10.44 -1.71
CA MET A 1 -20.58 -10.63 -0.71
C MET A 1 -19.42 -11.40 -1.29
N GLU A 2 -19.65 -12.67 -1.64
CA GLU A 2 -18.61 -13.50 -2.23
C GLU A 2 -18.24 -12.99 -3.62
N GLN A 3 -19.17 -12.32 -4.26
CA GLN A 3 -18.89 -11.67 -5.53
C GLN A 3 -18.30 -10.28 -5.28
N SER A 4 -17.11 -10.05 -5.80
CA SER A 4 -16.42 -8.79 -5.63
C SER A 4 -17.10 -7.69 -6.46
N ALA A 5 -17.88 -6.86 -5.79
CA ALA A 5 -18.56 -5.75 -6.46
C ALA A 5 -17.62 -4.58 -6.64
N SER A 6 -17.73 -3.91 -7.79
CA SER A 6 -16.85 -2.79 -8.15
C SER A 6 -15.43 -3.28 -8.45
N ASP A 7 -15.32 -4.58 -8.73
CA ASP A 7 -14.05 -5.24 -9.04
C ASP A 7 -13.41 -4.64 -10.28
N SER A 8 -14.24 -4.09 -11.14
CA SER A 8 -13.75 -3.40 -12.32
C SER A 8 -14.03 -1.91 -12.20
N ASN A 9 -15.23 -1.58 -11.73
CA ASN A 9 -15.70 -0.21 -11.63
C ASN A 9 -14.74 0.68 -10.83
N LYS A 10 -14.37 0.24 -9.64
CA LYS A 10 -13.53 1.04 -8.76
C LYS A 10 -12.06 0.82 -9.06
N SER A 11 -11.74 -0.39 -9.51
CA SER A 11 -10.36 -0.77 -9.81
C SER A 11 -9.77 0.16 -10.88
N GLN A 12 -10.55 0.43 -11.92
CA GLN A 12 -10.10 1.26 -13.05
C GLN A 12 -9.66 2.64 -12.58
N ASN A 13 -10.38 3.20 -11.61
CA ASN A 13 -10.06 4.53 -11.09
C ASN A 13 -8.72 4.54 -10.40
N ALA A 14 -8.43 3.47 -9.66
CA ALA A 14 -7.18 3.37 -8.93
C ALA A 14 -6.01 3.10 -9.86
N ILE A 15 -6.19 2.15 -10.78
CA ILE A 15 -5.15 1.77 -11.73
C ILE A 15 -4.65 3.00 -12.49
N SER A 16 -5.58 3.77 -13.03
CA SER A 16 -5.25 4.96 -13.80
C SER A 16 -4.52 5.99 -12.92
N GLU A 17 -4.95 6.08 -11.67
CA GLU A 17 -4.38 7.04 -10.74
C GLU A 17 -2.95 6.67 -10.39
N VAL A 18 -2.72 5.39 -10.10
CA VAL A 18 -1.40 4.91 -9.72
C VAL A 18 -0.42 5.02 -10.89
N MET A 19 -0.87 4.63 -12.07
CA MET A 19 -0.04 4.71 -13.27
C MET A 19 0.40 6.15 -13.54
N SER A 20 -0.47 7.09 -13.20
CA SER A 20 -0.15 8.50 -13.35
C SER A 20 0.78 8.94 -12.21
N ALA A 21 0.58 8.37 -11.03
CA ALA A 21 1.35 8.74 -9.85
C ALA A 21 2.81 8.31 -9.99
N THR A 22 3.02 7.05 -10.34
CA THR A 22 4.36 6.51 -10.50
C THR A 22 5.14 7.27 -11.58
N SER A 23 4.43 7.65 -12.65
CA SER A 23 5.03 8.41 -13.73
C SER A 23 5.30 9.86 -13.28
N ALA A 24 4.45 10.36 -12.39
CA ALA A 24 4.59 11.73 -11.91
C ALA A 24 5.71 11.84 -10.88
N ILE A 25 5.83 10.88 -10.00
CA ILE A 25 6.85 10.94 -8.96
C ILE A 25 8.24 10.65 -9.53
N ASN A 26 8.35 9.63 -10.37
CA ASN A 26 9.63 9.31 -11.00
C ASN A 26 10.02 10.40 -11.99
N GLY A 27 9.02 11.18 -12.39
CA GLY A 27 9.27 12.30 -13.28
C GLY A 27 9.74 13.53 -12.53
N LEU A 28 9.56 13.53 -11.22
CA LEU A 28 10.04 14.62 -10.38
C LEU A 28 11.47 14.32 -9.92
N TYR A 29 11.77 13.04 -9.73
CA TYR A 29 13.11 12.59 -9.35
C TYR A 29 13.98 12.42 -10.59
N ILE A 30 13.62 11.45 -11.43
CA ILE A 30 14.30 11.19 -12.69
C ILE A 30 15.68 10.58 -12.49
N GLY A 31 15.80 9.29 -12.82
CA GLY A 31 17.09 8.64 -12.77
C GLY A 31 17.45 8.15 -11.38
N GLN A 32 16.51 7.47 -10.73
CA GLN A 32 16.76 6.91 -9.41
C GLN A 32 16.69 5.39 -9.48
N THR A 33 17.55 4.74 -8.69
CA THR A 33 17.55 3.29 -8.60
C THR A 33 16.21 2.78 -8.07
N SER A 34 15.77 3.38 -6.98
CA SER A 34 14.46 3.07 -6.39
C SER A 34 14.08 4.19 -5.44
N TYR A 35 14.39 5.43 -5.84
CA TYR A 35 14.25 6.60 -4.97
C TYR A 35 15.18 6.44 -3.78
N SER A 36 16.19 5.61 -4.00
CA SER A 36 17.20 5.30 -3.02
C SER A 36 17.95 6.57 -2.62
N GLY A 37 18.24 6.66 -1.34
CA GLY A 37 18.77 7.88 -0.78
C GLY A 37 17.83 8.39 0.28
N LEU A 38 16.54 8.34 -0.02
CA LEU A 38 15.53 8.65 0.96
C LEU A 38 15.39 7.48 1.94
N ASP A 39 15.61 6.27 1.41
CA ASP A 39 15.37 5.04 2.16
C ASP A 39 16.28 4.94 3.37
N SER A 40 17.58 5.01 3.14
CA SER A 40 18.57 4.88 4.21
C SER A 40 18.44 6.02 5.22
N THR A 41 17.77 7.08 4.81
CA THR A 41 17.56 8.22 5.69
C THR A 41 16.34 8.01 6.58
N ILE A 42 15.19 7.73 5.95
CA ILE A 42 13.89 7.67 6.66
C ILE A 42 13.89 6.68 7.84
N LEU A 43 14.63 5.60 7.68
CA LEU A 43 14.62 4.53 8.66
C LEU A 43 15.22 5.00 9.99
N LEU A 44 16.50 5.38 9.96
CA LEU A 44 17.16 5.87 11.16
C LEU A 44 16.62 7.25 11.55
N ASN A 45 16.04 7.93 10.56
CA ASN A 45 15.41 9.22 10.78
C ASN A 45 14.32 9.08 11.81
N THR A 46 13.40 8.17 11.55
CA THR A 46 12.30 7.95 12.46
C THR A 46 12.68 6.88 13.47
N SER A 47 13.20 7.33 14.62
CA SER A 47 13.65 6.46 15.70
C SER A 47 14.84 5.56 15.28
N ALA A 48 14.60 4.75 14.26
CA ALA A 48 15.44 3.61 13.87
C ALA A 48 14.60 2.69 13.02
N ILE A 49 13.32 2.60 13.41
CA ILE A 49 12.31 1.86 12.67
C ILE A 49 11.11 2.79 12.43
N PRO A 50 10.75 3.03 11.16
CA PRO A 50 9.65 3.95 10.84
C PRO A 50 8.30 3.41 11.28
N ASP A 51 7.78 4.00 12.34
CA ASP A 51 6.53 3.59 12.96
C ASP A 51 5.33 4.08 12.14
N ASN A 52 5.62 4.95 11.19
CA ASN A 52 4.60 5.70 10.45
C ASN A 52 3.77 4.84 9.50
N TYR A 53 4.05 3.53 9.42
CA TYR A 53 3.35 2.69 8.44
C TYR A 53 2.12 2.04 9.05
N LYS A 54 1.68 2.59 10.17
CA LYS A 54 0.45 2.17 10.79
C LYS A 54 -0.32 3.38 11.31
N ASP A 55 -1.62 3.20 11.47
CA ASP A 55 -2.47 4.18 12.14
C ASP A 55 -3.16 3.49 13.31
N THR A 56 -3.51 4.26 14.32
CA THR A 56 -4.11 3.69 15.52
C THR A 56 -5.60 4.02 15.61
N THR A 57 -6.12 4.68 14.59
CA THR A 57 -7.54 5.00 14.55
C THR A 57 -8.29 3.95 13.72
N ASN A 58 -7.85 3.79 12.47
CA ASN A 58 -8.42 2.82 11.52
C ASN A 58 -8.10 3.20 10.07
N LYS A 59 -7.21 4.18 9.88
CA LYS A 59 -6.99 4.72 8.54
C LYS A 59 -5.53 5.08 8.28
N LYS A 60 -4.78 4.10 7.80
CA LYS A 60 -3.44 4.34 7.25
C LYS A 60 -3.23 3.44 6.03
N ILE A 61 -2.93 4.04 4.90
CA ILE A 61 -2.69 3.28 3.68
C ILE A 61 -1.51 3.86 2.90
N THR A 62 -0.66 2.97 2.40
CA THR A 62 0.41 3.38 1.49
C THR A 62 -0.08 3.38 0.06
N ASN A 63 -0.05 4.57 -0.56
CA ASN A 63 -0.45 4.78 -1.96
C ASN A 63 -0.89 6.24 -2.21
N PRO A 64 -1.76 6.80 -1.34
CA PRO A 64 -2.37 8.10 -1.60
C PRO A 64 -1.40 9.26 -1.41
N PHE A 65 -1.72 10.39 -2.02
CA PHE A 65 -0.87 11.57 -1.93
C PHE A 65 -1.71 12.82 -1.68
N GLY A 66 -2.99 12.62 -1.40
CA GLY A 66 -3.88 13.74 -1.16
C GLY A 66 -4.33 13.81 0.28
N GLY A 67 -3.38 13.56 1.18
CA GLY A 67 -3.66 13.56 2.59
C GLY A 67 -2.38 13.77 3.37
N GLU A 68 -2.25 13.06 4.47
CA GLU A 68 -1.02 13.09 5.24
C GLU A 68 -0.14 11.92 4.86
N LEU A 69 0.83 12.17 3.99
CA LEU A 69 1.69 11.12 3.47
C LEU A 69 3.05 11.09 4.15
N ASN A 70 3.57 9.89 4.33
CA ASN A 70 4.93 9.68 4.79
C ASN A 70 5.79 9.23 3.62
N VAL A 71 6.86 9.97 3.37
CA VAL A 71 7.72 9.68 2.22
C VAL A 71 8.66 8.51 2.52
N GLY A 72 8.72 7.56 1.59
CA GLY A 72 9.60 6.43 1.75
C GLY A 72 9.74 5.63 0.48
N PRO A 73 10.98 5.34 0.06
CA PRO A 73 11.26 4.46 -1.06
C PRO A 73 11.62 3.05 -0.63
N ALA A 74 11.73 2.16 -1.59
CA ALA A 74 12.11 0.78 -1.33
C ALA A 74 13.60 0.59 -1.53
N ASN A 75 14.07 -0.64 -1.40
CA ASN A 75 15.49 -0.93 -1.55
C ASN A 75 15.88 -1.02 -3.03
N ASN A 76 15.06 -1.67 -3.85
CA ASN A 76 15.33 -1.75 -5.27
C ASN A 76 14.05 -1.82 -6.08
N ASN A 77 14.07 -1.27 -7.29
CA ASN A 77 12.89 -1.20 -8.15
C ASN A 77 12.58 -2.57 -8.76
N THR A 78 13.57 -3.46 -8.78
CA THR A 78 13.37 -4.81 -9.29
C THR A 78 12.49 -5.60 -8.33
N ALA A 79 12.36 -5.10 -7.12
CA ALA A 79 11.52 -5.72 -6.10
C ALA A 79 10.29 -4.86 -5.85
N PHE A 80 10.52 -3.61 -5.48
CA PHE A 80 9.45 -2.68 -5.19
C PHE A 80 9.72 -1.36 -5.90
N GLY A 81 9.44 -0.25 -5.24
CA GLY A 81 9.71 1.04 -5.84
C GLY A 81 9.63 2.17 -4.83
N TYR A 82 8.43 2.65 -4.60
CA TYR A 82 8.22 3.74 -3.67
C TYR A 82 6.94 3.50 -2.89
N TYR A 83 6.76 4.20 -1.79
CA TYR A 83 5.55 4.09 -1.02
C TYR A 83 5.26 5.38 -0.27
N LEU A 84 3.99 5.72 -0.18
CA LEU A 84 3.55 6.89 0.56
C LEU A 84 2.50 6.47 1.59
N THR A 85 2.93 6.36 2.84
CA THR A 85 2.06 5.89 3.89
C THR A 85 1.25 7.06 4.44
N LEU A 86 -0.04 7.06 4.12
CA LEU A 86 -0.88 8.23 4.33
C LEU A 86 -2.12 7.89 5.15
N THR A 87 -2.48 8.78 6.07
CA THR A 87 -3.73 8.62 6.82
C THR A 87 -4.92 9.06 5.99
N ARG A 88 -5.88 8.15 5.81
CA ARG A 88 -7.12 8.41 5.07
C ARG A 88 -7.68 7.08 4.57
N LEU A 89 -8.69 6.56 5.26
CA LEU A 89 -9.24 5.25 4.92
C LEU A 89 -10.65 5.12 5.51
N ASP A 90 -11.36 4.08 5.07
CA ASP A 90 -12.70 3.79 5.57
C ASP A 90 -12.87 2.28 5.66
N LYS A 91 -13.84 1.81 6.44
CA LYS A 91 -14.10 0.38 6.56
C LYS A 91 -14.54 -0.16 5.20
N ALA A 92 -15.35 0.62 4.48
CA ALA A 92 -15.81 0.23 3.15
C ALA A 92 -14.65 0.21 2.17
N ALA A 93 -13.70 1.11 2.39
CA ALA A 93 -12.52 1.19 1.54
C ALA A 93 -11.66 -0.05 1.72
N CYS A 94 -11.73 -0.66 2.89
CA CYS A 94 -11.06 -1.94 3.13
C CYS A 94 -11.57 -2.99 2.15
N VAL A 95 -12.89 -3.05 2.00
CA VAL A 95 -13.52 -3.97 1.07
C VAL A 95 -13.21 -3.56 -0.36
N SER A 96 -13.15 -2.26 -0.58
CA SER A 96 -12.80 -1.70 -1.86
C SER A 96 -11.41 -2.15 -2.33
N LEU A 97 -10.49 -2.30 -1.39
CA LEU A 97 -9.13 -2.68 -1.73
C LEU A 97 -9.06 -4.16 -2.13
N ALA A 98 -10.00 -4.95 -1.62
CA ALA A 98 -10.08 -6.36 -1.98
C ALA A 98 -10.90 -6.54 -3.25
N THR A 99 -11.66 -5.52 -3.59
CA THR A 99 -12.41 -5.50 -4.83
C THR A 99 -11.67 -4.66 -5.86
N LEU A 100 -10.44 -4.30 -5.50
CA LEU A 100 -9.56 -3.58 -6.40
C LEU A 100 -8.51 -4.55 -6.90
N ASN A 101 -8.25 -4.56 -8.20
CA ASN A 101 -7.30 -5.50 -8.75
C ASN A 101 -5.92 -4.86 -8.83
N LEU A 102 -5.14 -5.01 -7.77
CA LEU A 102 -3.81 -4.44 -7.70
C LEU A 102 -2.79 -5.27 -8.50
N GLY A 103 -3.28 -6.27 -9.21
CA GLY A 103 -2.39 -7.12 -9.99
C GLY A 103 -2.06 -6.49 -11.34
N THR A 104 -2.16 -5.18 -11.39
CA THR A 104 -1.92 -4.42 -12.61
C THR A 104 -0.92 -3.31 -12.37
N SER A 105 -1.30 -2.35 -11.54
CA SER A 105 -0.50 -1.17 -11.28
C SER A 105 0.10 -1.18 -9.88
N ALA A 106 0.26 -2.35 -9.29
CA ALA A 106 0.86 -2.46 -7.97
C ALA A 106 1.97 -3.50 -7.96
N LYS A 107 2.94 -3.31 -7.06
CA LYS A 107 4.05 -4.24 -6.94
C LYS A 107 3.59 -5.47 -6.15
N GLY A 108 2.75 -5.20 -5.17
CA GLY A 108 2.26 -6.21 -4.26
C GLY A 108 1.67 -5.53 -3.05
N TYR A 109 0.53 -5.98 -2.58
CA TYR A 109 -0.20 -5.19 -1.59
C TYR A 109 -0.51 -6.01 -0.34
N GLY A 110 -0.20 -5.44 0.81
CA GLY A 110 -0.37 -6.15 2.07
C GLY A 110 -1.23 -5.38 3.03
N VAL A 111 -1.69 -6.04 4.08
CA VAL A 111 -2.57 -5.40 5.06
C VAL A 111 -2.04 -5.63 6.47
N ASN A 112 -2.17 -4.60 7.31
CA ASN A 112 -1.73 -4.65 8.70
C ASN A 112 -0.20 -4.73 8.76
N ILE A 113 0.44 -4.20 7.74
CA ILE A 113 1.90 -4.24 7.64
C ILE A 113 2.52 -3.07 8.40
N SER A 114 3.57 -3.34 9.15
CA SER A 114 4.36 -2.31 9.78
C SER A 114 5.84 -2.60 9.59
N GLY A 115 6.37 -2.10 8.48
CA GLY A 115 7.74 -2.40 8.08
C GLY A 115 7.85 -2.43 6.57
N GLU A 116 7.42 -1.34 5.96
CA GLU A 116 7.22 -1.26 4.53
C GLU A 116 8.49 -1.54 3.72
N ASN A 117 9.63 -1.03 4.19
CA ASN A 117 10.89 -1.10 3.45
C ASN A 117 11.16 -2.53 2.96
N ASN A 118 10.82 -3.51 3.79
CA ASN A 118 10.85 -4.90 3.37
C ASN A 118 9.61 -5.64 3.88
N ILE A 119 8.48 -5.36 3.24
CA ILE A 119 7.23 -6.05 3.51
C ILE A 119 7.38 -7.56 3.33
N THR A 120 6.60 -8.32 4.12
CA THR A 120 6.68 -9.77 4.10
C THR A 120 6.13 -10.34 2.79
N SER A 121 6.27 -11.64 2.61
CA SER A 121 5.89 -12.29 1.36
C SER A 121 4.39 -12.16 1.10
N PHE A 122 4.02 -12.26 -0.17
CA PHE A 122 2.65 -12.06 -0.60
C PHE A 122 1.90 -13.38 -0.66
N GLY A 123 0.94 -13.55 0.24
CA GLY A 123 0.15 -14.77 0.27
C GLY A 123 -1.28 -14.53 -0.18
N ASN A 124 -2.23 -15.16 0.51
CA ASN A 124 -3.64 -15.06 0.16
C ASN A 124 -4.48 -14.74 1.38
N SER A 125 -3.87 -14.07 2.35
CA SER A 125 -4.59 -13.68 3.57
C SER A 125 -4.06 -12.34 4.08
N ALA A 126 -4.95 -11.54 4.67
CA ALA A 126 -4.56 -10.23 5.13
C ALA A 126 -4.62 -10.12 6.66
N ASP A 127 -3.46 -10.10 7.28
CA ASP A 127 -3.34 -9.88 8.72
C ASP A 127 -1.87 -9.85 9.09
N GLN A 128 -1.28 -8.66 8.99
CA GLN A 128 0.16 -8.48 9.17
C GLN A 128 0.92 -9.25 8.11
N ALA A 129 0.21 -9.55 7.03
CA ALA A 129 0.75 -10.32 5.94
C ALA A 129 0.32 -9.72 4.61
N ALA A 130 1.16 -9.88 3.62
CA ALA A 130 0.89 -9.34 2.31
C ALA A 130 0.13 -10.34 1.45
N LYS A 131 -0.47 -9.86 0.38
CA LYS A 131 -1.17 -10.73 -0.54
C LYS A 131 -0.73 -10.43 -1.96
N SER A 132 -0.92 -11.37 -2.85
CA SER A 132 -0.49 -11.19 -4.23
C SER A 132 -1.62 -10.56 -5.04
N THR A 133 -2.58 -9.97 -4.33
CA THR A 133 -3.60 -9.11 -4.90
C THR A 133 -4.54 -9.90 -5.82
N ALA A 134 -5.16 -9.18 -6.75
CA ALA A 134 -5.91 -9.75 -7.86
C ALA A 134 -7.31 -10.21 -7.47
N ILE A 135 -7.93 -9.51 -6.51
CA ILE A 135 -9.39 -9.61 -6.31
C ILE A 135 -9.78 -10.81 -5.46
N THR A 136 -10.35 -10.53 -4.29
CA THR A 136 -10.96 -11.55 -3.46
C THR A 136 -11.59 -10.93 -2.21
N PRO A 137 -12.91 -11.11 -2.04
CA PRO A 137 -13.64 -10.59 -0.88
C PRO A 137 -13.19 -11.24 0.42
N ALA A 138 -12.69 -12.45 0.32
CA ALA A 138 -12.18 -13.17 1.48
C ALA A 138 -10.97 -12.44 2.05
N GLU A 139 -10.25 -11.75 1.17
CA GLU A 139 -9.10 -10.94 1.56
C GLU A 139 -9.55 -9.82 2.49
N ALA A 140 -10.58 -9.10 2.06
CA ALA A 140 -11.14 -8.00 2.86
C ALA A 140 -11.70 -8.51 4.18
N ALA A 141 -12.41 -9.62 4.11
CA ALA A 141 -13.01 -10.23 5.29
C ALA A 141 -11.93 -10.64 6.30
N THR A 142 -10.74 -10.92 5.80
CA THR A 142 -9.62 -11.27 6.66
C THR A 142 -8.86 -10.02 7.12
N ALA A 143 -8.79 -9.02 6.24
CA ALA A 143 -8.06 -7.79 6.51
C ALA A 143 -8.62 -7.04 7.71
N CYS A 144 -9.83 -6.54 7.57
CA CYS A 144 -10.45 -5.74 8.60
C CYS A 144 -11.47 -6.53 9.39
N LYS A 145 -11.03 -7.66 9.95
CA LYS A 145 -11.88 -8.51 10.79
C LYS A 145 -12.30 -7.77 12.05
N ASN A 146 -11.36 -7.68 12.97
CA ASN A 146 -11.60 -7.07 14.28
C ASN A 146 -10.42 -6.21 14.67
N THR A 147 -9.64 -5.82 13.67
CA THR A 147 -8.46 -5.00 13.90
C THR A 147 -8.84 -3.59 14.32
N ASP A 148 -9.64 -2.93 13.49
CA ASP A 148 -10.18 -1.59 13.76
C ASP A 148 -9.07 -0.56 14.01
N SER A 149 -8.61 -0.46 15.24
CA SER A 149 -7.54 0.47 15.59
C SER A 149 -6.19 -0.07 15.11
N THR A 150 -6.19 -1.32 14.67
CA THR A 150 -5.04 -1.93 14.05
C THR A 150 -5.29 -2.11 12.55
N ASN A 151 -6.22 -1.32 12.03
CA ASN A 151 -6.54 -1.36 10.61
C ASN A 151 -5.67 -0.38 9.85
N LYS A 152 -4.58 -0.88 9.32
CA LYS A 152 -3.70 -0.08 8.48
C LYS A 152 -3.10 -0.94 7.40
N VAL A 153 -3.27 -0.52 6.17
CA VAL A 153 -2.81 -1.31 5.04
C VAL A 153 -1.89 -0.49 4.14
N THR A 154 -0.59 -0.67 4.34
CA THR A 154 0.39 -0.16 3.40
C THR A 154 0.52 -1.10 2.21
N TYR A 155 0.39 -0.59 0.99
CA TYR A 155 0.55 -1.46 -0.17
C TYR A 155 1.40 -0.85 -1.27
N PHE A 156 2.39 -1.61 -1.70
CA PHE A 156 3.30 -1.18 -2.76
C PHE A 156 2.64 -1.18 -4.12
N MET A 157 2.76 -0.06 -4.82
CA MET A 157 2.21 0.08 -6.15
C MET A 157 3.31 0.32 -7.17
N LYS A 158 3.07 -0.11 -8.40
CA LYS A 158 4.05 -0.01 -9.48
C LYS A 158 4.25 1.43 -9.92
N MET A 1 -20.27 -13.93 0.23
CA MET A 1 -20.20 -13.03 1.39
C MET A 1 -20.44 -11.59 0.93
N GLU A 2 -19.35 -10.93 0.56
CA GLU A 2 -19.41 -9.67 -0.15
C GLU A 2 -18.47 -9.75 -1.34
N GLN A 3 -19.04 -9.89 -2.53
CA GLN A 3 -18.25 -10.17 -3.70
C GLN A 3 -17.77 -8.87 -4.35
N SER A 4 -16.85 -9.00 -5.29
CA SER A 4 -16.28 -7.85 -5.96
C SER A 4 -17.24 -7.29 -7.01
N ALA A 5 -17.55 -6.00 -6.86
CA ALA A 5 -18.45 -5.33 -7.78
C ALA A 5 -17.68 -4.41 -8.72
N SER A 6 -16.90 -3.52 -8.13
CA SER A 6 -16.14 -2.54 -8.89
C SER A 6 -14.70 -3.00 -9.14
N ASP A 7 -14.49 -4.30 -9.17
CA ASP A 7 -13.14 -4.87 -9.31
C ASP A 7 -12.52 -4.44 -10.64
N SER A 8 -13.34 -4.15 -11.61
CA SER A 8 -12.85 -3.68 -12.90
C SER A 8 -13.01 -2.16 -13.02
N ASN A 9 -14.19 -1.67 -12.66
CA ASN A 9 -14.51 -0.24 -12.78
C ASN A 9 -13.56 0.60 -11.92
N LYS A 10 -13.42 0.24 -10.65
CA LYS A 10 -12.57 1.02 -9.74
C LYS A 10 -11.11 0.81 -10.10
N SER A 11 -10.77 -0.41 -10.50
CA SER A 11 -9.39 -0.76 -10.82
C SER A 11 -8.85 0.14 -11.93
N GLN A 12 -9.61 0.28 -13.01
CA GLN A 12 -9.20 1.09 -14.15
C GLN A 12 -8.87 2.53 -13.72
N ASN A 13 -9.76 3.13 -12.96
CA ASN A 13 -9.61 4.52 -12.55
C ASN A 13 -8.49 4.68 -11.51
N ALA A 14 -8.36 3.70 -10.64
CA ALA A 14 -7.36 3.73 -9.58
C ALA A 14 -5.97 3.50 -10.14
N ILE A 15 -5.83 2.50 -10.99
CA ILE A 15 -4.54 2.17 -11.60
C ILE A 15 -4.06 3.32 -12.48
N SER A 16 -4.97 3.91 -13.25
CA SER A 16 -4.63 5.04 -14.10
C SER A 16 -4.00 6.18 -13.28
N GLU A 17 -4.42 6.30 -12.03
CA GLU A 17 -3.92 7.34 -11.15
C GLU A 17 -2.48 7.03 -10.73
N VAL A 18 -2.28 5.85 -10.17
CA VAL A 18 -0.98 5.47 -9.62
C VAL A 18 0.04 5.19 -10.72
N MET A 19 -0.41 4.57 -11.80
CA MET A 19 0.46 4.21 -12.92
C MET A 19 1.06 5.45 -13.57
N SER A 20 0.37 6.57 -13.43
CA SER A 20 0.85 7.84 -13.96
C SER A 20 1.89 8.44 -13.02
N ALA A 21 1.76 8.15 -11.73
CA ALA A 21 2.66 8.69 -10.72
C ALA A 21 3.93 7.86 -10.62
N THR A 22 3.79 6.55 -10.70
CA THR A 22 4.92 5.64 -10.61
C THR A 22 5.90 5.88 -11.75
N SER A 23 5.38 5.95 -12.97
CA SER A 23 6.20 6.16 -14.15
C SER A 23 6.89 7.53 -14.10
N ALA A 24 6.15 8.53 -13.63
CA ALA A 24 6.67 9.89 -13.55
C ALA A 24 7.75 10.01 -12.48
N ILE A 25 7.50 9.40 -11.33
CA ILE A 25 8.44 9.50 -10.21
C ILE A 25 9.75 8.80 -10.54
N ASN A 26 9.68 7.77 -11.37
CA ASN A 26 10.87 7.04 -11.80
C ASN A 26 11.80 7.94 -12.58
N GLY A 27 11.22 8.83 -13.38
CA GLY A 27 12.00 9.76 -14.18
C GLY A 27 12.72 10.79 -13.31
N LEU A 28 12.21 10.98 -12.09
CA LEU A 28 12.81 11.93 -11.17
C LEU A 28 13.88 11.25 -10.32
N TYR A 29 13.75 9.95 -10.14
CA TYR A 29 14.64 9.20 -9.28
C TYR A 29 15.52 8.24 -10.07
N ILE A 30 15.82 8.59 -11.32
CA ILE A 30 16.69 7.77 -12.14
C ILE A 30 18.10 7.71 -11.54
N GLY A 31 18.61 8.87 -11.16
CA GLY A 31 19.92 8.95 -10.55
C GLY A 31 19.96 8.25 -9.20
N GLN A 32 18.80 8.15 -8.57
CA GLN A 32 18.67 7.44 -7.31
C GLN A 32 18.69 5.95 -7.54
N THR A 33 17.85 5.51 -8.47
CA THR A 33 17.64 4.10 -8.77
C THR A 33 16.88 3.42 -7.61
N SER A 34 17.44 3.49 -6.42
CA SER A 34 16.85 2.90 -5.24
C SER A 34 16.18 3.96 -4.36
N TYR A 35 16.00 5.17 -4.91
CA TYR A 35 15.35 6.27 -4.17
C TYR A 35 16.13 6.57 -2.89
N SER A 36 17.45 6.43 -2.95
CA SER A 36 18.32 6.51 -1.79
C SER A 36 18.11 7.81 -0.99
N GLY A 37 17.78 8.89 -1.70
CA GLY A 37 17.56 10.17 -1.05
C GLY A 37 16.45 10.13 -0.01
N LEU A 38 15.49 9.23 -0.22
CA LEU A 38 14.39 9.05 0.72
C LEU A 38 14.74 7.98 1.75
N ASP A 39 15.47 6.97 1.30
CA ASP A 39 15.77 5.80 2.12
C ASP A 39 16.47 6.18 3.42
N SER A 40 17.58 6.89 3.29
CA SER A 40 18.39 7.24 4.45
C SER A 40 17.66 8.23 5.35
N THR A 41 17.03 9.25 4.74
CA THR A 41 16.43 10.34 5.50
C THR A 41 15.21 9.92 6.31
N ILE A 42 14.24 9.31 5.64
CA ILE A 42 12.98 8.94 6.30
C ILE A 42 13.19 7.92 7.41
N LEU A 43 14.09 6.98 7.15
CA LEU A 43 14.32 5.86 8.06
C LEU A 43 14.89 6.33 9.41
N LEU A 44 16.08 6.92 9.38
CA LEU A 44 16.77 7.27 10.61
C LEU A 44 16.09 8.41 11.36
N ASN A 45 15.17 9.10 10.70
CA ASN A 45 14.44 10.20 11.30
C ASN A 45 13.64 9.73 12.50
N THR A 46 12.64 8.89 12.24
CA THR A 46 11.70 8.50 13.26
C THR A 46 12.16 7.24 13.98
N SER A 47 12.82 7.42 15.12
CA SER A 47 13.21 6.32 15.99
C SER A 47 14.04 5.25 15.26
N ALA A 48 14.71 5.66 14.18
CA ALA A 48 15.53 4.75 13.35
C ALA A 48 14.65 3.77 12.56
N ILE A 49 13.48 3.46 13.09
CA ILE A 49 12.52 2.61 12.41
C ILE A 49 11.16 3.30 12.43
N PRO A 50 10.71 3.81 11.27
CA PRO A 50 9.43 4.53 11.16
C PRO A 50 8.24 3.69 11.61
N ASP A 51 7.68 4.06 12.74
CA ASP A 51 6.57 3.32 13.35
C ASP A 51 5.26 3.62 12.64
N ASN A 52 5.29 4.63 11.78
CA ASN A 52 4.09 5.14 11.11
C ASN A 52 3.58 4.18 10.04
N TYR A 53 4.30 3.07 9.86
CA TYR A 53 3.92 2.04 8.89
C TYR A 53 2.66 1.32 9.34
N LYS A 54 2.12 1.74 10.46
CA LYS A 54 0.89 1.19 10.99
C LYS A 54 0.23 2.20 11.92
N ASP A 55 -0.99 2.62 11.58
CA ASP A 55 -1.75 3.49 12.46
C ASP A 55 -2.36 2.65 13.58
N THR A 56 -2.40 3.22 14.77
CA THR A 56 -2.89 2.48 15.92
C THR A 56 -4.29 2.98 16.30
N THR A 57 -4.82 3.88 15.50
CA THR A 57 -6.15 4.43 15.76
C THR A 57 -7.21 3.62 15.02
N ASN A 58 -7.05 3.52 13.69
CA ASN A 58 -7.92 2.72 12.80
C ASN A 58 -7.86 3.20 11.36
N LYS A 59 -6.85 3.99 11.00
CA LYS A 59 -6.80 4.58 9.65
C LYS A 59 -5.39 4.93 9.16
N LYS A 60 -4.74 3.96 8.50
CA LYS A 60 -3.52 4.24 7.73
C LYS A 60 -3.44 3.32 6.52
N ILE A 61 -3.32 3.94 5.35
CA ILE A 61 -3.09 3.20 4.12
C ILE A 61 -1.91 3.81 3.38
N THR A 62 -0.99 2.96 2.98
CA THR A 62 0.19 3.42 2.27
C THR A 62 -0.05 3.35 0.77
N ASN A 63 -0.16 4.53 0.16
CA ASN A 63 -0.51 4.68 -1.25
C ASN A 63 -0.94 6.13 -1.55
N PRO A 64 -1.94 6.66 -0.80
CA PRO A 64 -2.55 7.95 -1.11
C PRO A 64 -1.62 9.14 -0.93
N PHE A 65 -1.95 10.20 -1.65
CA PHE A 65 -1.29 11.48 -1.50
C PHE A 65 -2.35 12.54 -1.22
N GLY A 66 -3.51 12.07 -0.78
CA GLY A 66 -4.66 12.93 -0.58
C GLY A 66 -4.95 13.20 0.88
N GLY A 67 -3.92 13.15 1.71
CA GLY A 67 -4.08 13.36 3.13
C GLY A 67 -2.75 13.61 3.78
N GLU A 68 -2.52 13.03 4.95
CA GLU A 68 -1.23 13.13 5.59
C GLU A 68 -0.33 12.01 5.10
N LEU A 69 0.55 12.33 4.16
CA LEU A 69 1.41 11.33 3.52
C LEU A 69 2.84 11.36 4.04
N ASN A 70 3.44 10.18 4.14
CA ASN A 70 4.86 10.04 4.49
C ASN A 70 5.59 9.34 3.34
N VAL A 71 6.61 9.98 2.80
CA VAL A 71 7.33 9.42 1.65
C VAL A 71 8.32 8.35 2.07
N GLY A 72 8.58 7.39 1.19
CA GLY A 72 9.55 6.35 1.46
C GLY A 72 9.84 5.50 0.24
N PRO A 73 11.04 4.92 0.14
CA PRO A 73 11.44 4.04 -0.96
C PRO A 73 11.31 2.56 -0.61
N ALA A 74 11.14 1.73 -1.63
CA ALA A 74 11.02 0.29 -1.41
C ALA A 74 12.08 -0.48 -2.16
N ASN A 75 13.28 -0.51 -1.59
CA ASN A 75 14.44 -1.22 -2.14
C ASN A 75 14.88 -0.68 -3.51
N ASN A 76 14.06 -0.87 -4.53
CA ASN A 76 14.43 -0.51 -5.89
C ASN A 76 13.20 -0.25 -6.74
N ASN A 77 13.36 0.56 -7.79
CA ASN A 77 12.24 1.01 -8.62
C ASN A 77 11.53 -0.14 -9.33
N THR A 78 12.29 -1.10 -9.85
CA THR A 78 11.71 -2.19 -10.62
C THR A 78 10.98 -3.16 -9.71
N ALA A 79 11.43 -3.27 -8.46
CA ALA A 79 10.81 -4.17 -7.51
C ALA A 79 9.46 -3.62 -7.08
N PHE A 80 9.49 -2.49 -6.38
CA PHE A 80 8.27 -1.83 -5.96
C PHE A 80 8.33 -0.39 -6.43
N GLY A 81 8.96 0.42 -5.63
CA GLY A 81 9.33 1.76 -6.02
C GLY A 81 9.31 2.69 -4.84
N TYR A 82 8.14 3.20 -4.54
CA TYR A 82 7.97 4.15 -3.47
C TYR A 82 6.68 3.87 -2.75
N TYR A 83 6.56 4.37 -1.55
CA TYR A 83 5.35 4.23 -0.79
C TYR A 83 5.05 5.52 -0.04
N LEU A 84 3.78 5.80 0.14
CA LEU A 84 3.35 6.96 0.90
C LEU A 84 2.53 6.52 2.08
N THR A 85 3.10 6.61 3.27
CA THR A 85 2.42 6.14 4.45
C THR A 85 1.49 7.23 4.93
N LEU A 86 0.23 7.07 4.56
CA LEU A 86 -0.74 8.12 4.76
C LEU A 86 -1.83 7.67 5.71
N THR A 87 -2.14 8.52 6.67
CA THR A 87 -3.22 8.22 7.59
C THR A 87 -4.51 8.79 7.05
N ARG A 88 -5.51 7.91 6.89
CA ARG A 88 -6.81 8.26 6.33
C ARG A 88 -7.46 6.99 5.79
N LEU A 89 -8.40 6.43 6.53
CA LEU A 89 -9.03 5.19 6.10
C LEU A 89 -10.37 5.00 6.80
N ASP A 90 -11.25 4.26 6.15
CA ASP A 90 -12.56 3.96 6.69
C ASP A 90 -12.78 2.46 6.68
N LYS A 91 -13.82 2.00 7.36
CA LYS A 91 -14.17 0.59 7.36
C LYS A 91 -14.71 0.21 5.98
N ALA A 92 -15.52 1.11 5.41
CA ALA A 92 -16.05 0.91 4.06
C ALA A 92 -14.93 0.94 3.04
N ALA A 93 -13.92 1.77 3.29
CA ALA A 93 -12.78 1.88 2.41
C ALA A 93 -11.99 0.58 2.37
N CYS A 94 -12.01 -0.14 3.49
CA CYS A 94 -11.40 -1.46 3.57
C CYS A 94 -12.02 -2.40 2.54
N VAL A 95 -13.34 -2.43 2.49
CA VAL A 95 -14.06 -3.28 1.54
C VAL A 95 -13.83 -2.79 0.12
N SER A 96 -13.71 -1.49 -0.03
CA SER A 96 -13.44 -0.87 -1.31
C SER A 96 -12.09 -1.36 -1.85
N LEU A 97 -11.08 -1.39 -0.98
CA LEU A 97 -9.76 -1.89 -1.36
C LEU A 97 -9.82 -3.35 -1.75
N ALA A 98 -10.74 -4.07 -1.15
CA ALA A 98 -10.98 -5.46 -1.52
C ALA A 98 -11.63 -5.54 -2.90
N THR A 99 -12.53 -4.60 -3.18
CA THR A 99 -13.18 -4.55 -4.48
C THR A 99 -12.30 -3.87 -5.52
N LEU A 100 -11.04 -3.66 -5.17
CA LEU A 100 -10.06 -3.09 -6.08
C LEU A 100 -9.02 -4.17 -6.43
N ASN A 101 -9.04 -4.63 -7.66
CA ASN A 101 -8.10 -5.68 -8.07
C ASN A 101 -6.73 -5.09 -8.32
N LEU A 102 -5.97 -4.91 -7.26
CA LEU A 102 -4.64 -4.32 -7.35
C LEU A 102 -3.68 -5.21 -8.14
N GLY A 103 -4.01 -6.49 -8.22
CA GLY A 103 -3.12 -7.45 -8.87
C GLY A 103 -3.08 -7.29 -10.38
N THR A 104 -3.65 -6.21 -10.88
CA THR A 104 -3.64 -5.92 -12.31
C THR A 104 -2.35 -5.19 -12.70
N SER A 105 -1.80 -4.41 -11.76
CA SER A 105 -0.58 -3.65 -12.02
C SER A 105 0.21 -3.43 -10.73
N ALA A 106 -0.49 -3.13 -9.64
CA ALA A 106 0.12 -2.81 -8.35
C ALA A 106 1.13 -3.86 -7.90
N LYS A 107 2.04 -3.45 -7.01
CA LYS A 107 3.12 -4.33 -6.58
C LYS A 107 2.68 -5.26 -5.45
N GLY A 108 1.70 -4.84 -4.66
CA GLY A 108 1.21 -5.68 -3.59
C GLY A 108 0.32 -4.94 -2.62
N TYR A 109 -0.08 -5.64 -1.57
CA TYR A 109 -0.98 -5.10 -0.56
C TYR A 109 -0.84 -5.92 0.72
N GLY A 110 -0.54 -5.28 1.85
CA GLY A 110 -0.31 -6.01 3.07
C GLY A 110 -0.89 -5.32 4.29
N VAL A 111 -1.75 -6.03 5.02
CA VAL A 111 -2.42 -5.46 6.17
C VAL A 111 -1.73 -5.89 7.46
N ASN A 112 -1.52 -4.93 8.37
CA ASN A 112 -0.89 -5.18 9.67
C ASN A 112 0.62 -5.39 9.53
N ILE A 113 1.19 -4.93 8.43
CA ILE A 113 2.63 -5.03 8.24
C ILE A 113 3.34 -3.83 8.87
N SER A 114 4.28 -4.13 9.76
CA SER A 114 5.15 -3.11 10.31
C SER A 114 6.54 -3.30 9.72
N GLY A 115 6.96 -2.38 8.88
CA GLY A 115 8.17 -2.57 8.11
C GLY A 115 7.91 -2.41 6.62
N GLU A 116 7.47 -1.22 6.25
CA GLU A 116 7.10 -0.90 4.87
C GLU A 116 8.31 -0.95 3.94
N ASN A 117 9.45 -0.50 4.44
CA ASN A 117 10.65 -0.38 3.63
C ASN A 117 11.17 -1.76 3.21
N ASN A 118 10.85 -2.76 4.01
CA ASN A 118 11.26 -4.14 3.73
C ASN A 118 10.08 -5.09 3.83
N ILE A 119 9.08 -4.84 2.98
CA ILE A 119 7.86 -5.65 2.93
C ILE A 119 8.17 -7.12 2.69
N THR A 120 7.31 -7.98 3.23
CA THR A 120 7.50 -9.42 3.14
C THR A 120 6.81 -9.99 1.89
N SER A 121 7.03 -11.30 1.65
CA SER A 121 6.50 -11.98 0.46
C SER A 121 4.98 -11.85 0.36
N PHE A 122 4.45 -12.11 -0.84
CA PHE A 122 3.05 -11.86 -1.13
C PHE A 122 2.33 -13.13 -1.57
N GLY A 123 1.15 -13.35 -1.01
CA GLY A 123 0.28 -14.43 -1.47
C GLY A 123 -1.04 -13.88 -1.95
N ASN A 124 -2.14 -14.29 -1.31
CA ASN A 124 -3.46 -13.72 -1.60
C ASN A 124 -4.15 -13.28 -0.32
N SER A 125 -3.62 -13.73 0.82
CA SER A 125 -4.25 -13.47 2.11
C SER A 125 -3.62 -12.23 2.76
N ALA A 126 -4.23 -11.77 3.84
CA ALA A 126 -3.76 -10.57 4.52
C ALA A 126 -3.78 -10.76 6.03
N ASP A 127 -3.47 -9.68 6.76
CA ASP A 127 -3.40 -9.67 8.22
C ASP A 127 -2.13 -10.37 8.69
N GLN A 128 -1.12 -9.57 9.00
CA GLN A 128 0.20 -10.06 9.38
C GLN A 128 0.89 -10.71 8.19
N ALA A 129 0.29 -10.50 7.02
CA ALA A 129 0.80 -11.04 5.78
C ALA A 129 0.42 -10.13 4.62
N ALA A 130 1.17 -10.21 3.55
CA ALA A 130 0.92 -9.39 2.37
C ALA A 130 0.55 -10.27 1.19
N LYS A 131 -0.15 -9.70 0.21
CA LYS A 131 -0.57 -10.46 -0.94
C LYS A 131 -0.31 -9.69 -2.23
N SER A 132 -0.32 -10.40 -3.35
CA SER A 132 -0.03 -9.81 -4.64
C SER A 132 -1.29 -9.25 -5.27
N THR A 133 -2.39 -9.99 -5.18
CA THR A 133 -3.65 -9.56 -5.76
C THR A 133 -4.70 -9.30 -4.70
N ALA A 134 -5.43 -8.22 -4.86
CA ALA A 134 -6.50 -7.87 -3.94
C ALA A 134 -7.85 -8.18 -4.57
N ILE A 135 -8.66 -8.94 -3.86
CA ILE A 135 -9.98 -9.30 -4.36
C ILE A 135 -10.94 -9.48 -3.19
N THR A 136 -12.17 -9.01 -3.38
CA THR A 136 -13.10 -8.79 -2.28
C THR A 136 -13.44 -10.05 -1.50
N PRO A 137 -14.05 -11.06 -2.12
CA PRO A 137 -14.58 -12.23 -1.41
C PRO A 137 -13.55 -12.87 -0.48
N ALA A 138 -12.31 -12.93 -0.93
CA ALA A 138 -11.23 -13.51 -0.15
C ALA A 138 -10.68 -12.52 0.88
N GLU A 139 -10.31 -11.34 0.40
CA GLU A 139 -9.72 -10.30 1.24
C GLU A 139 -10.63 -9.92 2.40
N ALA A 140 -11.90 -9.66 2.10
CA ALA A 140 -12.85 -9.20 3.09
C ALA A 140 -13.15 -10.29 4.13
N ALA A 141 -13.00 -11.54 3.73
CA ALA A 141 -13.23 -12.65 4.63
C ALA A 141 -12.00 -12.96 5.47
N THR A 142 -10.83 -12.63 4.92
CA THR A 142 -9.58 -12.94 5.59
C THR A 142 -9.14 -11.84 6.56
N ALA A 143 -9.05 -10.61 6.06
CA ALA A 143 -8.49 -9.53 6.87
C ALA A 143 -9.56 -8.57 7.36
N CYS A 144 -10.49 -8.22 6.49
CA CYS A 144 -11.49 -7.20 6.82
C CYS A 144 -12.65 -7.80 7.62
N LYS A 145 -12.36 -8.19 8.85
CA LYS A 145 -13.37 -8.76 9.73
C LYS A 145 -13.71 -7.81 10.87
N ASN A 146 -12.69 -7.43 11.63
CA ASN A 146 -12.86 -6.47 12.71
C ASN A 146 -12.35 -5.11 12.26
N THR A 147 -11.07 -5.08 11.87
CA THR A 147 -10.40 -3.87 11.37
C THR A 147 -10.65 -2.64 12.27
N ASP A 148 -9.89 -2.55 13.35
CA ASP A 148 -9.91 -1.36 14.19
C ASP A 148 -8.49 -0.83 14.36
N SER A 149 -7.81 -1.25 15.42
CA SER A 149 -6.41 -0.90 15.61
C SER A 149 -5.56 -1.73 14.66
N THR A 150 -6.19 -2.77 14.12
CA THR A 150 -5.58 -3.62 13.12
C THR A 150 -5.79 -3.05 11.72
N ASN A 151 -6.60 -2.00 11.62
CA ASN A 151 -6.95 -1.43 10.32
C ASN A 151 -5.85 -0.49 9.83
N LYS A 152 -4.70 -1.07 9.50
CA LYS A 152 -3.58 -0.31 8.96
C LYS A 152 -2.86 -1.14 7.90
N VAL A 153 -2.95 -0.70 6.66
CA VAL A 153 -2.43 -1.47 5.55
C VAL A 153 -1.56 -0.63 4.62
N THR A 154 -0.30 -0.99 4.56
CA THR A 154 0.59 -0.50 3.51
C THR A 154 0.41 -1.33 2.24
N TYR A 155 0.25 -0.67 1.09
CA TYR A 155 0.23 -1.42 -0.16
C TYR A 155 1.00 -0.74 -1.29
N PHE A 156 1.87 -1.51 -1.92
CA PHE A 156 2.70 -1.04 -3.00
C PHE A 156 1.97 -1.17 -4.33
N MET A 157 2.28 -0.30 -5.27
CA MET A 157 1.53 -0.28 -6.50
C MET A 157 2.36 0.21 -7.68
N LYS A 158 2.02 -0.29 -8.86
CA LYS A 158 2.64 0.13 -10.10
C LYS A 158 1.61 0.88 -10.94
N MET A 1 -17.11 -17.82 -8.11
CA MET A 1 -16.21 -17.06 -9.03
C MET A 1 -15.82 -15.73 -8.38
N GLU A 2 -14.52 -15.45 -8.40
CA GLU A 2 -13.99 -14.27 -7.73
C GLU A 2 -14.04 -13.04 -8.64
N GLN A 3 -15.21 -12.40 -8.68
CA GLN A 3 -15.37 -11.11 -9.33
C GLN A 3 -15.95 -10.13 -8.33
N SER A 4 -15.20 -9.10 -8.00
CA SER A 4 -15.53 -8.22 -6.90
C SER A 4 -16.33 -7.00 -7.33
N ALA A 5 -16.84 -7.02 -8.58
CA ALA A 5 -17.68 -5.96 -9.13
C ALA A 5 -16.89 -4.68 -9.38
N SER A 6 -16.31 -4.12 -8.32
CA SER A 6 -15.41 -2.99 -8.45
C SER A 6 -14.12 -3.45 -9.11
N ASP A 7 -14.01 -4.78 -9.24
CA ASP A 7 -12.87 -5.42 -9.89
C ASP A 7 -12.78 -4.96 -11.34
N SER A 8 -13.91 -4.56 -11.88
CA SER A 8 -14.00 -4.11 -13.26
C SER A 8 -14.34 -2.62 -13.35
N ASN A 9 -15.01 -2.11 -12.31
CA ASN A 9 -15.46 -0.72 -12.33
C ASN A 9 -14.39 0.23 -11.77
N LYS A 10 -14.00 0.04 -10.52
CA LYS A 10 -13.12 0.99 -9.87
C LYS A 10 -11.65 0.66 -10.10
N SER A 11 -11.34 -0.62 -10.17
CA SER A 11 -9.95 -1.07 -10.28
C SER A 11 -9.25 -0.42 -11.47
N GLN A 12 -9.81 -0.59 -12.66
CA GLN A 12 -9.23 -0.05 -13.88
C GLN A 12 -9.16 1.48 -13.84
N ASN A 13 -10.03 2.10 -13.04
CA ASN A 13 -10.05 3.55 -12.91
C ASN A 13 -8.93 4.01 -11.98
N ALA A 14 -8.62 3.18 -10.99
CA ALA A 14 -7.55 3.49 -10.05
C ALA A 14 -6.19 3.26 -10.69
N ILE A 15 -6.10 2.23 -11.53
CA ILE A 15 -4.88 1.91 -12.25
C ILE A 15 -4.37 3.13 -13.03
N SER A 16 -5.29 3.83 -13.68
CA SER A 16 -4.95 5.02 -14.45
C SER A 16 -4.26 6.07 -13.58
N GLU A 17 -4.79 6.26 -12.37
CA GLU A 17 -4.24 7.25 -11.45
C GLU A 17 -2.86 6.84 -10.96
N VAL A 18 -2.73 5.57 -10.59
CA VAL A 18 -1.48 5.04 -10.07
C VAL A 18 -0.40 5.03 -11.16
N MET A 19 -0.76 4.56 -12.35
CA MET A 19 0.18 4.51 -13.47
C MET A 19 0.64 5.92 -13.84
N SER A 20 -0.25 6.89 -13.69
CA SER A 20 0.10 8.29 -13.94
C SER A 20 1.04 8.79 -12.85
N ALA A 21 0.75 8.40 -11.61
CA ALA A 21 1.55 8.85 -10.46
C ALA A 21 2.97 8.29 -10.52
N THR A 22 3.09 7.01 -10.87
CA THR A 22 4.39 6.36 -10.94
C THR A 22 5.27 7.01 -12.02
N SER A 23 4.63 7.62 -13.01
CA SER A 23 5.36 8.34 -14.03
C SER A 23 5.72 9.74 -13.53
N ALA A 24 4.80 10.36 -12.80
CA ALA A 24 5.01 11.69 -12.26
C ALA A 24 6.19 11.71 -11.29
N ILE A 25 6.16 10.80 -10.32
CA ILE A 25 7.21 10.74 -9.31
C ILE A 25 8.57 10.40 -9.92
N ASN A 26 8.55 9.68 -11.03
CA ASN A 26 9.77 9.36 -11.76
C ASN A 26 10.39 10.64 -12.30
N GLY A 27 9.56 11.45 -12.93
CA GLY A 27 10.01 12.70 -13.53
C GLY A 27 10.39 13.74 -12.50
N LEU A 28 9.94 13.54 -11.26
CA LEU A 28 10.28 14.45 -10.17
C LEU A 28 11.74 14.28 -9.77
N TYR A 29 12.29 13.10 -10.05
CA TYR A 29 13.65 12.78 -9.67
C TYR A 29 14.56 12.67 -10.88
N ILE A 30 14.23 11.74 -11.78
CA ILE A 30 15.03 11.47 -12.99
C ILE A 30 16.43 10.96 -12.64
N GLY A 31 16.67 9.70 -12.96
CA GLY A 31 17.94 9.09 -12.65
C GLY A 31 18.05 8.69 -11.20
N GLN A 32 16.94 8.18 -10.67
CA GLN A 32 16.89 7.81 -9.26
C GLN A 32 17.16 6.33 -9.05
N THR A 33 17.06 5.56 -10.14
CA THR A 33 17.26 4.10 -10.09
C THR A 33 16.12 3.41 -9.36
N SER A 34 15.92 3.78 -8.10
CA SER A 34 14.90 3.18 -7.27
C SER A 34 14.57 4.10 -6.09
N TYR A 35 14.83 5.40 -6.29
CA TYR A 35 14.65 6.41 -5.24
C TYR A 35 15.54 6.12 -4.05
N SER A 36 16.55 5.30 -4.31
CA SER A 36 17.50 4.90 -3.29
C SER A 36 18.27 6.12 -2.78
N GLY A 37 18.48 6.16 -1.48
CA GLY A 37 19.07 7.32 -0.87
C GLY A 37 18.11 7.94 0.11
N LEU A 38 16.82 7.86 -0.20
CA LEU A 38 15.80 8.32 0.73
C LEU A 38 15.47 7.21 1.74
N ASP A 39 15.74 5.97 1.33
CA ASP A 39 15.38 4.79 2.12
C ASP A 39 16.01 4.82 3.50
N SER A 40 17.31 5.05 3.54
CA SER A 40 18.05 5.03 4.79
C SER A 40 17.64 6.19 5.69
N THR A 41 17.47 7.37 5.12
CA THR A 41 17.14 8.56 5.89
C THR A 41 15.75 8.47 6.51
N ILE A 42 14.77 8.02 5.72
CA ILE A 42 13.41 7.85 6.22
C ILE A 42 13.38 6.80 7.33
N LEU A 43 14.21 5.77 7.18
CA LEU A 43 14.29 4.70 8.17
C LEU A 43 14.85 5.20 9.49
N LEU A 44 16.08 5.73 9.46
CA LEU A 44 16.76 6.18 10.66
C LEU A 44 16.13 7.45 11.24
N ASN A 45 15.22 8.04 10.48
CA ASN A 45 14.48 9.24 10.90
C ASN A 45 13.94 9.08 12.31
N THR A 46 13.11 8.08 12.50
CA THR A 46 12.47 7.86 13.78
C THR A 46 12.90 6.54 14.40
N SER A 47 13.88 6.61 15.30
CA SER A 47 14.33 5.45 16.07
C SER A 47 14.81 4.30 15.18
N ALA A 48 15.08 4.60 13.91
CA ALA A 48 15.47 3.59 12.91
C ALA A 48 14.31 2.64 12.61
N ILE A 49 13.13 2.99 13.10
CA ILE A 49 11.92 2.22 12.85
C ILE A 49 10.75 3.19 12.66
N PRO A 50 10.46 3.56 11.40
CA PRO A 50 9.41 4.54 11.09
C PRO A 50 8.05 4.13 11.62
N ASP A 51 7.55 4.91 12.57
CA ASP A 51 6.27 4.63 13.24
C ASP A 51 5.10 4.86 12.29
N ASN A 52 5.38 5.47 11.15
CA ASN A 52 4.34 5.79 10.18
C ASN A 52 3.86 4.53 9.47
N TYR A 53 4.57 3.43 9.64
CA TYR A 53 4.22 2.17 8.99
C TYR A 53 2.97 1.55 9.59
N LYS A 54 2.41 2.19 10.60
CA LYS A 54 1.21 1.67 11.25
C LYS A 54 0.46 2.81 11.93
N ASP A 55 -0.85 2.70 11.97
CA ASP A 55 -1.69 3.68 12.64
C ASP A 55 -2.62 3.00 13.63
N THR A 56 -2.72 3.56 14.83
CA THR A 56 -3.58 3.01 15.86
C THR A 56 -4.88 3.81 15.95
N THR A 57 -5.01 4.77 15.05
CA THR A 57 -6.22 5.58 14.95
C THR A 57 -7.23 4.90 14.04
N ASN A 58 -6.79 3.77 13.48
CA ASN A 58 -7.61 2.87 12.66
C ASN A 58 -7.62 3.30 11.19
N LYS A 59 -6.58 4.04 10.77
CA LYS A 59 -6.51 4.49 9.38
C LYS A 59 -5.09 4.82 8.90
N LYS A 60 -4.37 3.82 8.41
CA LYS A 60 -3.12 4.04 7.69
C LYS A 60 -3.04 3.14 6.47
N ILE A 61 -2.85 3.73 5.30
CA ILE A 61 -2.68 2.95 4.07
C ILE A 61 -1.59 3.54 3.17
N THR A 62 -0.66 2.71 2.73
CA THR A 62 0.35 3.15 1.78
C THR A 62 -0.17 3.02 0.34
N ASN A 63 -0.28 4.15 -0.35
CA ASN A 63 -0.83 4.23 -1.71
C ASN A 63 -1.30 5.65 -2.05
N PRO A 64 -2.19 6.23 -1.21
CA PRO A 64 -2.96 7.41 -1.57
C PRO A 64 -2.17 8.70 -1.45
N PHE A 65 -2.65 9.74 -2.12
CA PHE A 65 -2.01 11.05 -2.09
C PHE A 65 -3.04 12.16 -1.85
N GLY A 66 -4.28 11.76 -1.59
CA GLY A 66 -5.35 12.72 -1.39
C GLY A 66 -5.62 12.97 0.07
N GLY A 67 -4.58 12.91 0.88
CA GLY A 67 -4.70 13.09 2.29
C GLY A 67 -3.35 13.40 2.88
N GLU A 68 -3.12 12.94 4.09
CA GLU A 68 -1.82 13.10 4.71
C GLU A 68 -0.93 11.93 4.34
N LEU A 69 -0.05 12.16 3.38
CA LEU A 69 0.82 11.09 2.88
C LEU A 69 2.28 11.33 3.27
N ASN A 70 2.95 10.23 3.58
CA ASN A 70 4.39 10.24 3.87
C ASN A 70 5.13 9.66 2.69
N VAL A 71 6.30 10.21 2.39
CA VAL A 71 7.08 9.78 1.23
C VAL A 71 8.22 8.85 1.64
N GLY A 72 8.47 7.85 0.82
CA GLY A 72 9.57 6.93 1.08
C GLY A 72 9.76 5.96 -0.07
N PRO A 73 11.01 5.53 -0.34
CA PRO A 73 11.31 4.55 -1.38
C PRO A 73 11.49 3.14 -0.83
N ALA A 74 11.89 2.23 -1.71
CA ALA A 74 12.18 0.87 -1.31
C ALA A 74 13.67 0.58 -1.45
N ASN A 75 14.05 -0.67 -1.28
CA ASN A 75 15.45 -1.08 -1.42
C ASN A 75 15.94 -0.94 -2.86
N ASN A 76 15.17 -1.45 -3.81
CA ASN A 76 15.60 -1.43 -5.20
C ASN A 76 14.42 -1.65 -6.14
N ASN A 77 14.57 -1.21 -7.39
CA ASN A 77 13.51 -1.27 -8.39
C ASN A 77 13.21 -2.70 -8.83
N THR A 78 14.21 -3.57 -8.70
CA THR A 78 14.07 -4.96 -9.08
C THR A 78 13.22 -5.73 -8.05
N ALA A 79 12.88 -5.05 -6.96
CA ALA A 79 12.04 -5.64 -5.94
C ALA A 79 10.76 -4.83 -5.78
N PHE A 80 10.92 -3.54 -5.54
CA PHE A 80 9.79 -2.64 -5.34
C PHE A 80 10.10 -1.30 -6.01
N GLY A 81 9.62 -0.21 -5.43
CA GLY A 81 9.90 1.10 -5.98
C GLY A 81 9.80 2.19 -4.94
N TYR A 82 8.59 2.67 -4.72
CA TYR A 82 8.33 3.72 -3.74
C TYR A 82 7.07 3.38 -2.97
N TYR A 83 6.87 4.07 -1.86
CA TYR A 83 5.67 3.89 -1.06
C TYR A 83 5.22 5.23 -0.51
N LEU A 84 3.92 5.41 -0.38
CA LEU A 84 3.36 6.63 0.19
C LEU A 84 2.39 6.26 1.31
N THR A 85 2.85 6.31 2.55
CA THR A 85 2.04 5.91 3.68
C THR A 85 1.16 7.06 4.11
N LEU A 86 -0.13 6.94 3.81
CA LEU A 86 -1.07 8.01 4.04
C LEU A 86 -2.11 7.61 5.08
N THR A 87 -2.54 8.58 5.88
CA THR A 87 -3.61 8.33 6.83
C THR A 87 -4.96 8.71 6.22
N ARG A 88 -5.87 7.75 6.19
CA ARG A 88 -7.24 7.93 5.68
C ARG A 88 -7.81 6.58 5.29
N LEU A 89 -8.66 6.02 6.14
CA LEU A 89 -9.25 4.71 5.87
C LEU A 89 -10.54 4.55 6.65
N ASP A 90 -11.62 4.28 5.92
CA ASP A 90 -12.93 4.07 6.51
C ASP A 90 -13.41 2.66 6.24
N LYS A 91 -14.57 2.31 6.79
CA LYS A 91 -15.09 0.96 6.68
C LYS A 91 -15.50 0.63 5.24
N ALA A 92 -16.04 1.63 4.56
CA ALA A 92 -16.41 1.45 3.15
C ALA A 92 -15.17 1.40 2.29
N ALA A 93 -14.15 2.17 2.67
CA ALA A 93 -12.87 2.15 1.99
C ALA A 93 -12.25 0.76 2.04
N CYS A 94 -12.45 0.07 3.17
CA CYS A 94 -11.97 -1.30 3.33
C CYS A 94 -12.52 -2.18 2.21
N VAL A 95 -13.84 -2.12 2.03
CA VAL A 95 -14.49 -2.94 1.01
C VAL A 95 -14.08 -2.49 -0.38
N SER A 96 -13.85 -1.20 -0.52
CA SER A 96 -13.40 -0.65 -1.80
C SER A 96 -12.05 -1.24 -2.20
N LEU A 97 -11.11 -1.26 -1.28
CA LEU A 97 -9.77 -1.78 -1.55
C LEU A 97 -9.81 -3.30 -1.72
N ALA A 98 -10.72 -3.93 -0.99
CA ALA A 98 -10.89 -5.38 -1.07
C ALA A 98 -11.60 -5.78 -2.37
N THR A 99 -12.04 -4.79 -3.13
CA THR A 99 -12.67 -5.04 -4.41
C THR A 99 -11.91 -4.31 -5.52
N LEU A 100 -10.77 -3.75 -5.15
CA LEU A 100 -9.89 -3.07 -6.10
C LEU A 100 -8.62 -3.90 -6.27
N ASN A 101 -8.16 -4.09 -7.49
CA ASN A 101 -7.00 -4.94 -7.73
C ASN A 101 -5.70 -4.21 -7.48
N LEU A 102 -5.24 -4.26 -6.25
CA LEU A 102 -3.89 -3.81 -5.91
C LEU A 102 -2.90 -4.91 -6.25
N GLY A 103 -2.80 -5.23 -7.52
CA GLY A 103 -1.88 -6.24 -7.99
C GLY A 103 -1.28 -5.87 -9.33
N THR A 104 -2.14 -5.56 -10.29
CA THR A 104 -1.71 -5.11 -11.60
C THR A 104 -1.23 -3.66 -11.51
N SER A 105 -1.71 -2.94 -10.51
CA SER A 105 -1.35 -1.55 -10.33
C SER A 105 -0.62 -1.35 -8.99
N ALA A 106 -0.07 -2.44 -8.48
CA ALA A 106 0.66 -2.40 -7.21
C ALA A 106 1.80 -3.38 -7.24
N LYS A 107 2.81 -3.14 -6.43
CA LYS A 107 3.89 -4.11 -6.29
C LYS A 107 3.43 -5.22 -5.37
N GLY A 108 2.76 -4.83 -4.30
CA GLY A 108 2.20 -5.78 -3.35
C GLY A 108 1.40 -5.10 -2.29
N TYR A 109 0.47 -5.82 -1.71
CA TYR A 109 -0.45 -5.25 -0.76
C TYR A 109 -0.34 -6.00 0.57
N GLY A 110 -0.05 -5.27 1.65
CA GLY A 110 0.21 -5.92 2.93
C GLY A 110 -0.61 -5.36 4.07
N VAL A 111 -1.57 -6.14 4.54
CA VAL A 111 -2.45 -5.72 5.64
C VAL A 111 -1.83 -6.03 6.98
N ASN A 112 -1.76 -5.03 7.86
CA ASN A 112 -1.23 -5.18 9.22
C ASN A 112 0.26 -5.52 9.16
N ILE A 113 0.95 -4.94 8.19
CA ILE A 113 2.39 -5.13 8.06
C ILE A 113 3.14 -4.00 8.73
N SER A 114 4.24 -4.33 9.39
CA SER A 114 5.14 -3.34 9.95
C SER A 114 6.50 -3.47 9.28
N GLY A 115 7.21 -2.35 9.16
CA GLY A 115 8.48 -2.36 8.46
C GLY A 115 8.28 -2.57 6.97
N GLU A 116 7.45 -1.73 6.37
CA GLU A 116 7.09 -1.83 4.96
C GLU A 116 8.34 -1.84 4.06
N ASN A 117 9.38 -1.11 4.48
CA ASN A 117 10.64 -1.05 3.74
C ASN A 117 11.14 -2.45 3.36
N ASN A 118 10.88 -3.42 4.22
CA ASN A 118 11.23 -4.81 3.93
C ASN A 118 10.01 -5.71 4.22
N ILE A 119 8.91 -5.38 3.58
CA ILE A 119 7.66 -6.12 3.73
C ILE A 119 7.84 -7.58 3.27
N THR A 120 7.11 -8.48 3.94
CA THR A 120 7.22 -9.91 3.68
C THR A 120 6.57 -10.30 2.34
N SER A 121 6.71 -11.56 1.96
CA SER A 121 6.22 -12.06 0.68
C SER A 121 4.69 -12.01 0.61
N PHE A 122 4.17 -12.01 -0.61
CA PHE A 122 2.76 -11.77 -0.84
C PHE A 122 2.05 -13.04 -1.32
N GLY A 123 0.95 -13.39 -0.65
CA GLY A 123 0.12 -14.49 -1.08
C GLY A 123 -1.26 -14.01 -1.49
N ASN A 124 -2.27 -14.36 -0.71
CA ASN A 124 -3.62 -13.89 -0.95
C ASN A 124 -4.35 -13.56 0.37
N SER A 125 -3.73 -13.93 1.48
CA SER A 125 -4.32 -13.72 2.80
C SER A 125 -4.01 -12.32 3.32
N ALA A 126 -4.57 -11.95 4.46
CA ALA A 126 -4.40 -10.62 5.00
C ALA A 126 -4.15 -10.64 6.51
N ASP A 127 -4.04 -9.45 7.10
CA ASP A 127 -3.86 -9.27 8.55
C ASP A 127 -2.60 -9.97 9.05
N GLN A 128 -1.52 -9.18 9.11
CA GLN A 128 -0.18 -9.67 9.45
C GLN A 128 0.33 -10.58 8.36
N ALA A 129 -0.33 -10.52 7.22
CA ALA A 129 0.05 -11.27 6.04
C ALA A 129 -0.15 -10.41 4.81
N ALA A 130 0.73 -10.56 3.84
CA ALA A 130 0.66 -9.77 2.62
C ALA A 130 0.12 -10.62 1.48
N LYS A 131 -0.44 -9.96 0.47
CA LYS A 131 -1.01 -10.67 -0.66
C LYS A 131 -0.65 -9.98 -1.97
N SER A 132 -0.65 -10.74 -3.04
CA SER A 132 -0.26 -10.24 -4.35
C SER A 132 -1.34 -9.32 -4.92
N THR A 133 -2.60 -9.70 -4.75
CA THR A 133 -3.70 -8.92 -5.26
C THR A 133 -4.77 -8.69 -4.20
N ALA A 134 -5.28 -7.47 -4.14
CA ALA A 134 -6.32 -7.13 -3.17
C ALA A 134 -7.69 -7.23 -3.82
N ILE A 135 -7.74 -7.92 -4.95
CA ILE A 135 -8.95 -8.08 -5.71
C ILE A 135 -9.72 -9.30 -5.22
N THR A 136 -9.29 -9.81 -4.10
CA THR A 136 -9.73 -11.10 -3.62
C THR A 136 -10.88 -10.97 -2.63
N PRO A 137 -12.02 -11.60 -2.92
CA PRO A 137 -13.14 -11.72 -1.97
C PRO A 137 -12.69 -12.14 -0.56
N ALA A 138 -11.62 -12.94 -0.50
CA ALA A 138 -11.04 -13.38 0.77
C ALA A 138 -10.40 -12.21 1.53
N GLU A 139 -9.97 -11.19 0.79
CA GLU A 139 -9.41 -9.98 1.39
C GLU A 139 -10.46 -9.33 2.28
N ALA A 140 -11.64 -9.12 1.71
CA ALA A 140 -12.74 -8.50 2.45
C ALA A 140 -13.08 -9.29 3.71
N ALA A 141 -12.88 -10.60 3.65
CA ALA A 141 -13.20 -11.46 4.78
C ALA A 141 -12.17 -11.32 5.89
N THR A 142 -10.89 -11.21 5.53
CA THR A 142 -9.84 -11.14 6.53
C THR A 142 -9.58 -9.70 6.99
N ALA A 143 -9.59 -8.76 6.05
CA ALA A 143 -9.26 -7.37 6.36
C ALA A 143 -10.42 -6.60 6.97
N CYS A 144 -11.60 -6.70 6.36
CA CYS A 144 -12.75 -5.92 6.79
C CYS A 144 -13.46 -6.57 7.98
N LYS A 145 -12.77 -7.48 8.65
CA LYS A 145 -13.29 -8.13 9.84
C LYS A 145 -12.21 -8.24 10.91
N ASN A 146 -12.57 -7.88 12.14
CA ASN A 146 -11.67 -7.98 13.30
C ASN A 146 -10.61 -6.87 13.29
N THR A 147 -10.08 -6.58 12.12
CA THR A 147 -9.08 -5.53 11.96
C THR A 147 -9.68 -4.15 12.27
N ASP A 148 -9.57 -3.75 13.53
CA ASP A 148 -10.10 -2.47 13.97
C ASP A 148 -8.98 -1.57 14.46
N SER A 149 -8.50 -1.82 15.67
CA SER A 149 -7.36 -1.08 16.21
C SER A 149 -6.11 -1.37 15.39
N THR A 150 -6.13 -2.52 14.73
CA THR A 150 -5.03 -2.95 13.91
C THR A 150 -5.24 -2.58 12.45
N ASN A 151 -6.17 -1.65 12.20
CA ASN A 151 -6.50 -1.25 10.83
C ASN A 151 -5.42 -0.35 10.23
N LYS A 152 -4.35 -0.96 9.77
CA LYS A 152 -3.35 -0.27 8.98
C LYS A 152 -2.80 -1.21 7.94
N VAL A 153 -2.80 -0.77 6.70
CA VAL A 153 -2.29 -1.59 5.61
C VAL A 153 -1.41 -0.77 4.68
N THR A 154 -0.12 -0.93 4.85
CA THR A 154 0.85 -0.33 3.97
C THR A 154 1.07 -1.22 2.75
N TYR A 155 0.90 -0.69 1.54
CA TYR A 155 1.10 -1.52 0.37
C TYR A 155 1.81 -0.79 -0.77
N PHE A 156 2.91 -1.40 -1.23
CA PHE A 156 3.66 -0.89 -2.36
C PHE A 156 2.82 -0.98 -3.63
N MET A 157 2.74 0.11 -4.36
CA MET A 157 1.96 0.14 -5.59
C MET A 157 2.83 0.52 -6.77
N LYS A 158 2.51 -0.03 -7.94
CA LYS A 158 3.33 0.14 -9.14
C LYS A 158 3.36 1.60 -9.59
N MET A 1 -22.43 -7.39 1.24
CA MET A 1 -22.45 -8.56 0.35
C MET A 1 -22.19 -8.15 -1.10
N GLU A 2 -21.00 -8.43 -1.57
CA GLU A 2 -20.63 -8.17 -2.96
C GLU A 2 -19.49 -9.09 -3.39
N GLN A 3 -19.74 -9.89 -4.41
CA GLN A 3 -18.73 -10.79 -4.95
C GLN A 3 -17.76 -10.01 -5.84
N SER A 4 -17.21 -8.94 -5.28
CA SER A 4 -16.39 -7.98 -6.02
C SER A 4 -17.05 -7.64 -7.36
N ALA A 5 -18.18 -6.95 -7.29
CA ALA A 5 -18.90 -6.52 -8.48
C ALA A 5 -18.26 -5.28 -9.05
N SER A 6 -17.32 -4.72 -8.28
CA SER A 6 -16.57 -3.55 -8.70
C SER A 6 -15.25 -3.99 -9.31
N ASP A 7 -15.15 -5.29 -9.62
CA ASP A 7 -13.91 -5.90 -10.06
C ASP A 7 -13.49 -5.43 -11.45
N SER A 8 -14.42 -4.83 -12.18
CA SER A 8 -14.14 -4.36 -13.52
C SER A 8 -14.18 -2.84 -13.58
N ASN A 9 -15.10 -2.25 -12.81
CA ASN A 9 -15.32 -0.80 -12.87
C ASN A 9 -14.21 -0.03 -12.16
N LYS A 10 -14.04 -0.28 -10.87
CA LYS A 10 -13.15 0.55 -10.06
C LYS A 10 -11.70 0.14 -10.24
N SER A 11 -11.49 -1.12 -10.60
CA SER A 11 -10.14 -1.64 -10.78
C SER A 11 -9.40 -0.90 -11.89
N GLN A 12 -9.96 -0.96 -13.09
CA GLN A 12 -9.33 -0.36 -14.26
C GLN A 12 -9.17 1.14 -14.10
N ASN A 13 -10.18 1.79 -13.52
CA ASN A 13 -10.13 3.24 -13.31
C ASN A 13 -9.09 3.62 -12.27
N ALA A 14 -8.87 2.74 -11.30
CA ALA A 14 -7.86 2.99 -10.27
C ALA A 14 -6.47 2.83 -10.84
N ILE A 15 -6.20 1.66 -11.43
CA ILE A 15 -4.88 1.37 -11.99
C ILE A 15 -4.43 2.44 -12.97
N SER A 16 -5.33 2.79 -13.91
CA SER A 16 -5.01 3.77 -14.94
C SER A 16 -4.61 5.11 -14.34
N GLU A 17 -5.29 5.51 -13.27
CA GLU A 17 -5.05 6.81 -12.66
C GLU A 17 -3.77 6.78 -11.81
N VAL A 18 -3.60 5.72 -11.04
CA VAL A 18 -2.46 5.62 -10.13
C VAL A 18 -1.15 5.46 -10.90
N MET A 19 -1.14 4.59 -11.91
CA MET A 19 0.07 4.33 -12.69
C MET A 19 0.54 5.59 -13.40
N SER A 20 -0.37 6.52 -13.61
CA SER A 20 -0.03 7.81 -14.21
C SER A 20 0.80 8.64 -13.23
N ALA A 21 0.46 8.54 -11.95
CA ALA A 21 1.13 9.33 -10.92
C ALA A 21 2.42 8.66 -10.46
N THR A 22 2.41 7.33 -10.44
CA THR A 22 3.58 6.57 -10.01
C THR A 22 4.69 6.64 -11.07
N SER A 23 4.30 6.67 -12.33
CA SER A 23 5.27 6.81 -13.41
C SER A 23 5.83 8.24 -13.43
N ALA A 24 5.02 9.18 -12.98
CA ALA A 24 5.42 10.58 -12.94
C ALA A 24 6.53 10.80 -11.91
N ILE A 25 6.35 10.22 -10.73
CA ILE A 25 7.32 10.38 -9.65
C ILE A 25 8.65 9.74 -10.03
N ASN A 26 8.62 8.75 -10.93
CA ASN A 26 9.82 8.10 -11.41
C ASN A 26 10.69 9.10 -12.16
N GLY A 27 10.04 9.90 -13.02
CA GLY A 27 10.76 10.88 -13.82
C GLY A 27 11.12 12.11 -13.02
N LEU A 28 10.56 12.25 -11.83
CA LEU A 28 10.85 13.39 -10.97
C LEU A 28 12.12 13.14 -10.16
N TYR A 29 12.57 11.88 -10.14
CA TYR A 29 13.79 11.53 -9.42
C TYR A 29 14.90 11.14 -10.40
N ILE A 30 14.88 9.88 -10.85
CA ILE A 30 15.85 9.36 -11.82
C ILE A 30 17.30 9.46 -11.31
N GLY A 31 17.88 8.33 -10.96
CA GLY A 31 19.29 8.31 -10.61
C GLY A 31 19.54 7.90 -9.18
N GLN A 32 18.57 7.27 -8.55
CA GLN A 32 18.73 6.80 -7.18
C GLN A 32 18.52 5.30 -7.10
N THR A 33 18.31 4.67 -8.25
CA THR A 33 18.00 3.25 -8.35
C THR A 33 16.59 2.96 -7.80
N SER A 34 16.37 3.31 -6.55
CA SER A 34 15.07 3.09 -5.93
C SER A 34 14.71 4.25 -4.99
N TYR A 35 15.26 5.44 -5.27
CA TYR A 35 14.94 6.65 -4.50
C TYR A 35 15.44 6.53 -3.06
N SER A 36 16.57 5.85 -2.92
CA SER A 36 17.12 5.50 -1.61
C SER A 36 17.52 6.75 -0.80
N GLY A 37 17.48 7.92 -1.43
CA GLY A 37 17.77 9.16 -0.72
C GLY A 37 16.75 9.44 0.37
N LEU A 38 15.60 8.80 0.26
CA LEU A 38 14.54 8.96 1.25
C LEU A 38 14.72 7.97 2.40
N ASP A 39 15.49 6.91 2.15
CA ASP A 39 15.66 5.82 3.10
C ASP A 39 16.33 6.29 4.38
N SER A 40 17.60 6.66 4.28
CA SER A 40 18.38 7.06 5.43
C SER A 40 17.71 8.21 6.18
N THR A 41 17.17 9.16 5.43
CA THR A 41 16.58 10.36 5.99
C THR A 41 15.36 10.04 6.87
N ILE A 42 14.50 9.17 6.39
CA ILE A 42 13.27 8.82 7.11
C ILE A 42 13.53 7.74 8.17
N LEU A 43 14.50 6.87 7.89
CA LEU A 43 14.84 5.78 8.80
C LEU A 43 15.23 6.32 10.17
N LEU A 44 16.24 7.18 10.20
CA LEU A 44 16.76 7.72 11.46
C LEU A 44 15.84 8.80 12.01
N ASN A 45 14.88 9.23 11.19
CA ASN A 45 13.96 10.30 11.57
C ASN A 45 13.12 9.90 12.78
N THR A 46 12.62 8.68 12.78
CA THR A 46 11.79 8.22 13.87
C THR A 46 12.27 6.88 14.44
N SER A 47 13.03 6.94 15.52
CA SER A 47 13.38 5.77 16.33
C SER A 47 14.18 4.73 15.55
N ALA A 48 14.69 5.10 14.37
CA ALA A 48 15.41 4.19 13.47
C ALA A 48 14.47 3.12 12.92
N ILE A 49 13.20 3.23 13.29
CA ILE A 49 12.14 2.36 12.80
C ILE A 49 10.92 3.22 12.55
N PRO A 50 10.67 3.57 11.28
CA PRO A 50 9.57 4.48 10.92
C PRO A 50 8.21 3.95 11.38
N ASP A 51 7.76 4.47 12.52
CA ASP A 51 6.52 4.03 13.16
C ASP A 51 5.30 4.37 12.29
N ASN A 52 5.53 5.20 11.28
CA ASN A 52 4.47 5.64 10.39
C ASN A 52 3.90 4.48 9.58
N TYR A 53 4.66 3.38 9.53
CA TYR A 53 4.25 2.16 8.82
C TYR A 53 2.94 1.60 9.37
N LYS A 54 2.49 2.10 10.51
CA LYS A 54 1.28 1.61 11.11
C LYS A 54 0.63 2.68 12.01
N ASP A 55 -0.66 2.89 11.81
CA ASP A 55 -1.42 3.79 12.67
C ASP A 55 -1.95 3.01 13.87
N THR A 56 -2.26 3.69 14.95
CA THR A 56 -2.74 3.04 16.15
C THR A 56 -4.22 3.33 16.40
N THR A 57 -4.81 4.17 15.55
CA THR A 57 -6.20 4.56 15.73
C THR A 57 -7.13 3.74 14.83
N ASN A 58 -6.87 3.79 13.51
CA ASN A 58 -7.69 3.07 12.52
C ASN A 58 -7.46 3.61 11.09
N LYS A 59 -6.46 4.47 10.90
CA LYS A 59 -6.33 5.16 9.61
C LYS A 59 -4.88 5.47 9.22
N LYS A 60 -4.25 4.53 8.51
CA LYS A 60 -2.99 4.80 7.81
C LYS A 60 -2.84 3.86 6.61
N ILE A 61 -2.64 4.45 5.43
CA ILE A 61 -2.41 3.70 4.21
C ILE A 61 -1.11 4.11 3.54
N THR A 62 -0.25 3.15 3.26
CA THR A 62 0.98 3.43 2.55
C THR A 62 0.76 3.27 1.05
N ASN A 63 0.78 4.39 0.34
CA ASN A 63 0.54 4.43 -1.11
C ASN A 63 0.22 5.85 -1.58
N PRO A 64 -0.80 6.51 -0.98
CA PRO A 64 -1.32 7.78 -1.47
C PRO A 64 -0.63 9.00 -0.86
N PHE A 65 -1.03 10.18 -1.32
CA PHE A 65 -0.43 11.43 -0.87
C PHE A 65 -1.52 12.45 -0.53
N GLY A 66 -2.74 11.98 -0.34
CA GLY A 66 -3.86 12.86 -0.09
C GLY A 66 -3.82 13.49 1.28
N GLY A 67 -3.43 12.72 2.28
CA GLY A 67 -3.38 13.23 3.64
C GLY A 67 -1.97 13.56 4.07
N GLU A 68 -1.54 13.00 5.19
CA GLU A 68 -0.19 13.18 5.65
C GLU A 68 0.72 12.14 5.02
N LEU A 69 1.45 12.56 4.00
CA LEU A 69 2.34 11.65 3.28
C LEU A 69 3.74 11.66 3.88
N ASN A 70 4.21 10.47 4.21
CA ASN A 70 5.60 10.28 4.60
C ASN A 70 6.35 9.60 3.47
N VAL A 71 7.42 10.23 3.00
CA VAL A 71 8.15 9.73 1.85
C VAL A 71 9.05 8.57 2.21
N GLY A 72 9.24 7.65 1.27
CA GLY A 72 10.11 6.52 1.50
C GLY A 72 10.37 5.74 0.22
N PRO A 73 11.56 5.13 0.10
CA PRO A 73 11.94 4.36 -1.06
C PRO A 73 11.72 2.87 -0.91
N ALA A 74 11.96 2.13 -1.97
CA ALA A 74 11.90 0.68 -1.94
C ALA A 74 13.30 0.08 -1.98
N ASN A 75 13.41 -1.23 -1.80
CA ASN A 75 14.69 -1.91 -1.83
C ASN A 75 15.33 -1.82 -3.20
N ASN A 76 14.54 -2.04 -4.25
CA ASN A 76 15.05 -1.99 -5.62
C ASN A 76 13.93 -1.70 -6.60
N ASN A 77 14.28 -1.07 -7.73
CA ASN A 77 13.32 -0.63 -8.75
C ASN A 77 12.66 -1.82 -9.46
N THR A 78 13.42 -2.88 -9.67
CA THR A 78 12.95 -4.05 -10.40
C THR A 78 11.96 -4.86 -9.57
N ALA A 79 11.69 -4.40 -8.36
CA ALA A 79 10.73 -5.04 -7.49
C ALA A 79 9.62 -4.07 -7.10
N PHE A 80 10.01 -2.96 -6.49
CA PHE A 80 9.06 -1.96 -6.04
C PHE A 80 9.51 -0.58 -6.50
N GLY A 81 8.85 0.46 -6.03
CA GLY A 81 9.22 1.81 -6.42
C GLY A 81 9.45 2.70 -5.21
N TYR A 82 8.36 3.15 -4.62
CA TYR A 82 8.42 4.03 -3.47
C TYR A 82 7.21 3.76 -2.58
N TYR A 83 7.22 4.31 -1.38
CA TYR A 83 6.07 4.18 -0.50
C TYR A 83 5.78 5.52 0.16
N LEU A 84 4.51 5.85 0.27
CA LEU A 84 4.09 7.04 0.99
C LEU A 84 3.20 6.64 2.14
N THR A 85 3.69 6.78 3.36
CA THR A 85 2.94 6.38 4.52
C THR A 85 1.99 7.49 4.92
N LEU A 86 0.74 7.32 4.51
CA LEU A 86 -0.26 8.36 4.63
C LEU A 86 -1.24 8.02 5.73
N THR A 87 -1.59 8.97 6.56
CA THR A 87 -2.67 8.75 7.50
C THR A 87 -4.00 8.86 6.77
N ARG A 88 -4.83 7.81 6.87
CA ARG A 88 -6.08 7.68 6.12
C ARG A 88 -6.50 6.22 6.03
N LEU A 89 -7.78 5.95 6.25
CA LEU A 89 -8.37 4.62 6.04
C LEU A 89 -9.83 4.63 6.49
N ASP A 90 -10.69 3.99 5.70
CA ASP A 90 -12.10 3.91 6.03
C ASP A 90 -12.56 2.44 6.02
N LYS A 91 -13.60 2.14 6.80
CA LYS A 91 -14.10 0.77 6.92
C LYS A 91 -14.63 0.27 5.59
N ALA A 92 -15.39 1.10 4.89
CA ALA A 92 -15.90 0.74 3.57
C ALA A 92 -14.75 0.67 2.57
N ALA A 93 -13.72 1.47 2.80
CA ALA A 93 -12.52 1.46 1.97
C ALA A 93 -11.81 0.12 2.09
N CYS A 94 -11.88 -0.48 3.26
CA CYS A 94 -11.33 -1.81 3.49
C CYS A 94 -11.94 -2.80 2.50
N VAL A 95 -13.26 -2.76 2.38
CA VAL A 95 -13.97 -3.65 1.47
C VAL A 95 -13.74 -3.23 0.02
N SER A 96 -13.64 -1.94 -0.19
CA SER A 96 -13.45 -1.38 -1.53
C SER A 96 -12.10 -1.83 -2.11
N LEU A 97 -11.06 -1.76 -1.29
CA LEU A 97 -9.73 -2.16 -1.73
C LEU A 97 -9.61 -3.66 -1.87
N ALA A 98 -10.53 -4.39 -1.22
CA ALA A 98 -10.59 -5.84 -1.33
C ALA A 98 -11.49 -6.26 -2.49
N THR A 99 -12.10 -5.27 -3.13
CA THR A 99 -12.86 -5.50 -4.34
C THR A 99 -12.18 -4.79 -5.50
N LEU A 100 -11.01 -4.24 -5.22
CA LEU A 100 -10.21 -3.57 -6.23
C LEU A 100 -8.99 -4.44 -6.52
N ASN A 101 -8.85 -4.89 -7.75
CA ASN A 101 -7.75 -5.79 -8.09
C ASN A 101 -6.43 -5.04 -8.20
N LEU A 102 -5.71 -4.99 -7.08
CA LEU A 102 -4.36 -4.47 -7.07
C LEU A 102 -3.41 -5.57 -7.52
N GLY A 103 -3.52 -5.95 -8.78
CA GLY A 103 -2.65 -6.96 -9.34
C GLY A 103 -2.11 -6.58 -10.70
N THR A 104 -2.88 -5.78 -11.43
CA THR A 104 -2.51 -5.36 -12.79
C THR A 104 -1.11 -4.76 -12.81
N SER A 105 -0.94 -3.60 -12.18
CA SER A 105 0.36 -2.94 -12.15
C SER A 105 0.88 -2.86 -10.71
N ALA A 106 -0.03 -2.99 -9.76
CA ALA A 106 0.30 -2.90 -8.34
C ALA A 106 1.40 -3.88 -7.95
N LYS A 107 2.15 -3.51 -6.93
CA LYS A 107 3.21 -4.36 -6.44
C LYS A 107 2.67 -5.39 -5.45
N GLY A 108 1.75 -4.95 -4.60
CA GLY A 108 1.12 -5.84 -3.65
C GLY A 108 0.32 -5.08 -2.62
N TYR A 109 -0.40 -5.82 -1.80
CA TYR A 109 -1.25 -5.21 -0.80
C TYR A 109 -1.07 -5.94 0.53
N GLY A 110 -0.74 -5.19 1.58
CA GLY A 110 -0.50 -5.79 2.87
C GLY A 110 -1.29 -5.12 3.96
N VAL A 111 -1.41 -5.78 5.10
CA VAL A 111 -2.14 -5.22 6.23
C VAL A 111 -1.36 -5.40 7.53
N ASN A 112 -1.17 -4.30 8.25
CA ASN A 112 -0.47 -4.31 9.53
C ASN A 112 0.98 -4.77 9.38
N ILE A 113 1.62 -4.25 8.35
CA ILE A 113 3.05 -4.50 8.13
C ILE A 113 3.86 -3.36 8.73
N SER A 114 4.88 -3.70 9.50
CA SER A 114 5.81 -2.72 10.01
C SER A 114 7.14 -2.85 9.28
N GLY A 115 7.27 -2.14 8.17
CA GLY A 115 8.48 -2.22 7.39
C GLY A 115 8.20 -2.46 5.92
N GLU A 116 7.71 -1.43 5.24
CA GLU A 116 7.49 -1.48 3.81
C GLU A 116 8.80 -1.65 3.05
N ASN A 117 9.87 -1.09 3.63
CA ASN A 117 11.20 -1.17 3.03
C ASN A 117 11.64 -2.62 2.89
N ASN A 118 11.16 -3.45 3.81
CA ASN A 118 11.47 -4.88 3.80
C ASN A 118 10.17 -5.70 3.84
N ILE A 119 9.20 -5.27 3.03
CA ILE A 119 7.88 -5.90 2.96
C ILE A 119 7.97 -7.42 2.78
N THR A 120 7.04 -8.14 3.41
CA THR A 120 7.02 -9.58 3.41
C THR A 120 6.55 -10.15 2.07
N SER A 121 6.63 -11.47 1.94
CA SER A 121 6.20 -12.16 0.73
C SER A 121 4.70 -11.97 0.50
N PHE A 122 4.28 -12.07 -0.76
CA PHE A 122 2.91 -11.81 -1.13
C PHE A 122 2.16 -13.11 -1.42
N GLY A 123 0.98 -13.22 -0.87
CA GLY A 123 0.19 -14.43 -1.03
C GLY A 123 -1.21 -14.13 -1.56
N ASN A 124 -2.22 -14.59 -0.85
CA ASN A 124 -3.61 -14.44 -1.30
C ASN A 124 -4.56 -14.22 -0.12
N SER A 125 -4.01 -13.71 0.99
CA SER A 125 -4.83 -13.39 2.15
C SER A 125 -4.26 -12.20 2.91
N ALA A 126 -5.13 -11.39 3.48
CA ALA A 126 -4.70 -10.33 4.38
C ALA A 126 -5.08 -10.66 5.81
N ASP A 127 -4.09 -11.06 6.58
CA ASP A 127 -4.28 -11.34 7.99
C ASP A 127 -3.00 -10.99 8.70
N GLN A 128 -2.74 -9.69 8.77
CA GLN A 128 -1.47 -9.15 9.24
C GLN A 128 -0.34 -9.64 8.33
N ALA A 129 -0.71 -9.83 7.05
CA ALA A 129 0.22 -10.31 6.03
C ALA A 129 -0.06 -9.59 4.71
N ALA A 130 0.77 -9.86 3.72
CA ALA A 130 0.62 -9.23 2.41
C ALA A 130 0.19 -10.24 1.35
N LYS A 131 -0.53 -9.78 0.34
CA LYS A 131 -0.97 -10.64 -0.74
C LYS A 131 -0.64 -9.99 -2.09
N SER A 132 -0.69 -10.78 -3.15
CA SER A 132 -0.32 -10.30 -4.47
C SER A 132 -1.52 -9.67 -5.21
N THR A 133 -2.73 -10.11 -4.90
CA THR A 133 -3.91 -9.56 -5.53
C THR A 133 -5.00 -9.25 -4.52
N ALA A 134 -5.58 -8.07 -4.62
CA ALA A 134 -6.54 -7.59 -3.63
C ALA A 134 -7.98 -7.69 -4.15
N ILE A 135 -8.27 -8.78 -4.81
CA ILE A 135 -9.59 -8.99 -5.39
C ILE A 135 -10.27 -10.18 -4.70
N THR A 136 -11.54 -10.42 -5.01
CA THR A 136 -12.29 -11.55 -4.47
C THR A 136 -12.80 -11.24 -3.04
N PRO A 137 -14.12 -11.32 -2.85
CA PRO A 137 -14.76 -11.04 -1.55
C PRO A 137 -14.23 -11.91 -0.41
N ALA A 138 -13.61 -13.04 -0.75
CA ALA A 138 -12.97 -13.88 0.24
C ALA A 138 -11.84 -13.12 0.93
N GLU A 139 -11.09 -12.34 0.15
CA GLU A 139 -10.04 -11.50 0.68
C GLU A 139 -10.64 -10.41 1.56
N ALA A 140 -11.76 -9.86 1.13
CA ALA A 140 -12.47 -8.85 1.91
C ALA A 140 -12.85 -9.39 3.28
N ALA A 141 -13.29 -10.64 3.31
CA ALA A 141 -13.68 -11.29 4.55
C ALA A 141 -12.46 -11.59 5.42
N THR A 142 -11.29 -11.65 4.79
CA THR A 142 -10.06 -11.96 5.50
C THR A 142 -9.43 -10.68 6.07
N ALA A 143 -9.25 -9.69 5.20
CA ALA A 143 -8.67 -8.42 5.60
C ALA A 143 -9.54 -7.69 6.62
N CYS A 144 -10.79 -7.44 6.26
CA CYS A 144 -11.70 -6.67 7.09
C CYS A 144 -12.30 -7.54 8.21
N LYS A 145 -11.71 -8.72 8.42
CA LYS A 145 -12.17 -9.64 9.45
C LYS A 145 -12.08 -9.01 10.83
N ASN A 146 -10.92 -8.46 11.14
CA ASN A 146 -10.70 -7.79 12.42
C ASN A 146 -9.52 -6.84 12.32
N THR A 147 -9.78 -5.56 12.50
CA THR A 147 -8.74 -4.55 12.43
C THR A 147 -8.94 -3.48 13.51
N ASP A 148 -9.83 -2.53 13.23
CA ASP A 148 -10.14 -1.44 14.16
C ASP A 148 -8.89 -0.64 14.52
N SER A 149 -8.27 -0.97 15.64
CA SER A 149 -7.06 -0.29 16.07
C SER A 149 -5.84 -0.85 15.33
N THR A 150 -6.01 -2.04 14.77
CA THR A 150 -4.96 -2.63 13.95
C THR A 150 -5.30 -2.43 12.47
N ASN A 151 -6.15 -1.44 12.21
CA ASN A 151 -6.62 -1.15 10.86
C ASN A 151 -5.67 -0.18 10.15
N LYS A 152 -4.55 -0.69 9.67
CA LYS A 152 -3.60 0.11 8.90
C LYS A 152 -2.94 -0.76 7.83
N VAL A 153 -3.14 -0.39 6.58
CA VAL A 153 -2.67 -1.19 5.46
C VAL A 153 -1.58 -0.48 4.65
N THR A 154 -0.36 -0.96 4.78
CA THR A 154 0.70 -0.60 3.86
C THR A 154 0.57 -1.40 2.55
N TYR A 155 0.48 -0.73 1.40
CA TYR A 155 0.40 -1.47 0.14
C TYR A 155 1.11 -0.76 -1.01
N PHE A 156 2.02 -1.49 -1.65
CA PHE A 156 2.76 -0.95 -2.80
C PHE A 156 1.92 -1.05 -4.06
N MET A 157 1.72 0.08 -4.72
CA MET A 157 0.85 0.14 -5.87
C MET A 157 1.49 0.97 -6.97
N LYS A 158 1.79 0.33 -8.10
CA LYS A 158 2.19 1.06 -9.29
C LYS A 158 0.96 1.56 -10.02
N MET A 1 -22.94 -6.11 0.72
CA MET A 1 -22.31 -6.83 -0.41
C MET A 1 -21.45 -7.97 0.10
N GLU A 2 -21.44 -9.07 -0.65
CA GLU A 2 -20.62 -10.22 -0.32
C GLU A 2 -19.70 -10.55 -1.48
N GLN A 3 -20.11 -10.14 -2.67
CA GLN A 3 -19.27 -10.25 -3.85
C GLN A 3 -18.59 -8.93 -4.13
N SER A 4 -17.46 -8.97 -4.83
CA SER A 4 -16.70 -7.77 -5.11
C SER A 4 -17.49 -6.84 -6.04
N ALA A 5 -18.15 -5.85 -5.45
CA ALA A 5 -18.91 -4.88 -6.21
C ALA A 5 -18.00 -3.78 -6.72
N SER A 6 -18.35 -3.19 -7.86
CA SER A 6 -17.55 -2.16 -8.52
C SER A 6 -16.10 -2.60 -8.68
N ASP A 7 -15.90 -3.90 -8.84
CA ASP A 7 -14.58 -4.50 -8.97
C ASP A 7 -13.88 -3.98 -10.21
N SER A 8 -14.65 -3.67 -11.24
CA SER A 8 -14.10 -3.16 -12.48
C SER A 8 -14.33 -1.66 -12.57
N ASN A 9 -15.13 -1.14 -11.65
CA ASN A 9 -15.48 0.29 -11.66
C ASN A 9 -14.44 1.11 -10.91
N LYS A 10 -14.26 0.82 -9.61
CA LYS A 10 -13.36 1.62 -8.79
C LYS A 10 -11.92 1.27 -9.11
N SER A 11 -11.69 0.02 -9.46
CA SER A 11 -10.37 -0.45 -9.81
C SER A 11 -9.87 0.23 -11.09
N GLN A 12 -10.80 0.50 -12.00
CA GLN A 12 -10.45 1.09 -13.29
C GLN A 12 -9.87 2.49 -13.11
N ASN A 13 -10.58 3.34 -12.38
CA ASN A 13 -10.12 4.71 -12.17
C ASN A 13 -8.88 4.74 -11.29
N ALA A 14 -8.78 3.79 -10.37
CA ALA A 14 -7.60 3.68 -9.51
C ALA A 14 -6.35 3.36 -10.33
N ILE A 15 -6.44 2.30 -11.13
CA ILE A 15 -5.32 1.90 -11.98
C ILE A 15 -4.95 3.01 -12.96
N SER A 16 -5.95 3.72 -13.47
CA SER A 16 -5.71 4.80 -14.41
C SER A 16 -4.90 5.93 -13.75
N GLU A 17 -5.21 6.22 -12.50
CA GLU A 17 -4.50 7.27 -11.76
C GLU A 17 -3.09 6.83 -11.41
N VAL A 18 -2.97 5.67 -10.77
CA VAL A 18 -1.67 5.19 -10.29
C VAL A 18 -0.71 4.91 -11.44
N MET A 19 -1.26 4.57 -12.60
CA MET A 19 -0.47 4.30 -13.80
C MET A 19 0.35 5.53 -14.19
N SER A 20 -0.28 6.71 -14.11
CA SER A 20 0.41 7.94 -14.43
C SER A 20 1.26 8.39 -13.24
N ALA A 21 0.80 8.05 -12.04
CA ALA A 21 1.52 8.41 -10.82
C ALA A 21 2.91 7.80 -10.79
N THR A 22 3.00 6.50 -11.08
CA THR A 22 4.28 5.82 -11.08
C THR A 22 5.22 6.38 -12.16
N SER A 23 4.65 6.75 -13.31
CA SER A 23 5.43 7.35 -14.37
C SER A 23 5.92 8.74 -13.96
N ALA A 24 5.06 9.49 -13.27
CA ALA A 24 5.38 10.84 -12.82
C ALA A 24 6.50 10.83 -11.80
N ILE A 25 6.37 9.99 -10.77
CA ILE A 25 7.35 9.95 -9.69
C ILE A 25 8.71 9.48 -10.21
N ASN A 26 8.69 8.64 -11.24
CA ASN A 26 9.93 8.18 -11.87
C ASN A 26 10.72 9.38 -12.39
N GLY A 27 10.01 10.31 -13.01
CA GLY A 27 10.64 11.48 -13.58
C GLY A 27 11.00 12.52 -12.53
N LEU A 28 10.43 12.40 -11.34
CA LEU A 28 10.71 13.34 -10.26
C LEU A 28 12.11 13.11 -9.69
N TYR A 29 12.57 11.86 -9.80
CA TYR A 29 13.88 11.49 -9.26
C TYR A 29 14.91 11.41 -10.38
N ILE A 30 14.83 10.35 -11.19
CA ILE A 30 15.72 10.15 -12.34
C ILE A 30 17.18 9.93 -11.90
N GLY A 31 17.74 8.79 -12.29
CA GLY A 31 19.14 8.52 -12.03
C GLY A 31 19.35 7.73 -10.75
N GLN A 32 18.46 7.92 -9.80
CA GLN A 32 18.52 7.19 -8.54
C GLN A 32 18.17 5.72 -8.76
N THR A 33 19.08 4.85 -8.35
CA THR A 33 18.88 3.41 -8.55
C THR A 33 17.66 2.91 -7.79
N SER A 34 17.39 3.52 -6.64
CA SER A 34 16.19 3.19 -5.86
C SER A 34 15.85 4.35 -4.92
N TYR A 35 15.67 5.55 -5.48
CA TYR A 35 15.33 6.73 -4.70
C TYR A 35 16.39 6.99 -3.64
N SER A 36 17.63 6.66 -4.01
CA SER A 36 18.77 6.82 -3.13
C SER A 36 18.86 8.24 -2.60
N GLY A 37 19.00 8.36 -1.29
CA GLY A 37 19.08 9.66 -0.68
C GLY A 37 17.98 9.83 0.34
N LEU A 38 16.77 9.41 -0.04
CA LEU A 38 15.63 9.51 0.87
C LEU A 38 15.48 8.23 1.66
N ASP A 39 16.10 7.18 1.13
CA ASP A 39 16.03 5.85 1.74
C ASP A 39 16.54 5.87 3.17
N SER A 40 17.73 6.42 3.35
CA SER A 40 18.39 6.41 4.64
C SER A 40 17.68 7.32 5.64
N THR A 41 17.30 8.51 5.20
CA THR A 41 16.76 9.51 6.12
C THR A 41 15.39 9.10 6.68
N ILE A 42 14.53 8.57 5.83
CA ILE A 42 13.19 8.15 6.26
C ILE A 42 13.28 6.91 7.15
N LEU A 43 14.33 6.13 6.96
CA LEU A 43 14.55 4.93 7.75
C LEU A 43 15.16 5.29 9.10
N LEU A 44 16.24 6.06 9.07
CA LEU A 44 16.92 6.52 10.30
C LEU A 44 16.01 7.46 11.10
N ASN A 45 14.94 7.90 10.44
CA ASN A 45 13.95 8.80 11.02
C ASN A 45 13.55 8.36 12.41
N THR A 46 12.99 7.17 12.50
CA THR A 46 12.47 6.66 13.74
C THR A 46 12.99 5.24 14.03
N SER A 47 14.04 5.16 14.85
CA SER A 47 14.50 3.87 15.37
C SER A 47 14.99 2.91 14.28
N ALA A 48 15.19 3.42 13.07
CA ALA A 48 15.52 2.59 11.90
C ALA A 48 14.35 1.68 11.54
N ILE A 49 13.24 1.86 12.24
CA ILE A 49 12.00 1.13 11.98
C ILE A 49 10.85 2.11 12.11
N PRO A 50 10.56 2.84 11.03
CA PRO A 50 9.55 3.91 11.03
C PRO A 50 8.19 3.45 11.55
N ASP A 51 7.81 3.99 12.69
CA ASP A 51 6.56 3.63 13.37
C ASP A 51 5.34 4.14 12.62
N ASN A 52 5.59 5.00 11.62
CA ASN A 52 4.54 5.71 10.90
C ASN A 52 3.66 4.75 10.09
N TYR A 53 4.25 3.62 9.70
CA TYR A 53 3.59 2.63 8.85
C TYR A 53 2.21 2.25 9.36
N LYS A 54 2.11 2.10 10.67
CA LYS A 54 0.86 1.70 11.28
C LYS A 54 0.18 2.89 11.96
N ASP A 55 -1.14 2.88 11.95
CA ASP A 55 -1.92 3.78 12.77
C ASP A 55 -2.65 2.98 13.83
N THR A 56 -2.70 3.47 15.04
CA THR A 56 -3.30 2.73 16.14
C THR A 56 -4.67 3.28 16.49
N THR A 57 -5.18 4.16 15.65
CA THR A 57 -6.53 4.66 15.81
C THR A 57 -7.49 3.88 14.92
N ASN A 58 -7.16 3.84 13.61
CA ASN A 58 -7.89 3.03 12.61
C ASN A 58 -7.67 3.54 11.19
N LYS A 59 -6.71 4.43 10.96
CA LYS A 59 -6.58 5.02 9.63
C LYS A 59 -5.12 5.26 9.21
N LYS A 60 -4.53 4.26 8.59
CA LYS A 60 -3.27 4.44 7.89
C LYS A 60 -3.14 3.45 6.75
N ILE A 61 -2.92 3.97 5.56
CA ILE A 61 -2.57 3.15 4.40
C ILE A 61 -1.38 3.75 3.70
N THR A 62 -0.56 2.92 3.13
CA THR A 62 0.61 3.39 2.43
C THR A 62 0.44 3.25 0.92
N ASN A 63 0.81 4.31 0.20
CA ASN A 63 0.57 4.48 -1.25
C ASN A 63 -0.89 4.84 -1.58
N PRO A 64 -1.54 5.74 -0.79
CA PRO A 64 -2.91 6.21 -1.07
C PRO A 64 -2.96 7.37 -2.06
N PHE A 65 -2.07 8.35 -1.88
CA PHE A 65 -2.00 9.54 -2.72
C PHE A 65 -3.29 10.37 -2.68
N GLY A 66 -3.31 11.36 -1.79
CA GLY A 66 -4.39 12.32 -1.78
C GLY A 66 -4.83 12.71 -0.39
N GLY A 67 -3.90 13.15 0.45
CA GLY A 67 -4.23 13.55 1.79
C GLY A 67 -3.02 14.04 2.55
N GLU A 68 -2.74 13.42 3.67
CA GLU A 68 -1.54 13.73 4.43
C GLU A 68 -0.49 12.64 4.20
N LEU A 69 0.46 12.92 3.32
CA LEU A 69 1.41 11.91 2.88
C LEU A 69 2.75 11.99 3.59
N ASN A 70 3.32 10.82 3.82
CA ASN A 70 4.70 10.68 4.25
C ASN A 70 5.44 9.84 3.21
N VAL A 71 6.51 10.38 2.65
CA VAL A 71 7.19 9.72 1.54
C VAL A 71 8.36 8.87 1.99
N GLY A 72 8.45 7.66 1.44
CA GLY A 72 9.57 6.79 1.72
C GLY A 72 9.89 5.86 0.56
N PRO A 73 11.18 5.64 0.28
CA PRO A 73 11.62 4.72 -0.76
C PRO A 73 11.75 3.29 -0.24
N ALA A 74 11.47 2.33 -1.11
CA ALA A 74 11.56 0.93 -0.76
C ALA A 74 12.94 0.37 -1.12
N ASN A 75 13.10 -0.93 -0.92
CA ASN A 75 14.36 -1.63 -1.18
C ASN A 75 14.91 -1.32 -2.58
N ASN A 76 14.15 -1.68 -3.60
CA ASN A 76 14.60 -1.50 -4.97
C ASN A 76 13.51 -0.90 -5.84
N ASN A 77 13.92 -0.01 -6.73
CA ASN A 77 13.01 0.74 -7.59
C ASN A 77 12.18 -0.18 -8.49
N THR A 78 12.82 -1.16 -9.11
CA THR A 78 12.12 -2.04 -10.05
C THR A 78 11.29 -3.08 -9.32
N ALA A 79 11.80 -3.56 -8.19
CA ALA A 79 11.08 -4.54 -7.38
C ALA A 79 9.77 -3.96 -6.88
N PHE A 80 9.84 -2.81 -6.24
CA PHE A 80 8.66 -2.11 -5.76
C PHE A 80 8.81 -0.64 -6.11
N GLY A 81 9.32 0.13 -5.16
CA GLY A 81 9.81 1.44 -5.49
C GLY A 81 9.50 2.45 -4.42
N TYR A 82 8.27 2.91 -4.42
CA TYR A 82 7.89 4.01 -3.55
C TYR A 82 6.76 3.60 -2.62
N TYR A 83 6.75 4.18 -1.44
CA TYR A 83 5.66 4.00 -0.52
C TYR A 83 5.37 5.30 0.22
N LEU A 84 4.11 5.68 0.26
CA LEU A 84 3.71 6.89 0.97
C LEU A 84 2.78 6.54 2.12
N THR A 85 3.26 6.70 3.33
CA THR A 85 2.45 6.42 4.48
C THR A 85 1.56 7.61 4.78
N LEU A 86 0.33 7.52 4.31
CA LEU A 86 -0.58 8.64 4.29
C LEU A 86 -1.86 8.30 5.02
N THR A 87 -2.26 9.13 5.98
CA THR A 87 -3.47 8.88 6.73
C THR A 87 -4.69 9.39 5.96
N ARG A 88 -5.64 8.49 5.78
CA ARG A 88 -6.87 8.76 5.04
C ARG A 88 -7.59 7.44 4.79
N LEU A 89 -8.28 6.94 5.79
CA LEU A 89 -8.95 5.65 5.65
C LEU A 89 -10.44 5.71 5.99
N ASP A 90 -11.13 4.71 5.50
CA ASP A 90 -12.55 4.50 5.79
C ASP A 90 -12.76 3.01 5.95
N LYS A 91 -13.79 2.61 6.66
CA LYS A 91 -14.10 1.20 6.79
C LYS A 91 -14.55 0.66 5.43
N ALA A 92 -15.27 1.51 4.69
CA ALA A 92 -15.69 1.18 3.34
C ALA A 92 -14.49 1.11 2.39
N ALA A 93 -13.41 1.79 2.78
CA ALA A 93 -12.18 1.79 1.99
C ALA A 93 -11.48 0.45 2.12
N CYS A 94 -11.69 -0.22 3.24
CA CYS A 94 -11.19 -1.58 3.44
C CYS A 94 -11.79 -2.50 2.38
N VAL A 95 -13.11 -2.44 2.22
CA VAL A 95 -13.79 -3.25 1.23
C VAL A 95 -13.43 -2.79 -0.18
N SER A 96 -13.10 -1.52 -0.29
CA SER A 96 -12.70 -0.95 -1.56
C SER A 96 -11.38 -1.54 -2.07
N LEU A 97 -10.47 -1.83 -1.15
CA LEU A 97 -9.15 -2.33 -1.53
C LEU A 97 -9.21 -3.81 -1.90
N ALA A 98 -10.22 -4.50 -1.40
CA ALA A 98 -10.41 -5.91 -1.72
C ALA A 98 -11.29 -6.08 -2.94
N THR A 99 -11.81 -4.96 -3.44
CA THR A 99 -12.55 -4.97 -4.69
C THR A 99 -11.75 -4.25 -5.78
N LEU A 100 -10.65 -3.65 -5.34
CA LEU A 100 -9.71 -3.02 -6.24
C LEU A 100 -8.72 -4.08 -6.70
N ASN A 101 -8.62 -4.30 -8.00
CA ASN A 101 -7.70 -5.31 -8.51
C ASN A 101 -6.26 -4.82 -8.44
N LEU A 102 -5.65 -5.07 -7.31
CA LEU A 102 -4.24 -4.78 -7.14
C LEU A 102 -3.42 -5.96 -7.62
N GLY A 103 -3.42 -6.14 -8.93
CA GLY A 103 -2.62 -7.18 -9.54
C GLY A 103 -1.83 -6.65 -10.72
N THR A 104 -2.50 -5.85 -11.54
CA THR A 104 -1.87 -5.25 -12.71
C THR A 104 -0.85 -4.18 -12.30
N SER A 105 -1.36 -3.07 -11.80
CA SER A 105 -0.50 -1.94 -11.42
C SER A 105 -0.18 -1.96 -9.93
N ALA A 106 -0.08 -3.15 -9.36
CA ALA A 106 0.30 -3.28 -7.97
C ALA A 106 1.60 -4.06 -7.85
N LYS A 107 2.28 -3.87 -6.73
CA LYS A 107 3.51 -4.59 -6.46
C LYS A 107 3.42 -5.33 -5.12
N GLY A 108 2.46 -4.92 -4.30
CA GLY A 108 2.25 -5.57 -3.02
C GLY A 108 1.12 -4.93 -2.25
N TYR A 109 0.64 -5.61 -1.23
CA TYR A 109 -0.46 -5.13 -0.43
C TYR A 109 -0.53 -5.95 0.85
N GLY A 110 -0.42 -5.31 2.01
CA GLY A 110 -0.36 -6.06 3.25
C GLY A 110 -1.18 -5.43 4.35
N VAL A 111 -1.64 -6.26 5.27
CA VAL A 111 -2.43 -5.78 6.39
C VAL A 111 -1.68 -6.00 7.69
N ASN A 112 -1.55 -4.94 8.49
CA ASN A 112 -0.83 -5.00 9.77
C ASN A 112 0.68 -5.15 9.54
N ILE A 113 1.12 -4.84 8.33
CA ILE A 113 2.53 -4.95 7.98
C ILE A 113 3.27 -3.67 8.37
N SER A 114 4.43 -3.84 8.98
CA SER A 114 5.27 -2.70 9.33
C SER A 114 6.73 -2.99 8.95
N GLY A 115 7.22 -2.27 7.95
CA GLY A 115 8.59 -2.45 7.50
C GLY A 115 8.69 -2.38 6.00
N GLU A 116 8.04 -1.38 5.44
CA GLU A 116 7.86 -1.24 4.00
C GLU A 116 9.17 -1.11 3.24
N ASN A 117 10.21 -0.59 3.89
CA ASN A 117 11.50 -0.43 3.23
C ASN A 117 12.05 -1.80 2.82
N ASN A 118 11.90 -2.78 3.71
CA ASN A 118 12.22 -4.16 3.38
C ASN A 118 10.97 -5.00 3.54
N ILE A 119 9.99 -4.73 2.68
CA ILE A 119 8.68 -5.36 2.74
C ILE A 119 8.78 -6.89 2.76
N THR A 120 7.91 -7.50 3.55
CA THR A 120 7.89 -8.95 3.71
C THR A 120 7.30 -9.64 2.47
N SER A 121 7.35 -10.96 2.44
CA SER A 121 6.83 -11.74 1.33
C SER A 121 5.31 -11.68 1.28
N PHE A 122 4.73 -12.17 0.21
CA PHE A 122 3.30 -12.02 -0.02
C PHE A 122 2.60 -13.36 -0.21
N GLY A 123 1.43 -13.47 0.41
CA GLY A 123 0.55 -14.60 0.20
C GLY A 123 -0.87 -14.09 0.09
N ASN A 124 -1.64 -14.60 -0.87
CA ASN A 124 -2.95 -14.05 -1.18
C ASN A 124 -3.97 -14.37 -0.10
N SER A 125 -3.78 -13.71 1.02
CA SER A 125 -4.68 -13.74 2.17
C SER A 125 -4.43 -12.47 2.96
N ALA A 126 -5.27 -12.16 3.92
CA ALA A 126 -5.12 -10.91 4.65
C ALA A 126 -5.56 -11.04 6.10
N ASP A 127 -4.71 -10.58 7.00
CA ASP A 127 -5.00 -10.58 8.43
C ASP A 127 -3.85 -9.91 9.16
N GLN A 128 -2.78 -10.65 9.35
CA GLN A 128 -1.55 -10.11 9.92
C GLN A 128 -0.39 -10.36 8.98
N ALA A 129 -0.71 -10.47 7.69
CA ALA A 129 0.27 -10.77 6.66
C ALA A 129 -0.04 -9.97 5.40
N ALA A 130 0.84 -10.08 4.41
CA ALA A 130 0.69 -9.36 3.15
C ALA A 130 0.31 -10.30 2.03
N LYS A 131 -0.40 -9.77 1.03
CA LYS A 131 -0.77 -10.53 -0.15
C LYS A 131 -0.22 -9.85 -1.39
N SER A 132 -0.23 -10.54 -2.51
CA SER A 132 0.29 -9.98 -3.75
C SER A 132 -0.80 -9.30 -4.55
N THR A 133 -2.00 -9.88 -4.54
CA THR A 133 -3.10 -9.38 -5.34
C THR A 133 -4.40 -9.32 -4.55
N ALA A 134 -5.29 -8.42 -4.95
CA ALA A 134 -6.58 -8.29 -4.29
C ALA A 134 -7.69 -8.08 -5.31
N ILE A 135 -8.87 -8.58 -4.98
CA ILE A 135 -10.07 -8.46 -5.82
C ILE A 135 -11.11 -9.48 -5.39
N THR A 136 -10.62 -10.50 -4.73
CA THR A 136 -11.45 -11.60 -4.27
C THR A 136 -12.18 -11.23 -2.99
N PRO A 137 -13.49 -11.56 -2.90
CA PRO A 137 -14.30 -11.33 -1.70
C PRO A 137 -13.68 -11.96 -0.46
N ALA A 138 -13.06 -13.12 -0.65
CA ALA A 138 -12.36 -13.82 0.42
C ALA A 138 -11.30 -12.94 1.08
N GLU A 139 -10.69 -12.07 0.28
CA GLU A 139 -9.68 -11.13 0.77
C GLU A 139 -10.31 -10.22 1.81
N ALA A 140 -11.37 -9.51 1.40
CA ALA A 140 -12.10 -8.61 2.28
C ALA A 140 -12.64 -9.35 3.49
N ALA A 141 -13.05 -10.59 3.27
CA ALA A 141 -13.62 -11.42 4.31
C ALA A 141 -12.60 -11.73 5.40
N THR A 142 -11.34 -11.93 5.01
CA THR A 142 -10.33 -12.31 5.97
C THR A 142 -9.72 -11.08 6.65
N ALA A 143 -9.49 -10.02 5.87
CA ALA A 143 -8.89 -8.80 6.42
C ALA A 143 -9.90 -8.02 7.25
N CYS A 144 -11.02 -7.68 6.65
CA CYS A 144 -12.06 -6.94 7.36
C CYS A 144 -12.93 -7.89 8.19
N LYS A 145 -12.29 -8.91 8.72
CA LYS A 145 -12.94 -9.89 9.58
C LYS A 145 -13.23 -9.25 10.95
N ASN A 146 -12.20 -8.66 11.54
CA ASN A 146 -12.32 -8.02 12.84
C ASN A 146 -11.07 -7.18 13.12
N THR A 147 -11.17 -5.89 12.88
CA THR A 147 -10.04 -5.00 13.06
C THR A 147 -10.47 -3.53 12.96
N ASP A 148 -10.55 -2.87 14.11
CA ASP A 148 -10.89 -1.46 14.15
C ASP A 148 -9.63 -0.60 14.24
N SER A 149 -9.07 -0.50 15.43
CA SER A 149 -7.86 0.30 15.63
C SER A 149 -6.64 -0.45 15.08
N THR A 150 -6.84 -1.73 14.83
CA THR A 150 -5.81 -2.59 14.27
C THR A 150 -5.75 -2.40 12.75
N ASN A 151 -6.68 -1.62 12.22
CA ASN A 151 -6.87 -1.49 10.78
C ASN A 151 -5.87 -0.50 10.18
N LYS A 152 -4.68 -1.00 9.89
CA LYS A 152 -3.68 -0.25 9.15
C LYS A 152 -3.08 -1.13 8.07
N VAL A 153 -3.09 -0.63 6.85
CA VAL A 153 -2.68 -1.41 5.70
C VAL A 153 -1.76 -0.61 4.77
N THR A 154 -0.48 -0.88 4.89
CA THR A 154 0.50 -0.39 3.94
C THR A 154 0.49 -1.27 2.67
N TYR A 155 0.52 -0.66 1.49
CA TYR A 155 0.61 -1.46 0.27
C TYR A 155 1.53 -0.81 -0.76
N PHE A 156 1.97 -1.61 -1.72
CA PHE A 156 2.91 -1.17 -2.75
C PHE A 156 2.27 -1.30 -4.13
N MET A 157 2.54 -0.34 -4.99
CA MET A 157 1.94 -0.40 -6.31
C MET A 157 2.97 -0.11 -7.40
N LYS A 158 2.75 -0.73 -8.55
CA LYS A 158 3.69 -0.66 -9.67
C LYS A 158 3.96 0.77 -10.11
N MET A 1 -23.58 -6.17 -3.18
CA MET A 1 -23.24 -5.40 -1.96
C MET A 1 -21.82 -5.70 -1.51
N GLU A 2 -21.58 -6.90 -0.99
CA GLU A 2 -20.26 -7.24 -0.47
C GLU A 2 -19.45 -8.04 -1.49
N GLN A 3 -20.05 -8.29 -2.64
CA GLN A 3 -19.35 -8.97 -3.73
C GLN A 3 -18.44 -8.01 -4.47
N SER A 4 -17.47 -8.53 -5.18
CA SER A 4 -16.61 -7.70 -5.99
C SER A 4 -17.26 -7.44 -7.35
N ALA A 5 -18.15 -6.45 -7.38
CA ALA A 5 -18.86 -6.09 -8.60
C ALA A 5 -18.34 -4.77 -9.15
N SER A 6 -17.55 -4.09 -8.33
CA SER A 6 -16.82 -2.91 -8.77
C SER A 6 -15.42 -3.31 -9.21
N ASP A 7 -15.26 -4.61 -9.42
CA ASP A 7 -13.96 -5.23 -9.66
C ASP A 7 -13.33 -4.77 -10.96
N SER A 8 -14.15 -4.27 -11.86
CA SER A 8 -13.65 -3.70 -13.11
C SER A 8 -14.05 -2.24 -13.18
N ASN A 9 -15.28 -1.94 -12.76
CA ASN A 9 -15.83 -0.59 -12.86
C ASN A 9 -14.95 0.44 -12.16
N LYS A 10 -14.75 0.30 -10.86
CA LYS A 10 -13.99 1.30 -10.12
C LYS A 10 -12.51 0.97 -10.15
N SER A 11 -12.19 -0.29 -10.44
CA SER A 11 -10.81 -0.73 -10.48
C SER A 11 -10.12 -0.15 -11.69
N GLN A 12 -10.81 -0.16 -12.83
CA GLN A 12 -10.26 0.36 -14.07
C GLN A 12 -9.92 1.84 -13.93
N ASN A 13 -10.85 2.60 -13.38
CA ASN A 13 -10.65 4.03 -13.17
C ASN A 13 -9.51 4.26 -12.19
N ALA A 14 -9.47 3.46 -11.13
CA ALA A 14 -8.41 3.55 -10.15
C ALA A 14 -7.05 3.25 -10.78
N ILE A 15 -7.00 2.21 -11.60
CA ILE A 15 -5.77 1.83 -12.30
C ILE A 15 -5.24 3.00 -13.11
N SER A 16 -6.15 3.69 -13.80
CA SER A 16 -5.79 4.84 -14.61
C SER A 16 -5.07 5.90 -13.77
N GLU A 17 -5.67 6.23 -12.62
CA GLU A 17 -5.14 7.28 -11.77
C GLU A 17 -3.85 6.84 -11.06
N VAL A 18 -3.87 5.64 -10.48
CA VAL A 18 -2.74 5.16 -9.70
C VAL A 18 -1.51 4.91 -10.59
N MET A 19 -1.74 4.44 -11.81
CA MET A 19 -0.64 4.18 -12.75
C MET A 19 -0.02 5.49 -13.19
N SER A 20 -0.83 6.52 -13.31
CA SER A 20 -0.34 7.84 -13.67
C SER A 20 0.45 8.43 -12.52
N ALA A 21 -0.02 8.19 -11.30
CA ALA A 21 0.64 8.67 -10.09
C ALA A 21 2.04 8.08 -9.96
N THR A 22 2.16 6.77 -10.15
CA THR A 22 3.45 6.10 -10.06
C THR A 22 4.37 6.58 -11.19
N SER A 23 3.82 6.69 -12.39
CA SER A 23 4.57 7.16 -13.55
C SER A 23 5.13 8.56 -13.30
N ALA A 24 4.30 9.44 -12.73
CA ALA A 24 4.72 10.80 -12.41
C ALA A 24 5.82 10.80 -11.35
N ILE A 25 5.63 9.99 -10.32
CA ILE A 25 6.59 9.89 -9.23
C ILE A 25 7.92 9.30 -9.70
N ASN A 26 7.85 8.26 -10.54
CA ASN A 26 9.05 7.61 -11.06
C ASN A 26 9.86 8.60 -11.88
N GLY A 27 9.17 9.43 -12.66
CA GLY A 27 9.84 10.40 -13.50
C GLY A 27 10.54 11.49 -12.70
N LEU A 28 10.21 11.58 -11.42
CA LEU A 28 10.83 12.58 -10.55
C LEU A 28 12.10 12.03 -9.93
N TYR A 29 12.31 10.73 -10.04
CA TYR A 29 13.47 10.09 -9.44
C TYR A 29 14.21 9.23 -10.45
N ILE A 30 14.44 9.77 -11.63
CA ILE A 30 15.12 9.04 -12.71
C ILE A 30 16.59 8.80 -12.35
N GLY A 31 17.19 9.76 -11.65
CA GLY A 31 18.58 9.63 -11.27
C GLY A 31 18.76 8.79 -10.01
N GLN A 32 17.65 8.34 -9.44
CA GLN A 32 17.69 7.55 -8.23
C GLN A 32 17.42 6.08 -8.54
N THR A 33 18.39 5.24 -8.22
CA THR A 33 18.29 3.82 -8.50
C THR A 33 17.41 3.12 -7.47
N SER A 34 17.52 3.56 -6.22
CA SER A 34 16.81 2.95 -5.13
C SER A 34 16.02 3.99 -4.35
N TYR A 35 15.98 5.21 -4.88
CA TYR A 35 15.28 6.32 -4.22
C TYR A 35 15.86 6.57 -2.82
N SER A 36 17.16 6.28 -2.67
CA SER A 36 17.80 6.30 -1.36
C SER A 36 18.01 7.71 -0.79
N GLY A 37 17.48 8.70 -1.48
CA GLY A 37 17.46 10.03 -0.93
C GLY A 37 16.41 10.15 0.16
N LEU A 38 15.54 9.15 0.24
CA LEU A 38 14.43 9.17 1.18
C LEU A 38 14.63 8.20 2.35
N ASP A 39 15.13 6.99 2.07
CA ASP A 39 15.16 5.94 3.09
C ASP A 39 15.94 6.35 4.34
N SER A 40 17.19 6.74 4.16
CA SER A 40 18.04 7.11 5.27
C SER A 40 17.49 8.35 5.99
N THR A 41 16.87 9.23 5.22
CA THR A 41 16.31 10.47 5.75
C THR A 41 15.17 10.17 6.74
N ILE A 42 14.33 9.21 6.40
CA ILE A 42 13.20 8.83 7.26
C ILE A 42 13.66 7.83 8.32
N LEU A 43 14.63 7.00 7.96
CA LEU A 43 15.17 5.98 8.85
C LEU A 43 15.65 6.59 10.16
N LEU A 44 16.52 7.59 10.06
CA LEU A 44 17.08 8.24 11.24
C LEU A 44 16.08 9.20 11.88
N ASN A 45 14.99 9.46 11.18
CA ASN A 45 13.97 10.40 11.63
C ASN A 45 13.20 9.84 12.81
N THR A 46 12.75 8.61 12.70
CA THR A 46 11.90 8.03 13.73
C THR A 46 12.54 6.79 14.37
N SER A 47 13.20 6.99 15.51
CA SER A 47 13.66 5.89 16.36
C SER A 47 14.48 4.83 15.60
N ALA A 48 15.13 5.25 14.52
CA ALA A 48 15.98 4.37 13.68
C ALA A 48 15.14 3.36 12.90
N ILE A 49 13.84 3.34 13.16
CA ILE A 49 12.90 2.47 12.46
C ILE A 49 11.57 3.21 12.27
N PRO A 50 11.26 3.57 11.02
CA PRO A 50 10.05 4.35 10.70
C PRO A 50 8.77 3.69 11.21
N ASP A 51 8.16 4.30 12.21
CA ASP A 51 6.96 3.78 12.85
C ASP A 51 5.72 4.08 12.01
N ASN A 52 5.91 4.92 11.00
CA ASN A 52 4.81 5.40 10.16
C ASN A 52 4.19 4.25 9.36
N TYR A 53 4.87 3.12 9.34
CA TYR A 53 4.41 1.95 8.60
C TYR A 53 3.07 1.43 9.14
N LYS A 54 2.78 1.75 10.38
CA LYS A 54 1.57 1.26 11.02
C LYS A 54 0.92 2.36 11.87
N ASP A 55 -0.40 2.46 11.79
CA ASP A 55 -1.15 3.37 12.63
C ASP A 55 -1.67 2.62 13.85
N THR A 56 -2.03 3.33 14.91
CA THR A 56 -2.50 2.65 16.11
C THR A 56 -3.96 2.99 16.40
N THR A 57 -4.54 3.88 15.61
CA THR A 57 -5.92 4.26 15.83
C THR A 57 -6.85 3.49 14.89
N ASN A 58 -6.58 3.57 13.57
CA ASN A 58 -7.39 2.85 12.56
C ASN A 58 -7.13 3.38 11.14
N LYS A 59 -6.11 4.20 10.93
CA LYS A 59 -5.97 4.88 9.65
C LYS A 59 -4.51 5.07 9.21
N LYS A 60 -3.99 4.10 8.49
CA LYS A 60 -2.73 4.28 7.76
C LYS A 60 -2.72 3.43 6.51
N ILE A 61 -2.51 4.07 5.36
CA ILE A 61 -2.38 3.36 4.10
C ILE A 61 -1.25 3.97 3.28
N THR A 62 -0.38 3.13 2.75
CA THR A 62 0.70 3.62 1.92
C THR A 62 0.28 3.54 0.45
N ASN A 63 0.33 4.70 -0.21
CA ASN A 63 -0.07 4.89 -1.62
C ASN A 63 -0.50 6.33 -1.89
N PRO A 64 -1.45 6.88 -1.09
CA PRO A 64 -2.13 8.13 -1.42
C PRO A 64 -1.40 9.36 -0.88
N PHE A 65 -1.84 10.51 -1.35
CA PHE A 65 -1.26 11.79 -0.96
C PHE A 65 -2.35 12.80 -0.66
N GLY A 66 -3.50 12.30 -0.23
CA GLY A 66 -4.66 13.16 -0.05
C GLY A 66 -4.70 13.81 1.31
N GLY A 67 -3.87 13.32 2.20
CA GLY A 67 -3.83 13.83 3.56
C GLY A 67 -2.42 13.90 4.09
N GLU A 68 -2.19 13.22 5.20
CA GLU A 68 -0.85 13.18 5.79
C GLU A 68 -0.05 12.07 5.16
N LEU A 69 0.78 12.41 4.18
CA LEU A 69 1.59 11.42 3.49
C LEU A 69 3.06 11.52 3.86
N ASN A 70 3.71 10.36 3.95
CA ASN A 70 5.14 10.28 4.21
C ASN A 70 5.84 9.69 3.00
N VAL A 71 6.94 10.29 2.58
CA VAL A 71 7.66 9.79 1.41
C VAL A 71 8.79 8.84 1.82
N GLY A 72 8.83 7.67 1.19
CA GLY A 72 9.88 6.72 1.46
C GLY A 72 10.06 5.72 0.33
N PRO A 73 11.25 5.15 0.17
CA PRO A 73 11.54 4.15 -0.85
C PRO A 73 11.66 2.73 -0.30
N ALA A 74 11.82 1.77 -1.20
CA ALA A 74 12.09 0.40 -0.80
C ALA A 74 13.58 0.12 -0.87
N ASN A 75 13.96 -1.15 -0.84
CA ASN A 75 15.37 -1.54 -0.91
C ASN A 75 15.97 -1.12 -2.25
N ASN A 76 15.28 -1.45 -3.34
CA ASN A 76 15.71 -1.04 -4.66
C ASN A 76 14.55 -1.21 -5.65
N ASN A 77 14.46 -0.27 -6.60
CA ASN A 77 13.31 -0.17 -7.52
C ASN A 77 13.03 -1.47 -8.27
N THR A 78 14.07 -2.26 -8.51
CA THR A 78 13.94 -3.54 -9.21
C THR A 78 12.94 -4.46 -8.52
N ALA A 79 12.84 -4.36 -7.21
CA ALA A 79 11.88 -5.15 -6.46
C ALA A 79 10.64 -4.32 -6.17
N PHE A 80 10.81 -3.29 -5.35
CA PHE A 80 9.76 -2.33 -5.07
C PHE A 80 10.36 -0.93 -5.13
N GLY A 81 9.58 0.05 -5.52
CA GLY A 81 10.14 1.37 -5.73
C GLY A 81 10.00 2.27 -4.52
N TYR A 82 8.78 2.70 -4.26
CA TYR A 82 8.54 3.74 -3.27
C TYR A 82 7.19 3.54 -2.60
N TYR A 83 7.05 4.11 -1.42
CA TYR A 83 5.80 4.08 -0.69
C TYR A 83 5.45 5.46 -0.19
N LEU A 84 4.17 5.74 -0.11
CA LEU A 84 3.69 7.01 0.42
C LEU A 84 2.77 6.71 1.60
N THR A 85 3.34 6.69 2.80
CA THR A 85 2.59 6.23 3.96
C THR A 85 1.74 7.35 4.52
N LEU A 86 0.46 7.25 4.27
CA LEU A 86 -0.47 8.29 4.60
C LEU A 86 -1.45 7.83 5.67
N THR A 87 -1.79 8.71 6.60
CA THR A 87 -2.79 8.37 7.59
C THR A 87 -4.17 8.68 7.03
N ARG A 88 -5.01 7.64 6.99
CA ARG A 88 -6.41 7.74 6.56
C ARG A 88 -6.88 6.37 6.14
N LEU A 89 -8.08 5.98 6.57
CA LEU A 89 -8.67 4.71 6.15
C LEU A 89 -10.18 4.72 6.40
N ASP A 90 -10.90 4.06 5.52
CA ASP A 90 -12.35 4.02 5.57
C ASP A 90 -12.77 2.58 5.32
N LYS A 91 -13.87 2.16 5.92
CA LYS A 91 -14.34 0.80 5.71
C LYS A 91 -14.78 0.65 4.25
N ALA A 92 -15.36 1.72 3.71
CA ALA A 92 -15.73 1.75 2.30
C ALA A 92 -14.49 1.67 1.42
N ALA A 93 -13.42 2.32 1.86
CA ALA A 93 -12.14 2.29 1.14
C ALA A 93 -11.54 0.90 1.20
N CYS A 94 -11.69 0.27 2.35
CA CYS A 94 -11.22 -1.10 2.57
C CYS A 94 -11.84 -2.05 1.53
N VAL A 95 -13.16 -1.98 1.38
CA VAL A 95 -13.85 -2.84 0.43
C VAL A 95 -13.50 -2.46 -1.01
N SER A 96 -13.26 -1.18 -1.21
CA SER A 96 -12.86 -0.67 -2.51
C SER A 96 -11.55 -1.28 -2.98
N LEU A 97 -10.65 -1.51 -2.05
CA LEU A 97 -9.33 -2.04 -2.37
C LEU A 97 -9.34 -3.56 -2.47
N ALA A 98 -10.36 -4.17 -1.89
CA ALA A 98 -10.54 -5.61 -1.99
C ALA A 98 -11.27 -5.98 -3.28
N THR A 99 -12.06 -5.03 -3.77
CA THR A 99 -12.75 -5.20 -5.04
C THR A 99 -11.91 -4.62 -6.18
N LEU A 100 -10.80 -4.00 -5.81
CA LEU A 100 -9.86 -3.45 -6.77
C LEU A 100 -8.84 -4.52 -7.11
N ASN A 101 -8.56 -4.72 -8.38
CA ASN A 101 -7.61 -5.73 -8.77
C ASN A 101 -6.19 -5.26 -8.50
N LEU A 102 -5.77 -5.39 -7.25
CA LEU A 102 -4.43 -5.00 -6.85
C LEU A 102 -3.46 -6.16 -7.03
N GLY A 103 -3.16 -6.42 -8.29
CA GLY A 103 -2.19 -7.43 -8.64
C GLY A 103 -1.45 -7.05 -9.90
N THR A 104 -2.20 -6.63 -10.90
CA THR A 104 -1.64 -6.18 -12.16
C THR A 104 -0.89 -4.86 -12.00
N SER A 105 -1.54 -3.89 -11.40
CA SER A 105 -0.93 -2.57 -11.23
C SER A 105 -0.43 -2.37 -9.80
N ALA A 106 -0.15 -3.47 -9.12
CA ALA A 106 0.35 -3.40 -7.75
C ALA A 106 1.62 -4.23 -7.59
N LYS A 107 2.57 -3.73 -6.82
CA LYS A 107 3.77 -4.50 -6.49
C LYS A 107 3.43 -5.53 -5.43
N GLY A 108 2.47 -5.16 -4.58
CA GLY A 108 2.02 -6.06 -3.52
C GLY A 108 1.21 -5.33 -2.49
N TYR A 109 0.10 -5.91 -2.10
CA TYR A 109 -0.78 -5.31 -1.13
C TYR A 109 -0.75 -6.10 0.18
N GLY A 110 -0.40 -5.44 1.27
CA GLY A 110 -0.28 -6.14 2.54
C GLY A 110 -1.01 -5.44 3.65
N VAL A 111 -1.19 -6.13 4.77
CA VAL A 111 -1.81 -5.55 5.94
C VAL A 111 -0.92 -5.70 7.15
N ASN A 112 -0.78 -4.61 7.90
CA ASN A 112 0.01 -4.61 9.13
C ASN A 112 1.48 -4.92 8.88
N ILE A 113 1.96 -4.66 7.67
CA ILE A 113 3.37 -4.84 7.35
C ILE A 113 4.18 -3.67 7.90
N SER A 114 5.00 -3.94 8.90
CA SER A 114 5.89 -2.93 9.44
C SER A 114 7.28 -3.16 8.89
N GLY A 115 7.60 -2.44 7.82
CA GLY A 115 8.85 -2.64 7.13
C GLY A 115 8.68 -2.50 5.63
N GLU A 116 8.19 -1.34 5.20
CA GLU A 116 7.86 -1.11 3.81
C GLU A 116 9.10 -1.18 2.92
N ASN A 117 10.27 -0.90 3.50
CA ASN A 117 11.53 -1.01 2.77
C ASN A 117 11.69 -2.39 2.13
N ASN A 118 11.13 -3.41 2.77
CA ASN A 118 11.10 -4.75 2.21
C ASN A 118 9.90 -5.53 2.74
N ILE A 119 8.76 -5.30 2.11
CA ILE A 119 7.51 -5.97 2.49
C ILE A 119 7.66 -7.49 2.38
N THR A 120 6.89 -8.19 3.21
CA THR A 120 6.98 -9.64 3.29
C THR A 120 6.40 -10.33 2.05
N SER A 121 6.56 -11.65 1.98
CA SER A 121 6.03 -12.44 0.88
C SER A 121 4.51 -12.32 0.77
N PHE A 122 3.99 -12.58 -0.42
CA PHE A 122 2.58 -12.36 -0.73
C PHE A 122 1.83 -13.67 -0.86
N GLY A 123 0.55 -13.63 -0.50
CA GLY A 123 -0.32 -14.78 -0.65
C GLY A 123 -1.67 -14.36 -1.19
N ASN A 124 -2.74 -14.85 -0.57
CA ASN A 124 -4.11 -14.50 -0.99
C ASN A 124 -5.02 -14.35 0.22
N SER A 125 -4.47 -13.80 1.28
CA SER A 125 -5.25 -13.58 2.50
C SER A 125 -4.57 -12.55 3.37
N ALA A 126 -5.24 -11.44 3.61
CA ALA A 126 -4.69 -10.41 4.45
C ALA A 126 -5.03 -10.63 5.91
N ASP A 127 -4.03 -11.06 6.66
CA ASP A 127 -4.14 -11.18 8.11
C ASP A 127 -2.73 -11.18 8.69
N GLN A 128 -2.25 -10.00 9.04
CA GLN A 128 -0.83 -9.80 9.41
C GLN A 128 0.09 -10.19 8.26
N ALA A 129 -0.48 -10.28 7.07
CA ALA A 129 0.24 -10.79 5.91
C ALA A 129 -0.08 -9.97 4.66
N ALA A 130 0.71 -10.18 3.62
CA ALA A 130 0.49 -9.52 2.35
C ALA A 130 -0.09 -10.50 1.33
N LYS A 131 -0.72 -9.98 0.30
CA LYS A 131 -1.24 -10.82 -0.77
C LYS A 131 -0.78 -10.29 -2.12
N SER A 132 -0.71 -11.17 -3.10
CA SER A 132 -0.18 -10.81 -4.42
C SER A 132 -1.28 -10.26 -5.32
N THR A 133 -2.53 -10.56 -4.98
CA THR A 133 -3.66 -10.12 -5.78
C THR A 133 -4.88 -9.83 -4.94
N ALA A 134 -5.62 -8.79 -5.31
CA ALA A 134 -6.87 -8.46 -4.65
C ALA A 134 -7.99 -8.46 -5.69
N ILE A 135 -9.08 -9.13 -5.35
CA ILE A 135 -10.26 -9.21 -6.23
C ILE A 135 -11.34 -10.07 -5.57
N THR A 136 -11.09 -10.43 -4.32
CA THR A 136 -11.89 -11.43 -3.64
C THR A 136 -12.68 -10.84 -2.46
N PRO A 137 -13.99 -11.13 -2.39
CA PRO A 137 -14.82 -10.72 -1.26
C PRO A 137 -14.33 -11.29 0.07
N ALA A 138 -13.93 -12.56 0.07
CA ALA A 138 -13.39 -13.21 1.26
C ALA A 138 -12.10 -12.53 1.70
N GLU A 139 -11.35 -12.02 0.73
CA GLU A 139 -10.13 -11.26 0.99
C GLU A 139 -10.46 -10.05 1.86
N ALA A 140 -11.56 -9.37 1.49
CA ALA A 140 -12.04 -8.25 2.28
C ALA A 140 -12.53 -8.73 3.65
N ALA A 141 -13.29 -9.81 3.64
CA ALA A 141 -13.88 -10.35 4.86
C ALA A 141 -12.82 -10.73 5.90
N THR A 142 -11.60 -10.98 5.44
CA THR A 142 -10.52 -11.38 6.33
C THR A 142 -9.87 -10.17 7.00
N ALA A 143 -9.53 -9.16 6.21
CA ALA A 143 -8.76 -8.03 6.72
C ALA A 143 -9.63 -6.85 7.14
N CYS A 144 -10.88 -6.84 6.69
CA CYS A 144 -11.78 -5.73 6.98
C CYS A 144 -12.53 -5.95 8.28
N LYS A 145 -12.18 -7.01 8.98
CA LYS A 145 -12.78 -7.31 10.27
C LYS A 145 -11.71 -7.58 11.32
N ASN A 146 -12.07 -7.35 12.58
CA ASN A 146 -11.15 -7.53 13.71
C ASN A 146 -10.02 -6.51 13.64
N THR A 147 -10.16 -5.52 12.76
CA THR A 147 -9.12 -4.54 12.54
C THR A 147 -9.60 -3.14 12.89
N ASP A 148 -9.55 -2.81 14.17
CA ASP A 148 -9.86 -1.46 14.61
C ASP A 148 -8.57 -0.68 14.74
N SER A 149 -7.85 -0.90 15.82
CA SER A 149 -6.53 -0.33 15.98
C SER A 149 -5.53 -1.08 15.12
N THR A 150 -5.95 -2.24 14.64
CA THR A 150 -5.11 -3.09 13.80
C THR A 150 -5.31 -2.76 12.31
N ASN A 151 -6.03 -1.68 12.02
CA ASN A 151 -6.28 -1.32 10.63
C ASN A 151 -5.21 -0.36 10.12
N LYS A 152 -4.23 -0.92 9.42
CA LYS A 152 -3.24 -0.15 8.71
C LYS A 152 -2.68 -0.98 7.57
N VAL A 153 -2.97 -0.56 6.35
CA VAL A 153 -2.57 -1.32 5.20
C VAL A 153 -1.62 -0.54 4.30
N THR A 154 -0.33 -0.81 4.43
CA THR A 154 0.66 -0.31 3.51
C THR A 154 0.73 -1.22 2.26
N TYR A 155 0.49 -0.65 1.07
CA TYR A 155 0.57 -1.46 -0.14
C TYR A 155 1.38 -0.80 -1.25
N PHE A 156 2.15 -1.61 -1.93
CA PHE A 156 2.96 -1.16 -3.05
C PHE A 156 2.24 -1.43 -4.38
N MET A 157 2.43 -0.54 -5.33
CA MET A 157 1.80 -0.68 -6.63
C MET A 157 2.83 -0.45 -7.73
N LYS A 158 2.55 -0.99 -8.92
CA LYS A 158 3.44 -0.92 -10.07
C LYS A 158 3.82 0.52 -10.40
N MET A 1 -10.68 -14.85 -10.38
CA MET A 1 -11.78 -15.76 -9.96
C MET A 1 -13.02 -14.96 -9.60
N GLU A 2 -12.84 -13.89 -8.85
CA GLU A 2 -13.95 -13.16 -8.26
C GLU A 2 -14.38 -11.97 -9.12
N GLN A 3 -15.69 -11.78 -9.23
CA GLN A 3 -16.25 -10.59 -9.85
C GLN A 3 -16.78 -9.68 -8.76
N SER A 4 -15.94 -8.77 -8.30
CA SER A 4 -16.25 -7.94 -7.14
C SER A 4 -17.12 -6.73 -7.49
N ALA A 5 -17.73 -6.76 -8.69
CA ALA A 5 -18.64 -5.69 -9.17
C ALA A 5 -17.89 -4.39 -9.47
N SER A 6 -17.34 -3.76 -8.43
CA SER A 6 -16.61 -2.51 -8.58
C SER A 6 -15.20 -2.76 -9.13
N ASP A 7 -14.95 -4.01 -9.54
CA ASP A 7 -13.63 -4.43 -10.01
C ASP A 7 -13.27 -3.74 -11.32
N SER A 8 -14.28 -3.34 -12.08
CA SER A 8 -14.04 -2.60 -13.31
C SER A 8 -14.24 -1.11 -13.08
N ASN A 9 -14.90 -0.76 -11.98
CA ASN A 9 -15.25 0.64 -11.73
C ASN A 9 -14.14 1.38 -10.99
N LYS A 10 -13.83 0.94 -9.78
CA LYS A 10 -12.91 1.69 -8.93
C LYS A 10 -11.47 1.27 -9.16
N SER A 11 -11.27 -0.01 -9.43
CA SER A 11 -9.94 -0.57 -9.62
C SER A 11 -9.21 0.14 -10.76
N GLN A 12 -9.90 0.35 -11.87
CA GLN A 12 -9.30 0.96 -13.05
C GLN A 12 -8.99 2.44 -12.80
N ASN A 13 -9.80 3.09 -11.99
CA ASN A 13 -9.57 4.49 -11.64
C ASN A 13 -8.33 4.62 -10.79
N ALA A 14 -8.23 3.80 -9.75
CA ALA A 14 -7.05 3.78 -8.88
C ALA A 14 -5.78 3.52 -9.69
N ILE A 15 -5.87 2.60 -10.65
CA ILE A 15 -4.76 2.30 -11.54
C ILE A 15 -4.31 3.56 -12.28
N SER A 16 -5.28 4.28 -12.83
CA SER A 16 -5.00 5.48 -13.60
C SER A 16 -4.31 6.54 -12.74
N GLU A 17 -4.70 6.59 -11.47
CA GLU A 17 -4.11 7.54 -10.51
C GLU A 17 -2.64 7.22 -10.28
N VAL A 18 -2.36 6.02 -9.77
CA VAL A 18 -1.03 5.66 -9.34
C VAL A 18 -0.05 5.53 -10.50
N MET A 19 -0.55 5.07 -11.65
CA MET A 19 0.31 4.89 -12.82
C MET A 19 0.94 6.22 -13.23
N SER A 20 0.20 7.29 -13.06
CA SER A 20 0.69 8.62 -13.39
C SER A 20 1.81 9.01 -12.44
N ALA A 21 1.67 8.65 -11.18
CA ALA A 21 2.63 9.02 -10.16
C ALA A 21 3.89 8.15 -10.23
N THR A 22 3.70 6.85 -10.43
CA THR A 22 4.81 5.91 -10.44
C THR A 22 5.79 6.21 -11.58
N SER A 23 5.28 6.76 -12.67
CA SER A 23 6.11 7.10 -13.82
C SER A 23 6.68 8.50 -13.67
N ALA A 24 5.86 9.44 -13.18
CA ALA A 24 6.27 10.84 -13.07
C ALA A 24 7.41 11.01 -12.07
N ILE A 25 7.37 10.28 -10.96
CA ILE A 25 8.39 10.40 -9.93
C ILE A 25 9.77 10.02 -10.46
N ASN A 26 9.80 9.10 -11.42
CA ASN A 26 11.04 8.70 -12.07
C ASN A 26 11.67 9.89 -12.77
N GLY A 27 10.86 10.60 -13.54
CA GLY A 27 11.33 11.75 -14.29
C GLY A 27 11.71 12.91 -13.39
N LEU A 28 11.20 12.91 -12.17
CA LEU A 28 11.53 13.94 -11.21
C LEU A 28 12.92 13.72 -10.62
N TYR A 29 13.18 12.47 -10.24
CA TYR A 29 14.45 12.13 -9.61
C TYR A 29 15.55 11.96 -10.64
N ILE A 30 15.42 10.97 -11.51
CA ILE A 30 16.40 10.69 -12.58
C ILE A 30 17.76 10.28 -12.02
N GLY A 31 18.17 9.06 -12.34
CA GLY A 31 19.48 8.60 -11.92
C GLY A 31 19.41 7.65 -10.75
N GLN A 32 18.36 7.79 -9.94
CA GLN A 32 18.19 6.95 -8.77
C GLN A 32 17.89 5.52 -9.18
N THR A 33 18.74 4.60 -8.73
CA THR A 33 18.56 3.19 -9.01
C THR A 33 17.25 2.68 -8.43
N SER A 34 16.96 3.09 -7.21
CA SER A 34 15.79 2.61 -6.50
C SER A 34 15.26 3.66 -5.53
N TYR A 35 15.52 4.94 -5.81
CA TYR A 35 15.09 6.05 -4.94
C TYR A 35 15.67 5.89 -3.54
N SER A 36 16.71 5.09 -3.41
CA SER A 36 17.25 4.72 -2.11
C SER A 36 18.07 5.85 -1.48
N GLY A 37 18.04 7.01 -2.10
CA GLY A 37 18.65 8.17 -1.50
C GLY A 37 17.84 8.67 -0.32
N LEU A 38 16.58 8.26 -0.28
CA LEU A 38 15.68 8.64 0.81
C LEU A 38 15.55 7.51 1.82
N ASP A 39 16.26 6.40 1.57
CA ASP A 39 16.11 5.18 2.37
C ASP A 39 16.35 5.46 3.84
N SER A 40 17.61 5.70 4.16
CA SER A 40 18.00 5.98 5.54
C SER A 40 17.40 7.31 6.00
N THR A 41 17.20 8.22 5.05
CA THR A 41 16.64 9.53 5.34
C THR A 41 15.29 9.40 6.04
N ILE A 42 14.36 8.70 5.40
CA ILE A 42 13.03 8.50 5.96
C ILE A 42 13.09 7.51 7.12
N LEU A 43 14.02 6.57 7.02
CA LEU A 43 14.19 5.54 8.03
C LEU A 43 14.50 6.17 9.40
N LEU A 44 15.62 6.89 9.48
CA LEU A 44 16.04 7.47 10.75
C LEU A 44 15.21 8.70 11.10
N ASN A 45 14.42 9.16 10.14
CA ASN A 45 13.55 10.33 10.33
C ASN A 45 12.64 10.14 11.54
N THR A 46 12.09 8.94 11.66
CA THR A 46 11.19 8.64 12.76
C THR A 46 11.72 7.48 13.58
N SER A 47 12.42 7.80 14.66
CA SER A 47 12.86 6.79 15.64
C SER A 47 13.69 5.68 15.01
N ALA A 48 14.32 5.96 13.86
CA ALA A 48 15.12 4.96 13.11
C ALA A 48 14.22 3.91 12.45
N ILE A 49 13.06 3.65 13.04
CA ILE A 49 12.05 2.79 12.45
C ILE A 49 10.78 3.60 12.29
N PRO A 50 10.50 4.08 11.07
CA PRO A 50 9.37 4.99 10.81
C PRO A 50 8.04 4.45 11.35
N ASP A 51 7.64 5.00 12.49
CA ASP A 51 6.41 4.57 13.18
C ASP A 51 5.18 4.87 12.33
N ASN A 52 5.39 5.64 11.27
CA ASN A 52 4.34 6.08 10.36
C ASN A 52 3.72 4.88 9.65
N TYR A 53 4.42 3.76 9.66
CA TYR A 53 3.98 2.53 9.02
C TYR A 53 2.61 2.10 9.53
N LYS A 54 2.34 2.38 10.78
CA LYS A 54 1.07 2.03 11.38
C LYS A 54 0.34 3.28 11.86
N ASP A 55 -0.98 3.22 11.91
CA ASP A 55 -1.76 4.29 12.52
C ASP A 55 -2.50 3.76 13.74
N THR A 56 -2.57 4.57 14.79
CA THR A 56 -3.17 4.14 16.05
C THR A 56 -4.65 4.48 16.11
N THR A 57 -5.07 5.44 15.29
CA THR A 57 -6.48 5.72 15.11
C THR A 57 -7.08 4.67 14.18
N ASN A 58 -6.16 3.90 13.60
CA ASN A 58 -6.48 2.78 12.72
C ASN A 58 -6.96 3.28 11.36
N LYS A 59 -6.31 4.32 10.87
CA LYS A 59 -6.53 4.77 9.52
C LYS A 59 -5.19 5.15 8.86
N LYS A 60 -4.54 4.15 8.28
CA LYS A 60 -3.33 4.36 7.51
C LYS A 60 -3.28 3.38 6.35
N ILE A 61 -3.05 3.89 5.16
CA ILE A 61 -2.81 3.06 3.99
C ILE A 61 -1.60 3.59 3.23
N THR A 62 -0.65 2.72 2.92
CA THR A 62 0.52 3.12 2.17
C THR A 62 0.25 3.06 0.68
N ASN A 63 0.29 4.22 0.02
CA ASN A 63 0.05 4.36 -1.41
C ASN A 63 -0.34 5.80 -1.78
N PRO A 64 -1.40 6.35 -1.15
CA PRO A 64 -2.03 7.57 -1.60
C PRO A 64 -1.41 8.83 -1.01
N PHE A 65 -1.77 9.98 -1.56
CA PHE A 65 -1.26 11.26 -1.12
C PHE A 65 -2.39 12.28 -1.05
N GLY A 66 -3.56 11.81 -0.62
CA GLY A 66 -4.73 12.65 -0.64
C GLY A 66 -4.94 13.39 0.67
N GLY A 67 -4.19 12.98 1.69
CA GLY A 67 -4.35 13.56 3.01
C GLY A 67 -3.02 13.78 3.68
N GLU A 68 -2.76 13.04 4.75
CA GLU A 68 -1.49 13.12 5.45
C GLU A 68 -0.51 12.14 4.82
N LEU A 69 0.38 12.66 3.99
CA LEU A 69 1.33 11.83 3.27
C LEU A 69 2.75 11.97 3.82
N ASN A 70 3.43 10.84 3.94
CA ASN A 70 4.84 10.80 4.30
C ASN A 70 5.60 9.98 3.26
N VAL A 71 6.62 10.59 2.65
CA VAL A 71 7.30 9.97 1.52
C VAL A 71 8.32 8.94 1.97
N GLY A 72 8.60 7.97 1.10
CA GLY A 72 9.65 6.99 1.36
C GLY A 72 9.93 6.12 0.15
N PRO A 73 11.15 5.55 0.06
CA PRO A 73 11.51 4.59 -0.99
C PRO A 73 11.39 3.14 -0.54
N ALA A 74 11.35 2.22 -1.49
CA ALA A 74 11.17 0.81 -1.15
C ALA A 74 12.12 -0.11 -1.92
N ASN A 75 13.19 -0.51 -1.23
CA ASN A 75 14.18 -1.47 -1.71
C ASN A 75 14.76 -1.13 -3.08
N ASN A 76 14.04 -1.50 -4.12
CA ASN A 76 14.55 -1.41 -5.48
C ASN A 76 13.41 -1.14 -6.46
N ASN A 77 13.75 -0.55 -7.61
CA ASN A 77 12.75 -0.08 -8.58
C ASN A 77 12.05 -1.24 -9.30
N THR A 78 12.68 -2.41 -9.36
CA THR A 78 12.05 -3.55 -9.99
C THR A 78 11.21 -4.33 -8.98
N ALA A 79 11.67 -4.34 -7.73
CA ALA A 79 10.96 -5.04 -6.67
C ALA A 79 9.75 -4.23 -6.23
N PHE A 80 9.97 -2.94 -5.98
CA PHE A 80 8.91 -2.03 -5.57
C PHE A 80 9.14 -0.70 -6.25
N GLY A 81 9.08 0.38 -5.49
CA GLY A 81 9.44 1.68 -6.02
C GLY A 81 9.53 2.70 -4.92
N TYR A 82 8.37 3.17 -4.48
CA TYR A 82 8.29 4.14 -3.42
C TYR A 82 7.03 3.88 -2.61
N TYR A 83 6.99 4.37 -1.39
CA TYR A 83 5.82 4.19 -0.56
C TYR A 83 5.43 5.50 0.10
N LEU A 84 4.16 5.82 0.04
CA LEU A 84 3.62 6.99 0.72
C LEU A 84 2.80 6.56 1.93
N THR A 85 3.20 7.02 3.10
CA THR A 85 2.46 6.75 4.31
C THR A 85 1.36 7.78 4.45
N LEU A 86 0.15 7.35 4.17
CA LEU A 86 -1.00 8.22 4.26
C LEU A 86 -1.93 7.73 5.35
N THR A 87 -2.37 8.62 6.20
CA THR A 87 -3.38 8.25 7.16
C THR A 87 -4.76 8.54 6.58
N ARG A 88 -5.57 7.50 6.56
CA ARG A 88 -6.95 7.55 6.08
C ARG A 88 -7.42 6.13 5.79
N LEU A 89 -8.57 5.75 6.33
CA LEU A 89 -9.10 4.40 6.12
C LEU A 89 -10.60 4.37 6.39
N ASP A 90 -11.31 3.64 5.56
CA ASP A 90 -12.75 3.47 5.69
C ASP A 90 -13.07 1.99 5.60
N LYS A 91 -14.21 1.58 6.13
CA LYS A 91 -14.64 0.20 5.97
C LYS A 91 -15.04 -0.01 4.52
N ALA A 92 -15.59 1.05 3.93
CA ALA A 92 -15.88 1.06 2.51
C ALA A 92 -14.59 0.96 1.70
N ALA A 93 -13.53 1.53 2.25
CA ALA A 93 -12.22 1.47 1.60
C ALA A 93 -11.68 0.04 1.62
N CYS A 94 -11.96 -0.68 2.71
CA CYS A 94 -11.64 -2.10 2.79
C CYS A 94 -12.31 -2.85 1.64
N VAL A 95 -13.61 -2.61 1.46
CA VAL A 95 -14.36 -3.24 0.38
C VAL A 95 -13.84 -2.78 -0.97
N SER A 96 -13.44 -1.53 -1.04
CA SER A 96 -12.85 -0.96 -2.23
C SER A 96 -11.61 -1.75 -2.67
N LEU A 97 -10.79 -2.15 -1.70
CA LEU A 97 -9.57 -2.89 -1.99
C LEU A 97 -9.91 -4.30 -2.45
N ALA A 98 -10.98 -4.87 -1.89
CA ALA A 98 -11.45 -6.18 -2.29
C ALA A 98 -12.05 -6.13 -3.70
N THR A 99 -12.39 -4.93 -4.14
CA THR A 99 -12.89 -4.72 -5.48
C THR A 99 -11.80 -4.14 -6.37
N LEU A 100 -10.61 -4.00 -5.81
CA LEU A 100 -9.47 -3.46 -6.56
C LEU A 100 -8.50 -4.58 -6.88
N ASN A 101 -8.22 -4.76 -8.16
CA ASN A 101 -7.29 -5.81 -8.58
C ASN A 101 -5.85 -5.34 -8.36
N LEU A 102 -5.39 -5.49 -7.13
CA LEU A 102 -4.02 -5.15 -6.78
C LEU A 102 -3.08 -6.27 -7.19
N GLY A 103 -2.91 -6.41 -8.50
CA GLY A 103 -2.00 -7.39 -9.03
C GLY A 103 -1.20 -6.84 -10.19
N THR A 104 -1.86 -6.68 -11.33
CA THR A 104 -1.20 -6.19 -12.55
C THR A 104 -0.59 -4.81 -12.33
N SER A 105 -1.39 -3.88 -11.85
CA SER A 105 -0.92 -2.51 -11.64
C SER A 105 -0.60 -2.27 -10.16
N ALA A 106 -0.22 -3.33 -9.46
CA ALA A 106 0.20 -3.19 -8.08
C ALA A 106 1.51 -3.91 -7.85
N LYS A 107 2.15 -3.61 -6.74
CA LYS A 107 3.39 -4.28 -6.40
C LYS A 107 3.13 -5.35 -5.35
N GLY A 108 2.19 -5.05 -4.47
CA GLY A 108 1.80 -5.97 -3.42
C GLY A 108 0.95 -5.28 -2.38
N TYR A 109 0.25 -6.04 -1.58
CA TYR A 109 -0.61 -5.47 -0.56
C TYR A 109 -0.55 -6.31 0.72
N GLY A 110 -0.29 -5.67 1.85
CA GLY A 110 -0.19 -6.38 3.11
C GLY A 110 -1.05 -5.77 4.19
N VAL A 111 -1.29 -6.51 5.26
CA VAL A 111 -2.05 -6.00 6.40
C VAL A 111 -1.27 -6.20 7.69
N ASN A 112 -1.16 -5.11 8.48
CA ASN A 112 -0.42 -5.12 9.74
C ASN A 112 1.09 -5.22 9.51
N ILE A 113 1.52 -4.98 8.28
CA ILE A 113 2.94 -4.94 7.96
C ILE A 113 3.53 -3.60 8.35
N SER A 114 4.56 -3.64 9.18
CA SER A 114 5.28 -2.43 9.54
C SER A 114 6.69 -2.51 8.97
N GLY A 115 6.95 -1.74 7.93
CA GLY A 115 8.23 -1.81 7.27
C GLY A 115 8.10 -1.93 5.77
N GLU A 116 7.47 -0.94 5.16
CA GLU A 116 7.30 -0.90 3.71
C GLU A 116 8.65 -1.04 2.99
N ASN A 117 9.72 -0.61 3.65
CA ASN A 117 11.06 -0.71 3.08
C ASN A 117 11.44 -2.17 2.79
N ASN A 118 10.77 -3.09 3.49
CA ASN A 118 10.96 -4.53 3.27
C ASN A 118 9.69 -5.28 3.70
N ILE A 119 8.68 -5.28 2.84
CA ILE A 119 7.40 -5.90 3.16
C ILE A 119 7.45 -7.42 2.99
N THR A 120 6.57 -8.09 3.73
CA THR A 120 6.49 -9.55 3.75
C THR A 120 6.09 -10.12 2.37
N SER A 121 6.35 -11.42 2.17
CA SER A 121 5.97 -12.12 0.94
C SER A 121 4.46 -12.04 0.71
N PHE A 122 4.05 -12.14 -0.55
CA PHE A 122 2.65 -11.93 -0.92
C PHE A 122 1.96 -13.26 -1.24
N GLY A 123 0.87 -13.53 -0.54
CA GLY A 123 0.09 -14.72 -0.81
C GLY A 123 -1.24 -14.40 -1.45
N ASN A 124 -2.34 -14.82 -0.83
CA ASN A 124 -3.66 -14.59 -1.39
C ASN A 124 -4.69 -14.33 -0.29
N SER A 125 -4.20 -14.04 0.91
CA SER A 125 -5.06 -13.78 2.05
C SER A 125 -4.47 -12.67 2.90
N ALA A 126 -5.20 -12.24 3.93
CA ALA A 126 -4.75 -11.14 4.77
C ALA A 126 -5.01 -11.39 6.24
N ASP A 127 -3.94 -11.66 6.97
CA ASP A 127 -3.99 -11.76 8.43
C ASP A 127 -2.55 -11.88 8.94
N GLN A 128 -1.96 -10.72 9.26
CA GLN A 128 -0.53 -10.63 9.59
C GLN A 128 0.31 -11.12 8.42
N ALA A 129 -0.23 -10.97 7.23
CA ALA A 129 0.39 -11.45 6.01
C ALA A 129 0.01 -10.56 4.84
N ALA A 130 0.59 -10.83 3.68
CA ALA A 130 0.34 -10.04 2.50
C ALA A 130 -0.32 -10.89 1.42
N LYS A 131 -0.92 -10.24 0.43
CA LYS A 131 -1.57 -10.95 -0.67
C LYS A 131 -1.17 -10.30 -2.01
N SER A 132 -1.03 -11.13 -3.03
CA SER A 132 -0.56 -10.66 -4.33
C SER A 132 -1.75 -10.25 -5.20
N THR A 133 -2.95 -10.49 -4.70
CA THR A 133 -4.17 -10.02 -5.35
C THR A 133 -5.25 -9.79 -4.30
N ALA A 134 -5.97 -8.69 -4.45
CA ALA A 134 -7.01 -8.33 -3.49
C ALA A 134 -8.38 -8.36 -4.17
N ILE A 135 -8.44 -9.06 -5.29
CA ILE A 135 -9.65 -9.10 -6.09
C ILE A 135 -10.61 -10.21 -5.61
N THR A 136 -11.20 -9.98 -4.46
CA THR A 136 -12.21 -10.85 -3.89
C THR A 136 -12.65 -10.34 -2.52
N PRO A 137 -13.98 -10.25 -2.29
CA PRO A 137 -14.52 -9.86 -0.98
C PRO A 137 -14.12 -10.85 0.11
N ALA A 138 -13.78 -12.06 -0.28
CA ALA A 138 -13.35 -13.08 0.67
C ALA A 138 -11.97 -12.75 1.23
N GLU A 139 -11.18 -12.02 0.45
CA GLU A 139 -9.86 -11.60 0.87
C GLU A 139 -9.98 -10.61 2.03
N ALA A 140 -10.60 -9.47 1.75
CA ALA A 140 -10.74 -8.41 2.74
C ALA A 140 -11.52 -8.89 3.96
N ALA A 141 -12.43 -9.83 3.73
CA ALA A 141 -13.26 -10.37 4.81
C ALA A 141 -12.44 -11.13 5.83
N THR A 142 -11.23 -11.55 5.44
CA THR A 142 -10.36 -12.23 6.38
C THR A 142 -9.68 -11.25 7.33
N ALA A 143 -9.27 -10.10 6.79
CA ALA A 143 -8.55 -9.11 7.57
C ALA A 143 -9.51 -8.18 8.31
N CYS A 144 -10.39 -7.52 7.57
CA CYS A 144 -11.29 -6.51 8.13
C CYS A 144 -12.29 -7.12 9.13
N LYS A 145 -12.32 -8.44 9.19
CA LYS A 145 -13.11 -9.13 10.21
C LYS A 145 -12.58 -8.81 11.60
N ASN A 146 -11.27 -8.96 11.80
CA ASN A 146 -10.69 -8.72 13.10
C ASN A 146 -9.32 -8.08 12.99
N THR A 147 -9.31 -6.81 12.64
CA THR A 147 -8.12 -5.99 12.71
C THR A 147 -8.28 -5.00 13.86
N ASP A 148 -9.33 -4.19 13.75
CA ASP A 148 -9.78 -3.30 14.83
C ASP A 148 -8.67 -2.41 15.37
N SER A 149 -8.00 -2.87 16.41
CA SER A 149 -6.96 -2.08 17.07
C SER A 149 -5.64 -2.15 16.30
N THR A 150 -5.62 -2.91 15.23
CA THR A 150 -4.44 -3.04 14.41
C THR A 150 -4.76 -2.75 12.95
N ASN A 151 -5.78 -1.94 12.71
CA ASN A 151 -6.27 -1.74 11.34
C ASN A 151 -5.43 -0.71 10.59
N LYS A 152 -4.30 -1.16 10.04
CA LYS A 152 -3.51 -0.34 9.14
C LYS A 152 -2.90 -1.21 8.06
N VAL A 153 -3.07 -0.81 6.82
CA VAL A 153 -2.61 -1.59 5.71
C VAL A 153 -1.66 -0.80 4.81
N THR A 154 -0.38 -1.03 4.99
CA THR A 154 0.62 -0.54 4.08
C THR A 154 0.69 -1.42 2.82
N TYR A 155 0.66 -0.81 1.63
CA TYR A 155 0.81 -1.60 0.41
C TYR A 155 1.57 -0.85 -0.68
N PHE A 156 1.85 -1.58 -1.76
CA PHE A 156 2.58 -1.05 -2.90
C PHE A 156 1.78 -1.18 -4.19
N MET A 157 2.00 -0.28 -5.12
CA MET A 157 1.21 -0.26 -6.34
C MET A 157 2.05 0.36 -7.46
N LYS A 158 2.02 -0.29 -8.62
CA LYS A 158 2.87 0.09 -9.74
C LYS A 158 2.01 0.52 -10.93
N MET A 1 -24.73 -10.24 -7.81
CA MET A 1 -23.34 -9.87 -7.45
C MET A 1 -22.61 -11.08 -6.88
N GLU A 2 -21.31 -11.13 -7.11
CA GLU A 2 -20.50 -12.23 -6.63
C GLU A 2 -19.03 -11.80 -6.47
N GLN A 3 -18.50 -12.03 -5.26
CA GLN A 3 -17.10 -11.77 -4.94
C GLN A 3 -16.79 -10.27 -4.87
N SER A 4 -16.48 -9.67 -5.99
CA SER A 4 -16.16 -8.25 -6.03
C SER A 4 -17.02 -7.55 -7.08
N ALA A 5 -17.32 -6.28 -6.88
CA ALA A 5 -18.17 -5.54 -7.79
C ALA A 5 -17.40 -4.44 -8.52
N SER A 6 -16.70 -3.61 -7.75
CA SER A 6 -15.98 -2.48 -8.33
C SER A 6 -14.62 -2.90 -8.90
N ASP A 7 -14.39 -4.20 -8.97
CA ASP A 7 -13.12 -4.73 -9.42
C ASP A 7 -12.86 -4.38 -10.87
N SER A 8 -13.92 -4.18 -11.63
CA SER A 8 -13.80 -3.80 -13.04
C SER A 8 -14.10 -2.32 -13.23
N ASN A 9 -14.78 -1.73 -12.25
CA ASN A 9 -15.20 -0.33 -12.33
C ASN A 9 -14.12 0.60 -11.80
N LYS A 10 -13.76 0.42 -10.54
CA LYS A 10 -12.84 1.34 -9.88
C LYS A 10 -11.41 1.13 -10.36
N SER A 11 -11.12 -0.07 -10.85
CA SER A 11 -9.79 -0.42 -11.32
C SER A 11 -9.31 0.56 -12.39
N GLN A 12 -10.09 0.70 -13.46
CA GLN A 12 -9.76 1.57 -14.57
C GLN A 12 -9.48 2.99 -14.09
N ASN A 13 -10.26 3.43 -13.11
CA ASN A 13 -10.12 4.77 -12.55
C ASN A 13 -8.86 4.89 -11.71
N ALA A 14 -8.73 4.02 -10.71
CA ALA A 14 -7.63 4.08 -9.75
C ALA A 14 -6.28 3.86 -10.43
N ILE A 15 -6.23 2.93 -11.36
CA ILE A 15 -4.99 2.62 -12.07
C ILE A 15 -4.51 3.83 -12.86
N SER A 16 -5.44 4.54 -13.50
CA SER A 16 -5.10 5.73 -14.27
C SER A 16 -4.47 6.79 -13.36
N GLU A 17 -5.00 6.92 -12.15
CA GLU A 17 -4.49 7.88 -11.18
C GLU A 17 -3.02 7.60 -10.89
N VAL A 18 -2.73 6.37 -10.48
CA VAL A 18 -1.39 5.98 -10.06
C VAL A 18 -0.45 5.89 -11.26
N MET A 19 -0.97 5.48 -12.41
CA MET A 19 -0.16 5.34 -13.62
C MET A 19 0.50 6.66 -13.99
N SER A 20 -0.23 7.76 -13.85
CA SER A 20 0.31 9.07 -14.14
C SER A 20 1.27 9.50 -13.02
N ALA A 21 0.91 9.15 -11.78
CA ALA A 21 1.72 9.52 -10.62
C ALA A 21 3.07 8.83 -10.64
N THR A 22 3.08 7.53 -10.92
CA THR A 22 4.31 6.75 -10.96
C THR A 22 5.23 7.25 -12.07
N SER A 23 4.63 7.76 -13.15
CA SER A 23 5.39 8.34 -14.25
C SER A 23 6.00 9.67 -13.80
N ALA A 24 5.20 10.45 -13.08
CA ALA A 24 5.64 11.75 -12.59
C ALA A 24 6.79 11.62 -11.61
N ILE A 25 6.62 10.78 -10.58
CA ILE A 25 7.63 10.61 -9.55
C ILE A 25 8.92 10.03 -10.12
N ASN A 26 8.79 9.15 -11.11
CA ASN A 26 9.96 8.55 -11.74
C ASN A 26 10.72 9.62 -12.51
N GLY A 27 9.97 10.56 -13.07
CA GLY A 27 10.56 11.65 -13.80
C GLY A 27 11.16 12.72 -12.90
N LEU A 28 10.92 12.60 -11.60
CA LEU A 28 11.50 13.51 -10.63
C LEU A 28 12.95 13.12 -10.33
N TYR A 29 13.23 11.83 -10.45
CA TYR A 29 14.54 11.30 -10.10
C TYR A 29 15.28 10.85 -11.34
N ILE A 30 14.66 9.92 -12.08
CA ILE A 30 15.19 9.42 -13.35
C ILE A 30 16.55 8.72 -13.18
N GLY A 31 16.53 7.42 -12.97
CA GLY A 31 17.76 6.67 -12.90
C GLY A 31 18.09 6.21 -11.50
N GLN A 32 17.20 6.49 -10.57
CA GLN A 32 17.35 6.02 -9.21
C GLN A 32 17.10 4.52 -9.16
N THR A 33 18.00 3.81 -8.49
CA THR A 33 17.89 2.36 -8.34
C THR A 33 16.54 1.97 -7.75
N SER A 34 16.08 2.77 -6.78
CA SER A 34 14.76 2.63 -6.21
C SER A 34 14.46 3.84 -5.33
N TYR A 35 14.94 5.01 -5.75
CA TYR A 35 14.75 6.25 -5.00
C TYR A 35 15.51 6.19 -3.68
N SER A 36 16.56 5.37 -3.68
CA SER A 36 17.40 5.18 -2.51
C SER A 36 17.97 6.51 -2.04
N GLY A 37 17.80 6.78 -0.76
CA GLY A 37 18.17 8.07 -0.21
C GLY A 37 17.04 8.61 0.62
N LEU A 38 15.84 8.57 0.07
CA LEU A 38 14.65 9.01 0.79
C LEU A 38 14.44 8.17 2.04
N ASP A 39 14.66 6.87 1.90
CA ASP A 39 14.43 5.92 2.98
C ASP A 39 15.36 6.19 4.14
N SER A 40 16.63 6.44 3.84
CA SER A 40 17.62 6.68 4.88
C SER A 40 17.18 7.84 5.77
N THR A 41 16.61 8.86 5.16
CA THR A 41 16.10 10.01 5.90
C THR A 41 14.98 9.60 6.84
N ILE A 42 13.97 8.93 6.30
CA ILE A 42 12.79 8.54 7.09
C ILE A 42 13.14 7.50 8.14
N LEU A 43 14.03 6.59 7.78
CA LEU A 43 14.46 5.50 8.65
C LEU A 43 15.04 6.03 9.96
N LEU A 44 16.09 6.82 9.85
CA LEU A 44 16.76 7.35 11.04
C LEU A 44 15.96 8.49 11.66
N ASN A 45 14.99 9.00 10.92
CA ASN A 45 14.17 10.12 11.38
C ASN A 45 13.38 9.74 12.62
N THR A 46 12.70 8.60 12.55
CA THR A 46 11.84 8.20 13.64
C THR A 46 12.19 6.82 14.18
N SER A 47 12.98 6.80 15.26
CA SER A 47 13.16 5.62 16.09
C SER A 47 13.84 4.47 15.36
N ALA A 48 14.40 4.74 14.17
CA ALA A 48 15.05 3.72 13.33
C ALA A 48 14.04 2.77 12.71
N ILE A 49 12.91 2.60 13.37
CA ILE A 49 11.78 1.87 12.83
C ILE A 49 10.61 2.83 12.66
N PRO A 50 10.37 3.30 11.42
CA PRO A 50 9.30 4.27 11.14
C PRO A 50 7.95 3.76 11.62
N ASP A 51 7.46 4.36 12.70
CA ASP A 51 6.22 3.93 13.34
C ASP A 51 5.02 4.29 12.47
N ASN A 52 5.26 5.16 11.48
CA ASN A 52 4.21 5.65 10.60
C ASN A 52 3.65 4.51 9.75
N TYR A 53 4.41 3.41 9.68
CA TYR A 53 4.02 2.22 8.93
C TYR A 53 2.71 1.63 9.44
N LYS A 54 2.24 2.12 10.58
CA LYS A 54 1.01 1.63 11.16
C LYS A 54 0.24 2.78 11.80
N ASP A 55 -1.08 2.70 11.75
CA ASP A 55 -1.93 3.62 12.47
C ASP A 55 -2.69 2.85 13.53
N THR A 56 -2.73 3.37 14.74
CA THR A 56 -3.38 2.69 15.84
C THR A 56 -4.77 3.25 16.08
N THR A 57 -5.18 4.14 15.19
CA THR A 57 -6.49 4.74 15.28
C THR A 57 -7.52 3.90 14.53
N ASN A 58 -7.25 3.68 13.23
CA ASN A 58 -8.06 2.82 12.34
C ASN A 58 -7.87 3.17 10.86
N LYS A 59 -6.86 3.99 10.54
CA LYS A 59 -6.73 4.46 9.17
C LYS A 59 -5.27 4.77 8.77
N LYS A 60 -4.60 3.78 8.20
CA LYS A 60 -3.34 4.01 7.51
C LYS A 60 -3.27 3.13 6.27
N ILE A 61 -3.07 3.77 5.12
CA ILE A 61 -2.87 3.03 3.87
C ILE A 61 -1.73 3.67 3.07
N THR A 62 -0.78 2.87 2.69
CA THR A 62 0.33 3.34 1.88
C THR A 62 -0.01 3.26 0.40
N ASN A 63 -0.03 4.43 -0.26
CA ASN A 63 -0.30 4.55 -1.70
C ASN A 63 -0.89 5.93 -2.06
N PRO A 64 -1.92 6.42 -1.33
CA PRO A 64 -2.72 7.56 -1.77
C PRO A 64 -1.99 8.90 -1.73
N PHE A 65 -2.41 9.80 -2.60
CA PHE A 65 -1.82 11.13 -2.70
C PHE A 65 -2.89 12.19 -2.48
N GLY A 66 -3.38 12.31 -1.26
CA GLY A 66 -4.44 13.27 -0.97
C GLY A 66 -4.78 13.34 0.50
N GLY A 67 -3.75 13.38 1.32
CA GLY A 67 -3.93 13.42 2.75
C GLY A 67 -2.60 13.61 3.40
N GLU A 68 -2.42 13.05 4.58
CA GLU A 68 -1.12 13.08 5.20
C GLU A 68 -0.32 11.87 4.72
N LEU A 69 0.56 12.10 3.77
CA LEU A 69 1.35 11.03 3.17
C LEU A 69 2.83 11.17 3.51
N ASN A 70 3.47 10.03 3.71
CA ASN A 70 4.90 9.99 3.96
C ASN A 70 5.62 9.49 2.72
N VAL A 71 6.56 10.27 2.22
CA VAL A 71 7.30 9.89 1.02
C VAL A 71 8.45 8.94 1.39
N GLY A 72 8.50 7.81 0.71
CA GLY A 72 9.57 6.86 0.92
C GLY A 72 9.77 5.96 -0.28
N PRO A 73 10.96 5.40 -0.43
CA PRO A 73 11.28 4.47 -1.50
C PRO A 73 11.36 3.02 -1.01
N ALA A 74 11.73 2.13 -1.90
CA ALA A 74 11.94 0.73 -1.54
C ALA A 74 13.40 0.36 -1.71
N ASN A 75 13.69 -0.94 -1.65
CA ASN A 75 15.05 -1.41 -1.82
C ASN A 75 15.49 -1.37 -3.27
N ASN A 76 14.69 -1.97 -4.16
CA ASN A 76 15.05 -2.02 -5.57
C ASN A 76 13.81 -1.96 -6.46
N ASN A 77 13.97 -1.30 -7.60
CA ASN A 77 12.86 -1.10 -8.55
C ASN A 77 12.36 -2.42 -9.14
N THR A 78 13.24 -3.43 -9.20
CA THR A 78 12.85 -4.72 -9.75
C THR A 78 11.75 -5.36 -8.89
N ALA A 79 11.83 -5.14 -7.59
CA ALA A 79 10.86 -5.68 -6.66
C ALA A 79 9.74 -4.67 -6.40
N PHE A 80 10.13 -3.49 -5.93
CA PHE A 80 9.17 -2.47 -5.57
C PHE A 80 9.55 -1.14 -6.22
N GLY A 81 9.42 -0.05 -5.49
CA GLY A 81 9.82 1.24 -6.02
C GLY A 81 9.71 2.33 -4.99
N TYR A 82 8.49 2.65 -4.61
CA TYR A 82 8.23 3.73 -3.67
C TYR A 82 6.99 3.41 -2.84
N TYR A 83 6.88 4.06 -1.69
CA TYR A 83 5.72 3.90 -0.83
C TYR A 83 5.33 5.24 -0.22
N LEU A 84 4.03 5.47 -0.08
CA LEU A 84 3.53 6.68 0.56
C LEU A 84 2.61 6.31 1.71
N THR A 85 3.10 6.40 2.94
CA THR A 85 2.33 5.99 4.09
C THR A 85 1.39 7.11 4.48
N LEU A 86 0.14 6.97 4.05
CA LEU A 86 -0.84 8.02 4.22
C LEU A 86 -1.97 7.59 5.14
N THR A 87 -2.34 8.45 6.06
CA THR A 87 -3.50 8.19 6.89
C THR A 87 -4.74 8.81 6.25
N ARG A 88 -5.74 7.97 6.04
CA ARG A 88 -7.03 8.35 5.45
C ARG A 88 -7.73 7.09 4.95
N LEU A 89 -8.29 6.32 5.87
CA LEU A 89 -8.92 5.07 5.52
C LEU A 89 -10.27 4.95 6.23
N ASP A 90 -11.09 4.02 5.76
CA ASP A 90 -12.41 3.80 6.31
C ASP A 90 -12.80 2.34 6.08
N LYS A 91 -13.74 1.81 6.86
CA LYS A 91 -14.16 0.42 6.71
C LYS A 91 -14.62 0.14 5.28
N ALA A 92 -15.36 1.08 4.70
CA ALA A 92 -15.84 0.92 3.33
C ALA A 92 -14.69 1.01 2.35
N ALA A 93 -13.75 1.91 2.62
CA ALA A 93 -12.58 2.08 1.78
C ALA A 93 -11.69 0.85 1.85
N CYS A 94 -11.67 0.21 3.02
CA CYS A 94 -10.94 -1.03 3.21
C CYS A 94 -11.47 -2.10 2.26
N VAL A 95 -12.79 -2.24 2.22
CA VAL A 95 -13.44 -3.19 1.33
C VAL A 95 -13.23 -2.79 -0.13
N SER A 96 -13.11 -1.49 -0.35
CA SER A 96 -12.94 -0.95 -1.69
C SER A 96 -11.57 -1.33 -2.27
N LEU A 97 -10.52 -1.21 -1.46
CA LEU A 97 -9.18 -1.57 -1.89
C LEU A 97 -9.12 -3.04 -2.28
N ALA A 98 -9.92 -3.84 -1.58
CA ALA A 98 -10.03 -5.26 -1.87
C ALA A 98 -10.89 -5.50 -3.12
N THR A 99 -11.94 -4.70 -3.30
CA THR A 99 -12.76 -4.77 -4.51
C THR A 99 -12.10 -3.98 -5.62
N LEU A 100 -10.82 -3.74 -5.45
CA LEU A 100 -10.01 -3.05 -6.43
C LEU A 100 -8.90 -3.99 -6.86
N ASN A 101 -9.10 -4.65 -7.98
CA ASN A 101 -8.17 -5.67 -8.43
C ASN A 101 -6.86 -5.04 -8.89
N LEU A 102 -5.86 -5.09 -8.01
CA LEU A 102 -4.54 -4.55 -8.31
C LEU A 102 -3.66 -5.62 -8.98
N GLY A 103 -4.31 -6.62 -9.57
CA GLY A 103 -3.58 -7.75 -10.12
C GLY A 103 -2.76 -7.40 -11.35
N THR A 104 -2.81 -6.15 -11.76
CA THR A 104 -2.05 -5.69 -12.91
C THR A 104 -1.18 -4.48 -12.56
N SER A 105 -1.29 -3.99 -11.33
CA SER A 105 -0.64 -2.74 -10.96
C SER A 105 -0.15 -2.76 -9.52
N ALA A 106 -0.16 -3.91 -8.88
CA ALA A 106 0.34 -4.02 -7.52
C ALA A 106 1.78 -4.45 -7.52
N LYS A 107 2.57 -3.85 -6.65
CA LYS A 107 3.93 -4.31 -6.47
C LYS A 107 4.01 -5.08 -5.16
N GLY A 108 2.93 -5.00 -4.39
CA GLY A 108 2.82 -5.78 -3.18
C GLY A 108 1.86 -5.15 -2.20
N TYR A 109 0.77 -5.81 -1.92
CA TYR A 109 -0.21 -5.28 -1.01
C TYR A 109 -0.12 -6.03 0.31
N GLY A 110 0.10 -5.32 1.40
CA GLY A 110 0.29 -5.96 2.68
C GLY A 110 -0.71 -5.49 3.71
N VAL A 111 -1.24 -6.44 4.47
CA VAL A 111 -2.23 -6.13 5.47
C VAL A 111 -1.62 -6.21 6.87
N ASN A 112 -1.66 -5.08 7.59
CA ASN A 112 -1.19 -5.01 8.97
C ASN A 112 0.34 -5.03 9.06
N ILE A 113 0.99 -4.86 7.91
CA ILE A 113 2.45 -4.87 7.85
C ILE A 113 3.05 -3.69 8.62
N SER A 114 4.15 -3.94 9.30
CA SER A 114 4.92 -2.89 9.94
C SER A 114 6.41 -3.06 9.58
N GLY A 115 6.83 -2.35 8.54
CA GLY A 115 8.16 -2.53 8.00
C GLY A 115 8.12 -2.56 6.49
N GLU A 116 7.70 -1.44 5.90
CA GLU A 116 7.46 -1.36 4.47
C GLU A 116 8.71 -1.61 3.64
N ASN A 117 9.83 -1.04 4.06
CA ASN A 117 11.09 -1.16 3.32
C ASN A 117 11.38 -2.63 2.97
N ASN A 118 11.11 -3.52 3.91
CA ASN A 118 11.24 -4.95 3.67
C ASN A 118 9.95 -5.65 4.03
N ILE A 119 8.91 -5.42 3.23
CA ILE A 119 7.60 -6.04 3.43
C ILE A 119 7.69 -7.56 3.27
N THR A 120 6.70 -8.27 3.83
CA THR A 120 6.68 -9.73 3.81
C THR A 120 6.29 -10.29 2.45
N SER A 121 6.37 -11.61 2.31
CA SER A 121 6.05 -12.29 1.06
C SER A 121 4.53 -12.27 0.81
N PHE A 122 4.15 -12.25 -0.46
CA PHE A 122 2.75 -12.07 -0.84
C PHE A 122 2.10 -13.39 -1.20
N GLY A 123 0.99 -13.66 -0.55
CA GLY A 123 0.18 -14.80 -0.90
C GLY A 123 -1.20 -14.37 -1.35
N ASN A 124 -2.22 -14.96 -0.77
CA ASN A 124 -3.60 -14.65 -1.12
C ASN A 124 -4.39 -14.24 0.11
N SER A 125 -3.82 -14.52 1.28
CA SER A 125 -4.53 -14.32 2.54
C SER A 125 -4.21 -12.94 3.11
N ALA A 126 -4.90 -12.57 4.19
CA ALA A 126 -4.73 -11.28 4.80
C ALA A 126 -4.94 -11.38 6.31
N ASP A 127 -3.92 -11.00 7.05
CA ASP A 127 -3.99 -10.99 8.50
C ASP A 127 -2.94 -10.03 9.04
N GLN A 128 -1.68 -10.48 9.00
CA GLN A 128 -0.54 -9.63 9.26
C GLN A 128 0.56 -9.97 8.27
N ALA A 129 0.15 -10.35 7.07
CA ALA A 129 1.07 -10.78 6.03
C ALA A 129 0.74 -10.06 4.73
N ALA A 130 1.63 -10.15 3.77
CA ALA A 130 1.44 -9.51 2.49
C ALA A 130 0.77 -10.45 1.50
N LYS A 131 0.09 -9.89 0.52
CA LYS A 131 -0.65 -10.68 -0.45
C LYS A 131 -0.55 -10.08 -1.83
N SER A 132 -0.93 -10.86 -2.82
CA SER A 132 -1.00 -10.39 -4.19
C SER A 132 -2.34 -9.67 -4.42
N THR A 133 -3.12 -9.57 -3.32
CA THR A 133 -4.39 -8.82 -3.26
C THR A 133 -5.28 -9.02 -4.49
N ALA A 134 -5.95 -7.95 -4.86
CA ALA A 134 -6.75 -7.87 -6.06
C ALA A 134 -8.10 -8.55 -5.91
N ILE A 135 -8.53 -8.74 -4.66
CA ILE A 135 -9.83 -9.36 -4.43
C ILE A 135 -10.30 -9.24 -2.97
N THR A 136 -11.55 -8.83 -2.82
CA THR A 136 -12.17 -8.67 -1.50
C THR A 136 -12.35 -9.98 -0.74
N PRO A 137 -13.12 -10.95 -1.26
CA PRO A 137 -13.50 -12.16 -0.51
C PRO A 137 -12.33 -12.82 0.26
N ALA A 138 -11.15 -12.83 -0.33
CA ALA A 138 -9.99 -13.45 0.31
C ALA A 138 -9.33 -12.48 1.31
N GLU A 139 -9.36 -11.20 0.97
CA GLU A 139 -8.71 -10.17 1.77
C GLU A 139 -9.59 -9.70 2.92
N ALA A 140 -10.75 -9.16 2.57
CA ALA A 140 -11.67 -8.55 3.53
C ALA A 140 -12.14 -9.55 4.57
N ALA A 141 -12.51 -10.74 4.13
CA ALA A 141 -13.09 -11.73 5.03
C ALA A 141 -12.09 -12.22 6.06
N THR A 142 -10.81 -12.26 5.70
CA THR A 142 -9.81 -12.80 6.59
C THR A 142 -9.27 -11.73 7.56
N ALA A 143 -9.05 -10.52 7.07
CA ALA A 143 -8.45 -9.48 7.89
C ALA A 143 -9.41 -8.32 8.19
N CYS A 144 -10.02 -7.77 7.14
CA CYS A 144 -10.79 -6.54 7.27
C CYS A 144 -12.16 -6.80 7.91
N LYS A 145 -12.13 -7.19 9.18
CA LYS A 145 -13.35 -7.40 9.94
C LYS A 145 -13.24 -6.72 11.30
N ASN A 146 -12.40 -7.26 12.18
CA ASN A 146 -12.26 -6.72 13.52
C ASN A 146 -10.93 -6.00 13.70
N THR A 147 -10.20 -5.80 12.62
CA THR A 147 -9.00 -4.99 12.67
C THR A 147 -9.41 -3.51 12.72
N ASP A 148 -9.35 -2.95 13.91
CA ASP A 148 -9.82 -1.59 14.15
C ASP A 148 -8.68 -0.70 14.61
N SER A 149 -8.08 -1.05 15.73
CA SER A 149 -6.95 -0.30 16.26
C SER A 149 -5.68 -0.73 15.54
N THR A 150 -5.79 -1.83 14.82
CA THR A 150 -4.66 -2.37 14.07
C THR A 150 -4.90 -2.23 12.57
N ASN A 151 -5.91 -1.44 12.21
CA ASN A 151 -6.30 -1.32 10.80
C ASN A 151 -5.33 -0.44 10.04
N LYS A 152 -4.28 -1.06 9.53
CA LYS A 152 -3.29 -0.36 8.73
C LYS A 152 -2.74 -1.26 7.63
N VAL A 153 -3.05 -0.92 6.40
CA VAL A 153 -2.55 -1.67 5.27
C VAL A 153 -1.64 -0.81 4.41
N THR A 154 -0.34 -0.95 4.62
CA THR A 154 0.65 -0.33 3.77
C THR A 154 0.92 -1.20 2.55
N TYR A 155 0.75 -0.67 1.33
CA TYR A 155 1.01 -1.48 0.15
C TYR A 155 1.78 -0.72 -0.94
N PHE A 156 2.59 -1.46 -1.68
CA PHE A 156 3.33 -0.93 -2.81
C PHE A 156 2.51 -1.10 -4.09
N MET A 157 2.53 -0.09 -4.94
CA MET A 157 1.74 -0.13 -6.16
C MET A 157 2.57 0.38 -7.33
N LYS A 158 2.45 -0.32 -8.44
CA LYS A 158 3.21 -0.01 -9.66
C LYS A 158 3.00 1.43 -10.12
#